data_9E0C
#
_entry.id   9E0C
#
_cell.length_a   100.369
_cell.length_b   101.642
_cell.length_c   125.924
_cell.angle_alpha   90.00
_cell.angle_beta   106.42
_cell.angle_gamma   90.00
#
_symmetry.space_group_name_H-M   'P 1 21 1'
#
loop_
_entity.id
_entity.type
_entity.pdbx_description
1 polymer 'Bifunctional protein PutA'
2 non-polymer 'FLAVIN-ADENINE DINUCLEOTIDE'
3 non-polymer DI(HYDROXYETHYL)ETHER
4 non-polymer 'FORMIC ACID'
5 non-polymer (1-benzofuran-5-yl)methanol
6 non-polymer NICOTINAMIDE-ADENINE-DINUCLEOTIDE
7 non-polymer 'SULFATE ION'
8 non-polymer 'MAGNESIUM ION'
9 non-polymer 'TRIETHYLENE GLYCOL'
10 non-polymer 'PENTAETHYLENE GLYCOL'
11 water water
#
_entity_poly.entity_id   1
_entity_poly.type   'polypeptide(L)'
_entity_poly.pdbx_seq_one_letter_code
;SMMSPNPLQKPAIDAAPAPFADFAPPVRPQSTLRRAITAAYRRPETECLPPLVEAATQSKEIRDAAASTARKLIEALRGK
HSGSGVEGLVQEYSLSSQEGVALMCLAEALLRIPDTATRDALIRDKIADGNWKSHLGGSRSLFVNAATWGLVVTGKLTST
VNDRSLAAALTRLISRCGEPVIRRGVDMAMRMMGEQFVTGETIREALKRSKELEEKGFSYSYDMLGEAATTAADAERYYR
DYESAIHAIGKASAGRGIYEGPGISIKLSALHPRYSRAQAARVMGELLPRVKALALLAKNYDIGLNIDAEEADRLELSLD
LLEVLCLDGDLSGWNGMGFVVQAYGKRCPFVLDFIIDLARRSGRRIMVRLVKGAYWDAEIKRAQLDGLADFPVFTRKIHT
DVSYIACAAKLLAATDVVFPQFATHNAQTLAAIYHMAGKDFHVGKYEFQCLHGMGEPLYEEVVGRGKLDRPCRIYAPVGT
HETLLAYLVRRLLENGANSSFVHRINDPKVSIDELIADPVEVVRAMPVVGAKHDRIALPAELFGDARTNSAGLDLSNEET
LASLTEALRESAAMKWTALPQLATGPAAGETRTVLNPGDHRDVVGSVTETSEEDARRAVRLAADAAPDWAAVPPSERAAC
LDRAAELMQARMPTLLGLIIREAGKSALNAIAEVREAIDFLRYYAEQTRRTLGPGHGPLGPIVCISPWNFPLAIFTGQIA
AALVAGNPVLAKPAEETPLIAAEGVRILREAGIPASALQLLPGDGRVGAALVAAAETAGVMFTGSTEVARLIQAQLADRL
SPAGRPIPLIAETGGQNAMIVDSSALAEQVVGDVITSAFDSAGQRCSALRVLCLQEDVADRILTMLKGALHELHIGRTDR
LSVDVGPVITSEAKDNIEKHIERMRGLGRKVEQIGLASETGVGTFVPPTIIELEKLSDLQREVFGPVLHVIRYRRDDLDR
LVDDVNATGYGLTFGLHTRLDETIAHVTSRIKAGNLYINRNIIGAVVGVQPFGGRGLSGTGPKAGGPLYLGRLVTTAPVP
PQHSSVHTDPVLLDFAKWLDGKGARAEAEAARNAGSSSALGLDLELPGPVGERNLYTLHARGRILLVPATESGLYHQLAA
ALATGNSVAIDAASGLQASLKNLPQTVGLRVSWSKDWAADGPFAGALVEGDAERIRAVNKAIAALPGPLLLVQAASSGEI
ARNPDAYCLNWLVEEVSASINTAAAGGNASLMAIG
;
_entity_poly.pdbx_strand_id   A,B
#
# COMPACT_ATOMS: atom_id res chain seq x y z
N ALA A 16 -14.87 39.37 -43.53
CA ALA A 16 -14.42 38.49 -42.46
C ALA A 16 -14.94 38.96 -41.11
N PRO A 17 -15.53 38.05 -40.34
CA PRO A 17 -16.03 38.43 -39.01
C PRO A 17 -14.88 38.84 -38.11
N ALA A 18 -15.13 39.86 -37.28
CA ALA A 18 -14.08 40.37 -36.43
C ALA A 18 -13.68 39.31 -35.41
N PRO A 19 -12.41 39.22 -35.06
CA PRO A 19 -11.98 38.17 -34.13
C PRO A 19 -12.64 38.32 -32.77
N PHE A 20 -13.20 37.23 -32.28
CA PHE A 20 -13.83 37.14 -30.97
C PHE A 20 -15.08 37.98 -30.83
N ALA A 21 -15.62 38.50 -31.95
CA ALA A 21 -16.84 39.30 -31.86
C ALA A 21 -18.04 38.48 -31.43
N ASP A 22 -17.99 37.16 -31.59
CA ASP A 22 -19.09 36.28 -31.19
C ASP A 22 -18.56 35.17 -30.30
N PHE A 23 -17.60 35.49 -29.44
CA PHE A 23 -16.88 34.43 -28.73
C PHE A 23 -17.81 33.62 -27.84
N ALA A 24 -18.52 34.27 -26.94
CA ALA A 24 -19.36 33.53 -26.00
C ALA A 24 -20.48 34.41 -25.46
N PRO A 25 -21.31 34.97 -26.32
CA PRO A 25 -22.38 35.84 -25.84
C PRO A 25 -23.34 35.06 -24.97
N PRO A 26 -23.77 35.61 -23.84
CA PRO A 26 -24.71 34.88 -22.98
C PRO A 26 -26.05 34.72 -23.67
N VAL A 27 -26.79 33.70 -23.20
CA VAL A 27 -28.15 33.46 -23.71
C VAL A 27 -28.99 34.71 -23.58
N ARG A 28 -28.86 35.41 -22.46
CA ARG A 28 -29.62 36.62 -22.22
C ARG A 28 -28.76 37.55 -21.37
N PRO A 29 -29.05 38.86 -21.37
CA PRO A 29 -28.34 39.75 -20.45
C PRO A 29 -28.57 39.29 -19.02
N GLN A 30 -27.51 39.35 -18.22
CA GLN A 30 -27.57 38.79 -16.88
C GLN A 30 -28.21 39.79 -15.93
N SER A 31 -29.35 39.42 -15.36
CA SER A 31 -30.05 40.26 -14.41
C SER A 31 -29.24 40.37 -13.13
N THR A 32 -29.65 41.31 -12.26
CA THR A 32 -29.04 41.42 -10.95
C THR A 32 -29.07 40.08 -10.21
N LEU A 33 -30.21 39.40 -10.25
CA LEU A 33 -30.32 38.13 -9.55
C LEU A 33 -29.43 37.07 -10.18
N ARG A 34 -29.33 37.06 -11.51
CA ARG A 34 -28.45 36.09 -12.16
C ARG A 34 -27.00 36.40 -11.84
N ARG A 35 -26.64 37.68 -11.80
CA ARG A 35 -25.26 38.05 -11.51
C ARG A 35 -24.88 37.68 -10.08
N ALA A 36 -25.83 37.75 -9.15
CA ALA A 36 -25.54 37.35 -7.78
C ALA A 36 -25.26 35.85 -7.70
N ILE A 37 -25.92 35.06 -8.54
CA ILE A 37 -25.58 33.64 -8.63
C ILE A 37 -24.16 33.46 -9.10
N THR A 38 -23.81 34.06 -10.25
CA THR A 38 -22.49 33.85 -10.79
C THR A 38 -21.41 34.32 -9.82
N ALA A 39 -21.68 35.39 -9.09
CA ALA A 39 -20.70 35.92 -8.15
C ALA A 39 -20.37 34.96 -7.02
N ALA A 40 -21.27 34.03 -6.70
CA ALA A 40 -21.05 33.08 -5.61
C ALA A 40 -20.45 31.77 -6.08
N TYR A 41 -20.20 31.62 -7.38
CA TYR A 41 -19.86 30.33 -7.96
C TYR A 41 -18.76 29.61 -7.17
N ARG A 42 -17.66 30.31 -6.91
CA ARG A 42 -16.54 29.73 -6.19
C ARG A 42 -16.16 30.57 -4.98
N ARG A 43 -17.17 31.18 -4.36
CA ARG A 43 -16.94 32.04 -3.21
C ARG A 43 -16.24 31.26 -2.10
N PRO A 44 -15.25 31.84 -1.44
CA PRO A 44 -14.57 31.13 -0.36
C PRO A 44 -15.58 30.60 0.65
N GLU A 45 -15.29 29.38 1.13
CA GLU A 45 -16.21 28.71 2.02
C GLU A 45 -16.44 29.50 3.30
N THR A 46 -15.41 30.20 3.80
CA THR A 46 -15.56 31.01 5.01
C THR A 46 -16.53 32.17 4.81
N GLU A 47 -16.72 32.63 3.58
CA GLU A 47 -17.65 33.71 3.30
C GLU A 47 -19.08 33.20 3.10
N CYS A 48 -19.23 31.95 2.64
CA CYS A 48 -20.56 31.40 2.40
C CYS A 48 -21.29 31.09 3.70
N LEU A 49 -20.56 30.57 4.70
CA LEU A 49 -21.25 29.97 5.84
C LEU A 49 -21.99 30.93 6.78
N PRO A 50 -21.42 32.08 7.15
CA PRO A 50 -22.07 32.93 8.16
C PRO A 50 -23.51 33.28 7.81
N PRO A 51 -23.81 33.76 6.59
CA PRO A 51 -25.23 34.03 6.29
C PRO A 51 -26.10 32.78 6.31
N LEU A 52 -25.54 31.62 5.98
CA LEU A 52 -26.33 30.39 6.06
C LEU A 52 -26.60 30.03 7.51
N VAL A 53 -25.59 30.15 8.37
CA VAL A 53 -25.81 29.93 9.81
C VAL A 53 -26.90 30.85 10.32
N GLU A 54 -26.85 32.13 9.96
CA GLU A 54 -27.87 33.08 10.39
C GLU A 54 -29.26 32.66 9.91
N ALA A 55 -29.37 32.33 8.62
CA ALA A 55 -30.68 31.98 8.05
C ALA A 55 -31.21 30.68 8.63
N ALA A 56 -30.32 29.76 9.01
CA ALA A 56 -30.72 28.46 9.52
C ALA A 56 -30.96 28.45 11.03
N THR A 57 -30.72 29.57 11.71
CA THR A 57 -30.85 29.61 13.16
C THR A 57 -32.31 29.49 13.56
N GLN A 58 -32.59 28.67 14.57
CA GLN A 58 -33.94 28.55 15.12
C GLN A 58 -33.87 28.71 16.64
N SER A 59 -35.02 28.94 17.24
CA SER A 59 -35.09 29.15 18.68
C SER A 59 -34.65 27.88 19.41
N LYS A 60 -34.22 28.08 20.66
CA LYS A 60 -33.87 26.95 21.50
C LYS A 60 -35.03 25.96 21.63
N GLU A 61 -36.25 26.46 21.78
CA GLU A 61 -37.41 25.59 21.88
C GLU A 61 -37.55 24.71 20.63
N ILE A 62 -37.40 25.30 19.45
CA ILE A 62 -37.49 24.53 18.21
C ILE A 62 -36.36 23.53 18.12
N ARG A 63 -35.14 23.94 18.46
CA ARG A 63 -34.00 23.03 18.38
C ARG A 63 -34.20 21.83 19.28
N ASP A 64 -34.72 22.05 20.49
CA ASP A 64 -35.02 20.93 21.39
C ASP A 64 -36.12 20.05 20.82
N ALA A 65 -37.16 20.67 20.25
CA ALA A 65 -38.24 19.88 19.65
C ALA A 65 -37.73 19.11 18.44
N ALA A 66 -36.90 19.74 17.62
CA ALA A 66 -36.33 19.05 16.46
C ALA A 66 -35.46 17.89 16.90
N ALA A 67 -34.65 18.08 17.94
CA ALA A 67 -33.80 16.99 18.43
C ALA A 67 -34.66 15.84 18.93
N SER A 68 -35.74 16.13 19.64
CA SER A 68 -36.63 15.07 20.12
C SER A 68 -37.28 14.34 18.96
N THR A 69 -37.74 15.07 17.95
CA THR A 69 -38.33 14.43 16.80
C THR A 69 -37.31 13.58 16.06
N ALA A 70 -36.10 14.09 15.87
CA ALA A 70 -35.08 13.33 15.17
C ALA A 70 -34.74 12.06 15.94
N ARG A 71 -34.61 12.16 17.27
CA ARG A 71 -34.33 10.97 18.07
C ARG A 71 -35.44 9.94 17.93
N LYS A 72 -36.69 10.40 17.97
CA LYS A 72 -37.82 9.49 17.81
C LYS A 72 -37.79 8.80 16.45
N LEU A 73 -37.54 9.56 15.38
CA LEU A 73 -37.42 8.96 14.06
C LEU A 73 -36.27 7.96 14.01
N ILE A 74 -35.13 8.32 14.60
CA ILE A 74 -33.96 7.44 14.54
C ILE A 74 -34.19 6.18 15.37
N GLU A 75 -34.84 6.31 16.53
CA GLU A 75 -35.15 5.13 17.33
C GLU A 75 -36.07 4.19 16.59
N ALA A 76 -37.08 4.73 15.89
CA ALA A 76 -37.94 3.90 15.07
C ALA A 76 -37.17 3.23 13.94
N LEU A 77 -36.26 3.96 13.31
CA LEU A 77 -35.45 3.38 12.23
C LEU A 77 -34.59 2.24 12.74
N ARG A 78 -33.86 2.47 13.83
CA ARG A 78 -32.98 1.44 14.36
C ARG A 78 -33.75 0.28 14.99
N GLY A 79 -34.99 0.51 15.44
CA GLY A 79 -35.79 -0.53 16.04
C GLY A 79 -36.47 -1.47 15.07
N LYS A 80 -36.38 -1.21 13.76
CA LYS A 80 -37.01 -2.07 12.76
C LYS A 80 -36.03 -2.48 11.67
N HIS A 81 -34.74 -2.19 11.81
CA HIS A 81 -33.75 -2.44 10.77
C HIS A 81 -33.74 -3.89 10.29
N SER A 84 -30.15 -6.25 4.69
CA SER A 84 -30.31 -7.47 5.47
C SER A 84 -30.46 -8.67 4.54
N GLY A 85 -30.98 -8.44 3.33
CA GLY A 85 -31.12 -9.53 2.37
C GLY A 85 -29.77 -10.11 1.97
N VAL A 86 -28.87 -9.26 1.47
CA VAL A 86 -27.53 -9.72 1.12
C VAL A 86 -26.79 -10.20 2.36
N GLU A 87 -26.91 -9.46 3.47
CA GLU A 87 -26.27 -9.86 4.71
C GLU A 87 -26.76 -11.24 5.16
N GLY A 88 -28.07 -11.48 5.07
CA GLY A 88 -28.59 -12.78 5.46
C GLY A 88 -28.09 -13.90 4.56
N LEU A 89 -27.92 -13.61 3.27
CA LEU A 89 -27.37 -14.60 2.35
C LEU A 89 -25.92 -14.90 2.69
N VAL A 90 -25.11 -13.84 2.87
CA VAL A 90 -23.72 -14.00 3.26
C VAL A 90 -23.61 -14.82 4.54
N GLN A 91 -24.48 -14.54 5.51
CA GLN A 91 -24.45 -15.28 6.77
C GLN A 91 -24.84 -16.74 6.58
N GLU A 92 -25.94 -17.00 5.86
CA GLU A 92 -26.45 -18.36 5.75
C GLU A 92 -25.43 -19.30 5.12
N TYR A 93 -24.71 -18.82 4.10
CA TYR A 93 -23.76 -19.65 3.38
C TYR A 93 -22.31 -19.38 3.76
N SER A 94 -22.08 -18.60 4.82
CA SER A 94 -20.75 -18.29 5.31
C SER A 94 -19.86 -17.77 4.19
N LEU A 95 -20.39 -16.83 3.43
CA LEU A 95 -19.68 -16.30 2.29
C LEU A 95 -18.66 -15.27 2.73
N SER A 96 -17.49 -15.31 2.10
CA SER A 96 -16.60 -14.17 2.22
C SER A 96 -17.17 -13.00 1.41
N SER A 97 -16.58 -11.82 1.58
CA SER A 97 -17.03 -10.67 0.82
C SER A 97 -16.88 -10.92 -0.68
N GLN A 98 -15.73 -11.44 -1.09
CA GLN A 98 -15.54 -11.71 -2.51
C GLN A 98 -16.53 -12.75 -3.01
N GLU A 99 -16.84 -13.76 -2.20
CA GLU A 99 -17.84 -14.73 -2.61
C GLU A 99 -19.21 -14.07 -2.76
N GLY A 100 -19.58 -13.19 -1.83
CA GLY A 100 -20.84 -12.48 -1.97
C GLY A 100 -20.90 -11.67 -3.24
N VAL A 101 -19.81 -10.93 -3.52
CA VAL A 101 -19.77 -10.14 -4.74
C VAL A 101 -19.85 -11.04 -5.96
N ALA A 102 -19.07 -12.12 -5.97
CA ALA A 102 -19.05 -13.02 -7.12
C ALA A 102 -20.40 -13.65 -7.33
N LEU A 103 -21.05 -14.06 -6.24
CA LEU A 103 -22.38 -14.62 -6.34
C LEU A 103 -23.35 -13.64 -6.97
N MET A 104 -23.31 -12.38 -6.55
CA MET A 104 -24.25 -11.41 -7.12
C MET A 104 -23.95 -11.16 -8.59
N CYS A 105 -22.67 -11.17 -8.97
CA CYS A 105 -22.33 -11.05 -10.39
C CYS A 105 -22.87 -12.23 -11.17
N LEU A 106 -22.71 -13.44 -10.63
CA LEU A 106 -23.28 -14.61 -11.29
C LEU A 106 -24.78 -14.48 -11.41
N ALA A 107 -25.43 -14.06 -10.33
CA ALA A 107 -26.88 -13.89 -10.38
C ALA A 107 -27.27 -12.88 -11.45
N GLU A 108 -26.55 -11.75 -11.51
CA GLU A 108 -26.80 -10.74 -12.53
C GLU A 108 -26.72 -11.35 -13.93
N ALA A 109 -25.70 -12.16 -14.17
CA ALA A 109 -25.53 -12.79 -15.48
C ALA A 109 -26.63 -13.79 -15.77
N LEU A 110 -26.99 -14.61 -14.77
CA LEU A 110 -28.08 -15.55 -14.93
C LEU A 110 -29.39 -14.83 -15.24
N LEU A 111 -29.59 -13.65 -14.69
CA LEU A 111 -30.81 -12.88 -14.95
C LEU A 111 -30.82 -12.25 -16.33
N ARG A 112 -29.69 -12.23 -17.04
CA ARG A 112 -29.68 -11.86 -18.44
C ARG A 112 -30.25 -12.95 -19.34
N ILE A 113 -30.43 -14.16 -18.81
CA ILE A 113 -31.16 -15.22 -19.50
C ILE A 113 -32.65 -14.96 -19.34
N PRO A 114 -33.37 -14.60 -20.41
CA PRO A 114 -34.77 -14.17 -20.26
C PRO A 114 -35.72 -15.26 -19.78
N ASP A 115 -35.66 -16.45 -20.38
CA ASP A 115 -36.61 -17.49 -20.05
C ASP A 115 -36.24 -18.14 -18.71
N THR A 116 -37.21 -18.19 -17.80
CA THR A 116 -36.95 -18.70 -16.46
C THR A 116 -36.59 -20.18 -16.48
N ALA A 117 -37.34 -20.98 -17.23
CA ALA A 117 -37.06 -22.41 -17.28
C ALA A 117 -35.66 -22.67 -17.86
N THR A 118 -35.26 -21.90 -18.87
CA THR A 118 -33.92 -22.06 -19.42
C THR A 118 -32.86 -21.70 -18.38
N ARG A 119 -33.09 -20.62 -17.64
CA ARG A 119 -32.14 -20.22 -16.61
C ARG A 119 -32.02 -21.29 -15.52
N ASP A 120 -33.16 -21.81 -15.06
CA ASP A 120 -33.14 -22.82 -14.01
C ASP A 120 -32.48 -24.10 -14.49
N ALA A 121 -32.65 -24.46 -15.77
CA ALA A 121 -31.97 -25.63 -16.31
C ALA A 121 -30.46 -25.43 -16.33
N LEU A 122 -30.02 -24.24 -16.73
CA LEU A 122 -28.59 -23.95 -16.73
C LEU A 122 -28.03 -24.02 -15.30
N ILE A 123 -28.76 -23.46 -14.34
CA ILE A 123 -28.34 -23.51 -12.95
C ILE A 123 -28.22 -24.96 -12.48
N ARG A 124 -29.31 -25.72 -12.61
CA ARG A 124 -29.35 -27.06 -12.04
C ARG A 124 -28.39 -28.01 -12.73
N ASP A 125 -28.31 -27.97 -14.06
CA ASP A 125 -27.58 -28.97 -14.80
C ASP A 125 -26.14 -28.57 -15.11
N LYS A 126 -25.86 -27.28 -15.27
CA LYS A 126 -24.55 -26.83 -15.72
C LYS A 126 -23.81 -25.98 -14.69
N ILE A 127 -24.44 -24.94 -14.15
CA ILE A 127 -23.73 -24.05 -13.24
C ILE A 127 -23.39 -24.76 -11.94
N ALA A 128 -24.38 -25.44 -11.35
CA ALA A 128 -24.19 -26.02 -10.02
C ALA A 128 -23.09 -27.06 -10.00
N ASP A 129 -22.86 -27.75 -11.12
CA ASP A 129 -21.83 -28.77 -11.23
C ASP A 129 -20.50 -28.18 -11.68
N GLY A 130 -20.11 -27.08 -11.06
CA GLY A 130 -18.91 -26.36 -11.44
C GLY A 130 -19.00 -25.85 -12.86
N ASN A 131 -17.83 -25.58 -13.43
CA ASN A 131 -17.70 -25.20 -14.84
C ASN A 131 -18.64 -24.06 -15.22
N TRP A 132 -18.81 -23.11 -14.30
CA TRP A 132 -19.62 -21.93 -14.61
C TRP A 132 -19.00 -21.11 -15.72
N LYS A 133 -17.67 -21.11 -15.82
CA LYS A 133 -16.99 -20.34 -16.86
C LYS A 133 -17.36 -20.84 -18.25
N SER A 134 -17.51 -22.16 -18.40
CA SER A 134 -17.79 -22.73 -19.72
C SER A 134 -19.12 -22.24 -20.28
N HIS A 135 -20.08 -21.91 -19.41
CA HIS A 135 -21.42 -21.54 -19.86
C HIS A 135 -21.69 -20.04 -19.78
N LEU A 136 -20.91 -19.29 -19.02
CA LEU A 136 -21.11 -17.84 -18.93
C LEU A 136 -19.76 -17.11 -18.93
N SER A 139 -17.42 -13.77 -23.71
CA SER A 139 -17.24 -12.49 -24.39
C SER A 139 -17.25 -11.33 -23.40
N ARG A 140 -18.00 -11.50 -22.31
CA ARG A 140 -18.16 -10.48 -21.29
C ARG A 140 -17.86 -11.12 -19.95
N SER A 141 -16.93 -10.52 -19.20
CA SER A 141 -16.65 -11.00 -17.86
C SER A 141 -17.93 -11.01 -17.04
N LEU A 142 -18.10 -12.07 -16.25
CA LEU A 142 -19.21 -12.08 -15.31
C LEU A 142 -19.14 -10.90 -14.35
N PHE A 143 -17.95 -10.33 -14.18
CA PHE A 143 -17.67 -9.43 -13.09
C PHE A 143 -17.61 -7.97 -13.54
N VAL A 144 -18.18 -7.68 -14.71
CA VAL A 144 -18.14 -6.31 -15.24
C VAL A 144 -18.68 -5.30 -14.23
N ASN A 145 -19.75 -5.65 -13.53
CA ASN A 145 -20.34 -4.73 -12.56
C ASN A 145 -19.97 -5.07 -11.13
N ALA A 146 -18.86 -5.77 -10.93
CA ALA A 146 -18.52 -6.18 -9.57
C ALA A 146 -18.23 -5.00 -8.65
N ALA A 147 -17.81 -3.84 -9.17
CA ALA A 147 -17.60 -2.71 -8.29
C ALA A 147 -18.90 -2.26 -7.66
N THR A 148 -19.98 -2.33 -8.43
CA THR A 148 -21.30 -2.01 -7.90
C THR A 148 -21.73 -3.04 -6.86
N TRP A 149 -21.64 -4.32 -7.21
CA TRP A 149 -21.98 -5.34 -6.23
C TRP A 149 -21.07 -5.31 -5.02
N GLY A 150 -19.80 -4.90 -5.20
CA GLY A 150 -18.93 -4.71 -4.06
C GLY A 150 -19.47 -3.67 -3.10
N LEU A 151 -19.99 -2.55 -3.65
CA LEU A 151 -20.61 -1.55 -2.80
CA LEU A 151 -20.61 -1.55 -2.81
C LEU A 151 -21.82 -2.13 -2.07
N VAL A 152 -22.64 -2.91 -2.77
CA VAL A 152 -23.82 -3.53 -2.16
C VAL A 152 -23.42 -4.46 -1.03
N VAL A 153 -22.41 -5.30 -1.28
CA VAL A 153 -22.03 -6.34 -0.32
C VAL A 153 -21.21 -5.77 0.82
N THR A 154 -20.22 -4.93 0.52
CA THR A 154 -19.22 -4.53 1.50
C THR A 154 -19.38 -3.09 1.96
N GLY A 155 -20.14 -2.27 1.26
CA GLY A 155 -20.21 -0.86 1.54
C GLY A 155 -19.02 -0.06 1.07
N LYS A 156 -18.05 -0.71 0.45
CA LYS A 156 -16.82 -0.07 -0.01
C LYS A 156 -16.78 -0.08 -1.52
N LEU A 157 -16.28 1.00 -2.10
CA LEU A 157 -16.13 1.12 -3.54
C LEU A 157 -14.70 0.81 -3.92
N THR A 158 -14.54 -0.06 -4.92
CA THR A 158 -13.24 -0.32 -5.54
C THR A 158 -13.39 -0.01 -7.03
N SER A 159 -12.52 0.86 -7.54
CA SER A 159 -12.69 1.38 -8.89
C SER A 159 -12.60 0.29 -9.95
N THR A 160 -11.71 -0.67 -9.76
CA THR A 160 -11.56 -1.77 -10.68
C THR A 160 -11.84 -3.07 -9.94
N VAL A 161 -11.97 -4.13 -10.72
CA VAL A 161 -12.51 -5.41 -10.27
C VAL A 161 -11.37 -6.42 -10.28
N ASN A 162 -11.15 -7.08 -9.15
CA ASN A 162 -10.18 -8.18 -9.15
C ASN A 162 -10.92 -9.40 -9.64
N ASP A 163 -10.94 -9.55 -10.97
CA ASP A 163 -11.75 -10.60 -11.59
C ASP A 163 -11.19 -11.99 -11.32
N ARG A 164 -9.89 -12.11 -11.09
CA ARG A 164 -9.34 -13.41 -10.76
CA ARG A 164 -9.32 -13.41 -10.75
C ARG A 164 -9.71 -13.82 -9.35
N SER A 165 -9.74 -12.87 -8.41
CA SER A 165 -10.21 -13.18 -7.06
C SER A 165 -11.69 -13.57 -7.08
N LEU A 166 -12.49 -12.83 -7.84
CA LEU A 166 -13.91 -13.15 -7.94
C LEU A 166 -14.13 -14.50 -8.61
N ALA A 167 -13.35 -14.81 -9.65
CA ALA A 167 -13.53 -16.10 -10.30
C ALA A 167 -13.19 -17.23 -9.34
N ALA A 168 -12.10 -17.07 -8.58
CA ALA A 168 -11.76 -18.09 -7.58
C ALA A 168 -12.85 -18.22 -6.54
N ALA A 169 -13.39 -17.08 -6.11
CA ALA A 169 -14.41 -17.10 -5.08
C ALA A 169 -15.69 -17.75 -5.58
N LEU A 170 -16.04 -17.49 -6.85
CA LEU A 170 -17.25 -18.10 -7.40
C LEU A 170 -17.09 -19.61 -7.52
N THR A 171 -15.94 -20.06 -8.04
CA THR A 171 -15.69 -21.49 -8.09
C THR A 171 -15.78 -22.09 -6.70
N ARG A 172 -15.16 -21.42 -5.72
CA ARG A 172 -15.14 -21.95 -4.37
C ARG A 172 -16.53 -22.05 -3.80
N LEU A 173 -17.33 -21.01 -3.95
CA LEU A 173 -18.63 -21.03 -3.29
C LEU A 173 -19.57 -22.01 -3.98
N ILE A 174 -19.47 -22.13 -5.31
CA ILE A 174 -20.33 -23.09 -5.99
C ILE A 174 -19.91 -24.51 -5.63
N SER A 175 -18.62 -24.77 -5.59
CA SER A 175 -18.18 -26.12 -5.25
C SER A 175 -18.51 -26.46 -3.82
N ARG A 176 -18.61 -25.46 -2.95
CA ARG A 176 -18.89 -25.72 -1.55
C ARG A 176 -20.38 -25.84 -1.29
N CYS A 177 -21.19 -24.99 -1.92
CA CYS A 177 -22.59 -24.86 -1.57
C CYS A 177 -23.56 -25.20 -2.68
N GLY A 178 -23.12 -25.28 -3.93
CA GLY A 178 -23.95 -25.84 -4.99
C GLY A 178 -25.15 -24.99 -5.38
N GLU A 179 -26.12 -25.69 -5.97
CA GLU A 179 -27.32 -25.03 -6.47
C GLU A 179 -28.04 -24.19 -5.43
N PRO A 180 -28.18 -24.60 -4.17
CA PRO A 180 -28.94 -23.77 -3.23
C PRO A 180 -28.42 -22.36 -3.10
N VAL A 181 -27.09 -22.16 -3.09
CA VAL A 181 -26.60 -20.79 -2.98
C VAL A 181 -26.83 -20.01 -4.26
N ILE A 182 -26.73 -20.67 -5.42
CA ILE A 182 -26.98 -19.98 -6.68
C ILE A 182 -28.44 -19.52 -6.73
N ARG A 183 -29.35 -20.43 -6.38
CA ARG A 183 -30.77 -20.09 -6.35
CA ARG A 183 -30.77 -20.11 -6.33
C ARG A 183 -31.03 -18.89 -5.46
N ARG A 184 -30.42 -18.88 -4.26
CA ARG A 184 -30.66 -17.78 -3.35
C ARG A 184 -30.08 -16.48 -3.90
N GLY A 185 -28.90 -16.56 -4.51
CA GLY A 185 -28.32 -15.38 -5.13
C GLY A 185 -29.17 -14.84 -6.26
N VAL A 186 -29.67 -15.74 -7.13
CA VAL A 186 -30.51 -15.30 -8.24
C VAL A 186 -31.77 -14.61 -7.73
N ASP A 187 -32.42 -15.21 -6.73
CA ASP A 187 -33.65 -14.62 -6.21
C ASP A 187 -33.36 -13.28 -5.55
N MET A 188 -32.23 -13.17 -4.85
CA MET A 188 -31.87 -11.89 -4.23
C MET A 188 -31.60 -10.83 -5.28
N ALA A 189 -30.78 -11.16 -6.29
CA ALA A 189 -30.48 -10.19 -7.33
C ALA A 189 -31.73 -9.80 -8.08
N MET A 190 -32.63 -10.76 -8.32
CA MET A 190 -33.88 -10.45 -9.02
C MET A 190 -34.70 -9.45 -8.23
N ARG A 191 -34.83 -9.67 -6.93
CA ARG A 191 -35.56 -8.74 -6.08
C ARG A 191 -34.89 -7.37 -6.06
N MET A 192 -33.56 -7.34 -5.88
CA MET A 192 -32.89 -6.06 -5.75
C MET A 192 -32.97 -5.27 -7.05
N MET A 193 -32.70 -5.92 -8.17
CA MET A 193 -32.66 -5.22 -9.44
CA MET A 193 -32.67 -5.20 -9.43
C MET A 193 -34.06 -4.92 -10.00
N GLY A 194 -35.08 -5.66 -9.56
CA GLY A 194 -36.41 -5.47 -10.10
C GLY A 194 -37.32 -4.66 -9.21
N GLU A 195 -37.02 -4.62 -7.91
CA GLU A 195 -37.91 -4.03 -6.92
C GLU A 195 -37.27 -3.05 -5.96
N GLN A 196 -35.94 -3.06 -5.80
CA GLN A 196 -35.29 -2.17 -4.85
C GLN A 196 -34.55 -1.03 -5.53
N PHE A 197 -33.65 -1.35 -6.46
CA PHE A 197 -32.91 -0.32 -7.16
C PHE A 197 -33.82 0.43 -8.11
N VAL A 198 -34.90 -0.20 -8.55
CA VAL A 198 -35.93 0.44 -9.35
C VAL A 198 -37.27 0.10 -8.75
N THR A 199 -38.23 1.00 -8.95
CA THR A 199 -39.60 0.68 -8.57
C THR A 199 -40.18 -0.36 -9.52
N GLY A 200 -39.79 -0.31 -10.78
CA GLY A 200 -40.21 -1.33 -11.73
C GLY A 200 -39.33 -1.26 -12.94
N GLU A 201 -39.41 -2.32 -13.76
CA GLU A 201 -38.62 -2.37 -14.98
C GLU A 201 -39.18 -1.43 -16.04
N THR A 202 -40.50 -1.24 -16.04
CA THR A 202 -41.17 -0.37 -16.98
C THR A 202 -42.07 0.57 -16.20
N ILE A 203 -42.49 1.64 -16.86
CA ILE A 203 -43.34 2.61 -16.18
C ILE A 203 -44.66 1.95 -15.74
N ARG A 204 -45.18 1.03 -16.55
CA ARG A 204 -46.43 0.36 -16.17
C ARG A 204 -46.26 -0.47 -14.91
N GLU A 205 -45.18 -1.25 -14.83
CA GLU A 205 -44.90 -2.00 -13.61
C GLU A 205 -44.70 -1.07 -12.43
N ALA A 206 -43.95 0.02 -12.63
CA ALA A 206 -43.71 0.96 -11.55
C ALA A 206 -45.01 1.57 -11.06
N LEU A 207 -45.91 1.93 -11.98
CA LEU A 207 -47.18 2.52 -11.59
C LEU A 207 -48.03 1.53 -10.80
N LYS A 208 -48.04 0.26 -11.23
CA LYS A 208 -48.80 -0.75 -10.50
C LYS A 208 -48.31 -0.88 -9.08
N ARG A 209 -46.98 -0.86 -8.89
CA ARG A 209 -46.38 -1.02 -7.57
C ARG A 209 -46.46 0.23 -6.72
N SER A 210 -46.86 1.36 -7.29
CA SER A 210 -46.93 2.59 -6.52
C SER A 210 -48.23 2.72 -5.73
N LYS A 211 -49.25 1.92 -6.07
CA LYS A 211 -50.56 2.08 -5.44
C LYS A 211 -50.50 1.89 -3.94
N GLU A 212 -49.70 0.94 -3.48
CA GLU A 212 -49.66 0.60 -2.05
C GLU A 212 -49.26 1.82 -1.22
N LEU A 213 -48.16 2.48 -1.56
CA LEU A 213 -47.73 3.62 -0.77
C LEU A 213 -48.52 4.88 -1.08
N GLU A 214 -49.08 5.01 -2.28
CA GLU A 214 -49.96 6.15 -2.54
C GLU A 214 -51.18 6.10 -1.63
N GLU A 215 -51.70 4.88 -1.36
CA GLU A 215 -52.84 4.74 -0.47
C GLU A 215 -52.51 5.14 0.96
N LYS A 216 -51.23 5.12 1.33
CA LYS A 216 -50.79 5.55 2.65
C LYS A 216 -50.47 7.04 2.72
N GLY A 217 -50.47 7.74 1.59
CA GLY A 217 -50.21 9.17 1.56
C GLY A 217 -48.93 9.58 0.88
N PHE A 218 -48.15 8.64 0.35
CA PHE A 218 -46.99 9.00 -0.44
C PHE A 218 -47.42 9.39 -1.85
N SER A 219 -46.53 10.10 -2.53
CA SER A 219 -46.65 10.33 -3.95
C SER A 219 -45.37 9.86 -4.61
N TYR A 220 -45.33 9.97 -5.94
CA TYR A 220 -44.22 9.47 -6.73
C TYR A 220 -43.75 10.49 -7.75
N SER A 221 -42.45 10.45 -8.02
CA SER A 221 -41.87 11.12 -9.18
C SER A 221 -41.00 10.09 -9.88
N TYR A 222 -41.32 9.79 -11.13
CA TYR A 222 -40.63 8.69 -11.80
C TYR A 222 -39.43 9.17 -12.58
N ASP A 223 -38.35 8.40 -12.49
CA ASP A 223 -37.09 8.67 -13.17
C ASP A 223 -36.83 7.54 -14.16
N MET A 224 -36.95 7.85 -15.45
CA MET A 224 -36.71 6.85 -16.49
C MET A 224 -35.23 6.60 -16.73
N LEU A 225 -34.38 7.19 -15.90
CA LEU A 225 -32.95 6.89 -15.79
C LEU A 225 -32.14 7.37 -17.00
N GLY A 226 -32.73 8.16 -17.88
CA GLY A 226 -31.96 8.77 -18.95
C GLY A 226 -31.02 9.84 -18.43
N GLU A 227 -29.84 9.92 -19.05
CA GLU A 227 -28.81 10.84 -18.59
C GLU A 227 -27.65 10.80 -19.57
N ALA A 228 -27.01 11.94 -19.77
CA ALA A 228 -25.75 12.03 -20.51
C ALA A 228 -25.87 11.38 -21.89
N ALA A 229 -26.81 11.86 -22.68
CA ALA A 229 -26.89 11.46 -24.08
C ALA A 229 -25.57 11.72 -24.78
N THR A 230 -25.11 10.72 -25.52
CA THR A 230 -23.88 10.83 -26.27
C THR A 230 -24.12 11.16 -27.73
N THR A 231 -25.29 10.81 -28.25
CA THR A 231 -25.61 10.97 -29.66
C THR A 231 -27.00 11.55 -29.78
N ALA A 232 -27.28 12.09 -30.96
CA ALA A 232 -28.64 12.52 -31.26
C ALA A 232 -29.62 11.37 -31.07
N ALA A 233 -29.24 10.17 -31.49
CA ALA A 233 -30.17 9.03 -31.36
C ALA A 233 -30.43 8.71 -29.89
N ASP A 234 -29.42 8.81 -29.04
CA ASP A 234 -29.63 8.62 -27.60
C ASP A 234 -30.62 9.64 -27.08
N ALA A 235 -30.41 10.92 -27.44
CA ALA A 235 -31.28 11.97 -26.96
C ALA A 235 -32.71 11.74 -27.41
N GLU A 236 -32.88 11.30 -28.66
CA GLU A 236 -34.22 11.00 -29.14
C GLU A 236 -34.83 9.82 -28.39
N ARG A 237 -34.04 8.80 -28.08
CA ARG A 237 -34.55 7.66 -27.31
C ARG A 237 -34.98 8.11 -25.92
N TYR A 238 -34.16 8.93 -25.27
CA TYR A 238 -34.54 9.40 -23.94
C TYR A 238 -35.79 10.27 -24.02
N TYR A 239 -35.89 11.09 -25.06
CA TYR A 239 -37.10 11.88 -25.24
C TYR A 239 -38.32 10.98 -25.34
N ARG A 240 -38.28 9.99 -26.23
CA ARG A 240 -39.48 9.18 -26.39
C ARG A 240 -39.77 8.36 -25.14
N ASP A 241 -38.75 8.01 -24.36
CA ASP A 241 -39.01 7.35 -23.09
C ASP A 241 -39.71 8.29 -22.11
N TYR A 242 -39.28 9.55 -22.05
CA TYR A 242 -39.96 10.50 -21.18
C TYR A 242 -41.38 10.73 -21.65
N GLU A 243 -41.58 10.88 -22.95
CA GLU A 243 -42.90 11.17 -23.47
C GLU A 243 -43.85 10.00 -23.19
N SER A 244 -43.38 8.78 -23.42
CA SER A 244 -44.23 7.64 -23.13
C SER A 244 -44.51 7.51 -21.65
N ALA A 245 -43.51 7.82 -20.80
CA ALA A 245 -43.74 7.77 -19.36
C ALA A 245 -44.75 8.83 -18.93
N ILE A 246 -44.67 10.04 -19.50
CA ILE A 246 -45.65 11.07 -19.15
C ILE A 246 -47.07 10.59 -19.45
N HIS A 247 -47.27 9.97 -20.62
CA HIS A 247 -48.60 9.45 -20.91
C HIS A 247 -49.03 8.43 -19.87
N ALA A 248 -48.16 7.49 -19.53
CA ALA A 248 -48.54 6.47 -18.57
C ALA A 248 -48.81 7.09 -17.21
N ILE A 249 -47.94 8.00 -16.76
CA ILE A 249 -48.12 8.65 -15.48
C ILE A 249 -49.37 9.53 -15.48
N GLY A 250 -49.57 10.27 -16.57
CA GLY A 250 -50.74 11.13 -16.64
C GLY A 250 -52.03 10.34 -16.70
N LYS A 251 -52.04 9.21 -17.40
CA LYS A 251 -53.22 8.36 -17.41
C LYS A 251 -53.52 7.85 -16.02
N ALA A 252 -52.47 7.47 -15.28
CA ALA A 252 -52.65 6.94 -13.94
C ALA A 252 -52.98 8.03 -12.95
N SER A 253 -52.39 9.22 -13.13
CA SER A 253 -52.72 10.32 -12.23
C SER A 253 -54.21 10.56 -12.23
N ALA A 254 -54.85 10.49 -13.41
CA ALA A 254 -56.30 10.57 -13.55
C ALA A 254 -56.87 11.78 -12.82
N GLY A 255 -56.24 12.93 -13.01
CA GLY A 255 -56.76 14.17 -12.46
C GLY A 255 -56.42 14.44 -11.02
N ARG A 256 -55.54 13.65 -10.39
CA ARG A 256 -55.17 13.93 -9.01
C ARG A 256 -54.39 15.21 -8.86
N GLY A 257 -53.82 15.73 -9.94
CA GLY A 257 -53.10 16.98 -9.87
C GLY A 257 -51.65 16.80 -9.45
N ILE A 258 -50.97 17.94 -9.34
CA ILE A 258 -49.52 17.89 -9.24
C ILE A 258 -49.01 17.60 -7.85
N TYR A 259 -49.83 17.74 -6.81
CA TYR A 259 -49.38 17.49 -5.46
C TYR A 259 -49.72 16.08 -5.00
N GLU A 260 -50.98 15.68 -5.11
CA GLU A 260 -51.35 14.32 -4.73
C GLU A 260 -50.91 13.30 -5.75
N GLY A 261 -50.90 13.67 -7.02
CA GLY A 261 -50.66 12.71 -8.07
C GLY A 261 -49.20 12.63 -8.45
N PRO A 262 -48.87 11.60 -9.22
CA PRO A 262 -47.48 11.34 -9.57
C PRO A 262 -46.98 12.32 -10.62
N GLY A 263 -45.66 12.46 -10.67
CA GLY A 263 -45.02 13.26 -11.69
C GLY A 263 -43.82 12.56 -12.27
N ILE A 264 -43.06 13.28 -13.08
CA ILE A 264 -41.88 12.74 -13.72
C ILE A 264 -40.71 13.65 -13.42
N SER A 265 -39.52 13.08 -13.42
CA SER A 265 -38.28 13.83 -13.34
C SER A 265 -37.47 13.56 -14.59
N ILE A 266 -36.84 14.61 -15.11
CA ILE A 266 -36.03 14.51 -16.31
C ILE A 266 -34.66 15.10 -16.02
N LYS A 267 -33.70 14.69 -16.83
CA LYS A 267 -32.37 15.29 -16.81
C LYS A 267 -32.13 15.94 -18.15
N LEU A 268 -31.76 17.21 -18.13
CA LEU A 268 -31.52 17.90 -19.39
C LEU A 268 -30.42 17.24 -20.19
N SER A 269 -29.43 16.64 -19.53
CA SER A 269 -28.35 15.99 -20.25
C SER A 269 -28.84 14.78 -21.04
N ALA A 270 -30.00 14.23 -20.70
CA ALA A 270 -30.55 13.13 -21.48
C ALA A 270 -31.12 13.61 -22.81
N LEU A 271 -31.43 14.90 -22.92
CA LEU A 271 -32.22 15.37 -24.04
C LEU A 271 -31.38 16.05 -25.10
N HIS A 272 -30.08 16.17 -24.89
CA HIS A 272 -29.26 16.70 -25.96
C HIS A 272 -27.86 16.20 -25.74
N PRO A 273 -27.15 15.79 -26.79
CA PRO A 273 -25.79 15.27 -26.60
C PRO A 273 -24.76 16.36 -26.33
N ARG A 274 -25.10 17.63 -26.50
CA ARG A 274 -24.16 18.71 -26.26
C ARG A 274 -24.74 19.72 -25.29
N TYR A 275 -25.17 19.22 -24.13
CA TYR A 275 -25.77 20.07 -23.12
C TYR A 275 -24.64 20.67 -22.31
N SER A 276 -24.23 21.87 -22.70
CA SER A 276 -23.14 22.56 -22.03
C SER A 276 -23.21 24.03 -22.37
N ARG A 277 -22.59 24.83 -21.50
CA ARG A 277 -22.53 26.27 -21.74
C ARG A 277 -21.86 26.58 -23.07
N ALA A 278 -20.84 25.81 -23.45
CA ALA A 278 -20.14 26.09 -24.69
C ALA A 278 -21.06 25.96 -25.89
N GLN A 279 -22.09 25.14 -25.77
CA GLN A 279 -23.06 24.90 -26.83
C GLN A 279 -24.40 25.53 -26.49
N ALA A 280 -24.39 26.64 -25.76
CA ALA A 280 -25.64 27.20 -25.24
C ALA A 280 -26.62 27.50 -26.36
N ALA A 281 -26.14 27.97 -27.51
CA ALA A 281 -27.06 28.28 -28.60
C ALA A 281 -27.79 27.03 -29.08
N ARG A 282 -27.07 25.92 -29.20
CA ARG A 282 -27.74 24.68 -29.58
C ARG A 282 -28.67 24.22 -28.47
N VAL A 283 -28.29 24.42 -27.22
CA VAL A 283 -29.16 24.04 -26.12
C VAL A 283 -30.48 24.81 -26.18
N MET A 284 -30.42 26.12 -26.34
CA MET A 284 -31.65 26.89 -26.39
C MET A 284 -32.44 26.60 -27.66
N GLY A 285 -31.75 26.30 -28.77
CA GLY A 285 -32.45 26.08 -30.01
C GLY A 285 -33.01 24.69 -30.17
N GLU A 286 -32.36 23.70 -29.57
CA GLU A 286 -32.67 22.30 -29.83
C GLU A 286 -33.15 21.57 -28.61
N LEU A 287 -32.55 21.82 -27.45
CA LEU A 287 -32.98 21.14 -26.25
CA LEU A 287 -32.98 21.14 -26.25
C LEU A 287 -34.24 21.76 -25.68
N LEU A 288 -34.27 23.09 -25.59
CA LEU A 288 -35.44 23.78 -25.04
C LEU A 288 -36.75 23.36 -25.69
N PRO A 289 -36.89 23.28 -27.00
CA PRO A 289 -38.19 22.85 -27.56
C PRO A 289 -38.58 21.45 -27.14
N ARG A 290 -37.62 20.58 -26.91
CA ARG A 290 -37.94 19.23 -26.45
C ARG A 290 -38.49 19.26 -25.04
N VAL A 291 -37.86 20.03 -24.15
CA VAL A 291 -38.41 20.17 -22.80
C VAL A 291 -39.80 20.79 -22.87
N LYS A 292 -39.97 21.80 -23.73
CA LYS A 292 -41.27 22.42 -23.85
C LYS A 292 -42.32 21.41 -24.27
N ALA A 293 -41.99 20.55 -25.23
CA ALA A 293 -42.98 19.58 -25.69
C ALA A 293 -43.34 18.60 -24.58
N LEU A 294 -42.36 18.17 -23.80
CA LEU A 294 -42.67 17.30 -22.68
C LEU A 294 -43.49 18.05 -21.63
N ALA A 295 -43.15 19.31 -21.40
CA ALA A 295 -43.88 20.09 -20.41
C ALA A 295 -45.32 20.31 -20.85
N LEU A 296 -45.55 20.54 -22.15
CA LEU A 296 -46.91 20.69 -22.63
C LEU A 296 -47.73 19.45 -22.36
N LEU A 297 -47.11 18.27 -22.49
CA LEU A 297 -47.84 17.05 -22.22
C LEU A 297 -48.09 16.89 -20.73
N ALA A 298 -47.10 17.22 -19.90
CA ALA A 298 -47.32 17.19 -18.47
C ALA A 298 -48.42 18.15 -18.06
N LYS A 299 -48.46 19.33 -18.70
CA LYS A 299 -49.53 20.30 -18.44
C LYS A 299 -50.88 19.69 -18.77
N ASN A 300 -50.99 18.99 -19.91
CA ASN A 300 -52.30 18.48 -20.28
C ASN A 300 -52.80 17.43 -19.28
N TYR A 301 -51.93 16.58 -18.78
CA TYR A 301 -52.30 15.63 -17.75
C TYR A 301 -52.31 16.22 -16.35
N ASP A 302 -51.78 17.44 -16.19
CA ASP A 302 -51.62 18.10 -14.89
C ASP A 302 -50.80 17.25 -13.92
N ILE A 303 -49.60 16.89 -14.36
CA ILE A 303 -48.63 16.20 -13.52
C ILE A 303 -47.39 17.07 -13.36
N GLY A 304 -46.61 16.75 -12.33
CA GLY A 304 -45.35 17.45 -12.13
C GLY A 304 -44.32 16.99 -13.16
N LEU A 305 -43.49 17.93 -13.58
CA LEU A 305 -42.33 17.63 -14.42
C LEU A 305 -41.16 18.36 -13.80
N ASN A 306 -40.22 17.59 -13.24
CA ASN A 306 -39.11 18.16 -12.49
C ASN A 306 -37.84 18.07 -13.32
N ILE A 307 -37.07 19.14 -13.34
CA ILE A 307 -35.73 19.14 -13.94
C ILE A 307 -34.71 18.83 -12.85
N ASP A 308 -34.12 17.64 -12.94
CA ASP A 308 -33.08 17.22 -12.00
C ASP A 308 -31.85 18.09 -12.18
N ALA A 309 -31.10 18.28 -11.10
CA ALA A 309 -29.89 19.06 -11.15
C ALA A 309 -28.68 18.16 -11.37
N GLU A 310 -27.75 18.63 -12.18
CA GLU A 310 -26.61 17.80 -12.54
C GLU A 310 -25.31 18.48 -12.13
N GLU A 311 -24.31 18.50 -13.00
CA GLU A 311 -23.02 19.04 -12.61
C GLU A 311 -23.10 20.54 -12.41
N ALA A 312 -22.16 21.06 -11.62
CA ALA A 312 -22.17 22.48 -11.28
C ALA A 312 -22.07 23.36 -12.52
N ASP A 313 -21.36 22.91 -13.56
CA ASP A 313 -21.20 23.75 -14.74
C ASP A 313 -22.44 23.77 -15.63
N ARG A 314 -23.50 23.09 -15.23
CA ARG A 314 -24.76 23.10 -15.95
C ARG A 314 -25.84 23.87 -15.21
N LEU A 315 -25.59 24.27 -13.96
CA LEU A 315 -26.62 24.93 -13.15
C LEU A 315 -27.14 26.18 -13.85
N GLU A 316 -26.25 27.13 -14.14
CA GLU A 316 -26.72 28.41 -14.64
C GLU A 316 -27.33 28.26 -16.04
N LEU A 317 -26.77 27.39 -16.87
CA LEU A 317 -27.37 27.12 -18.16
C LEU A 317 -28.81 26.63 -18.00
N SER A 318 -29.05 25.75 -17.03
CA SER A 318 -30.39 25.21 -16.85
C SER A 318 -31.36 26.30 -16.44
N LEU A 319 -30.88 27.34 -15.77
CA LEU A 319 -31.73 28.46 -15.40
C LEU A 319 -32.25 29.19 -16.62
N ASP A 320 -31.46 29.22 -17.70
CA ASP A 320 -31.96 29.85 -18.91
C ASP A 320 -33.12 29.07 -19.51
N LEU A 321 -33.09 27.75 -19.39
CA LEU A 321 -34.23 26.97 -19.86
C LEU A 321 -35.43 27.16 -18.94
N LEU A 322 -35.18 27.15 -17.63
CA LEU A 322 -36.28 27.34 -16.69
C LEU A 322 -36.95 28.68 -16.91
N GLU A 323 -36.16 29.72 -17.16
CA GLU A 323 -36.70 31.06 -17.40
C GLU A 323 -37.61 31.07 -18.62
N VAL A 324 -37.14 30.53 -19.75
CA VAL A 324 -37.94 30.56 -20.96
C VAL A 324 -39.21 29.75 -20.76
N LEU A 325 -39.10 28.58 -20.14
CA LEU A 325 -40.29 27.73 -19.97
C LEU A 325 -41.32 28.43 -19.08
N CYS A 326 -40.88 29.01 -17.97
CA CYS A 326 -41.81 29.65 -17.07
C CYS A 326 -42.45 30.88 -17.66
N LEU A 327 -41.81 31.53 -18.63
CA LEU A 327 -42.36 32.70 -19.27
C LEU A 327 -43.13 32.36 -20.54
N ASP A 328 -43.18 31.08 -20.92
CA ASP A 328 -43.82 30.69 -22.17
C ASP A 328 -45.31 30.54 -21.93
N GLY A 329 -46.10 31.40 -22.57
CA GLY A 329 -47.54 31.39 -22.36
C GLY A 329 -48.20 30.08 -22.70
N ASP A 330 -47.60 29.27 -23.58
CA ASP A 330 -48.22 28.00 -23.93
C ASP A 330 -48.28 27.05 -22.74
N LEU A 331 -47.45 27.27 -21.73
CA LEU A 331 -47.45 26.43 -20.54
C LEU A 331 -48.25 27.03 -19.40
N SER A 332 -48.91 28.16 -19.64
CA SER A 332 -49.60 28.82 -18.55
C SER A 332 -50.78 27.99 -18.07
N GLY A 333 -51.12 28.17 -16.80
CA GLY A 333 -52.20 27.43 -16.19
C GLY A 333 -51.75 26.17 -15.49
N TRP A 334 -50.48 25.82 -15.62
CA TRP A 334 -49.94 24.60 -15.05
C TRP A 334 -48.82 24.97 -14.11
N ASN A 335 -48.88 24.45 -12.88
CA ASN A 335 -47.88 24.73 -11.85
C ASN A 335 -46.97 23.54 -11.62
N GLY A 336 -46.95 22.58 -12.55
CA GLY A 336 -46.19 21.37 -12.36
C GLY A 336 -44.73 21.45 -12.70
N MET A 337 -44.23 22.55 -13.27
CA MET A 337 -42.81 22.64 -13.57
CA MET A 337 -42.82 22.63 -13.57
C MET A 337 -42.01 22.65 -12.27
N GLY A 338 -41.04 21.74 -12.19
CA GLY A 338 -40.22 21.60 -11.01
C GLY A 338 -38.75 21.75 -11.33
N PHE A 339 -37.95 22.10 -10.34
CA PHE A 339 -36.55 22.35 -10.57
C PHE A 339 -35.78 22.05 -9.29
N VAL A 340 -34.70 21.30 -9.41
CA VAL A 340 -33.88 20.94 -8.28
C VAL A 340 -32.80 21.99 -8.05
N VAL A 341 -32.55 22.29 -6.79
CA VAL A 341 -31.38 23.08 -6.40
CA VAL A 341 -31.38 23.08 -6.39
C VAL A 341 -30.58 22.29 -5.37
N GLN A 342 -29.26 22.31 -5.52
CA GLN A 342 -28.35 21.49 -4.73
C GLN A 342 -27.75 22.34 -3.62
N ALA A 343 -28.11 22.02 -2.38
CA ALA A 343 -27.63 22.79 -1.23
C ALA A 343 -26.14 22.62 -0.99
N TYR A 344 -25.51 21.60 -1.57
CA TYR A 344 -24.07 21.53 -1.45
C TYR A 344 -23.36 22.58 -2.29
N GLY A 345 -24.10 23.32 -3.11
CA GLY A 345 -23.51 24.30 -4.00
C GLY A 345 -23.54 25.67 -3.36
N LYS A 346 -22.45 26.42 -3.57
CA LYS A 346 -22.32 27.73 -2.97
C LYS A 346 -23.33 28.73 -3.52
N ARG A 347 -23.85 28.48 -4.72
CA ARG A 347 -24.81 29.39 -5.33
C ARG A 347 -26.24 29.14 -4.86
N CYS A 348 -26.50 28.07 -4.12
CA CYS A 348 -27.87 27.63 -3.81
C CYS A 348 -28.81 28.74 -3.35
N PRO A 349 -28.49 29.50 -2.30
CA PRO A 349 -29.45 30.53 -1.87
C PRO A 349 -29.72 31.57 -2.93
N PHE A 350 -28.71 31.90 -3.74
CA PHE A 350 -28.87 32.90 -4.80
C PHE A 350 -29.68 32.34 -5.95
N VAL A 351 -29.53 31.04 -6.21
CA VAL A 351 -30.38 30.37 -7.19
C VAL A 351 -31.82 30.39 -6.72
N LEU A 352 -32.04 30.11 -5.43
CA LEU A 352 -33.39 30.16 -4.89
C LEU A 352 -33.98 31.56 -4.99
N ASP A 353 -33.18 32.60 -4.72
CA ASP A 353 -33.68 33.96 -4.89
C ASP A 353 -34.12 34.19 -6.32
N PHE A 354 -33.32 33.71 -7.28
CA PHE A 354 -33.67 33.85 -8.68
C PHE A 354 -34.96 33.10 -8.99
N ILE A 355 -35.07 31.86 -8.51
CA ILE A 355 -36.25 31.06 -8.82
C ILE A 355 -37.50 31.64 -8.19
N ILE A 356 -37.41 32.05 -6.93
CA ILE A 356 -38.56 32.66 -6.28
C ILE A 356 -39.01 33.90 -7.03
N ASP A 357 -38.06 34.72 -7.45
CA ASP A 357 -38.43 35.89 -8.25
C ASP A 357 -39.02 35.49 -9.59
N LEU A 358 -38.47 34.46 -10.24
CA LEU A 358 -39.05 33.99 -11.49
C LEU A 358 -40.47 33.47 -11.28
N ALA A 359 -40.70 32.78 -10.16
CA ALA A 359 -42.05 32.34 -9.86
C ALA A 359 -42.99 33.52 -9.70
N ARG A 360 -42.53 34.58 -9.06
CA ARG A 360 -43.36 35.77 -8.91
C ARG A 360 -43.64 36.41 -10.26
N ARG A 361 -42.60 36.59 -11.07
CA ARG A 361 -42.77 37.24 -12.37
C ARG A 361 -43.66 36.43 -13.29
N SER A 362 -43.49 35.12 -13.31
CA SER A 362 -44.26 34.28 -14.22
C SER A 362 -45.61 33.91 -13.66
N GLY A 363 -45.80 34.04 -12.35
CA GLY A 363 -47.01 33.53 -11.74
C GLY A 363 -47.10 32.02 -11.68
N ARG A 364 -46.00 31.31 -11.95
CA ARG A 364 -45.96 29.86 -11.86
C ARG A 364 -45.45 29.49 -10.48
N ARG A 365 -46.17 28.62 -9.80
CA ARG A 365 -45.74 28.17 -8.47
C ARG A 365 -44.73 27.06 -8.70
N ILE A 366 -43.47 27.46 -8.87
CA ILE A 366 -42.44 26.52 -9.26
C ILE A 366 -42.25 25.51 -8.15
N MET A 367 -42.21 24.23 -8.51
CA MET A 367 -41.92 23.18 -7.54
C MET A 367 -40.41 23.12 -7.39
N VAL A 368 -39.92 23.39 -6.20
CA VAL A 368 -38.48 23.47 -5.99
C VAL A 368 -38.08 22.31 -5.11
N ARG A 369 -37.31 21.38 -5.67
CA ARG A 369 -36.78 20.27 -4.90
C ARG A 369 -35.42 20.67 -4.36
N LEU A 370 -35.33 20.76 -3.05
CA LEU A 370 -34.07 21.05 -2.39
C LEU A 370 -33.39 19.72 -2.07
N VAL A 371 -32.19 19.54 -2.61
CA VAL A 371 -31.41 18.34 -2.37
C VAL A 371 -30.08 18.81 -1.84
N LYS A 372 -29.29 17.87 -1.33
CA LYS A 372 -27.92 18.24 -0.99
C LYS A 372 -27.04 18.23 -2.23
N GLY A 373 -26.95 17.09 -2.91
CA GLY A 373 -26.28 17.06 -4.21
C GLY A 373 -25.56 15.74 -4.44
N ALA A 374 -25.55 15.26 -5.69
CA ALA A 374 -25.14 13.90 -5.97
C ALA A 374 -23.75 13.77 -6.59
N TYR A 375 -23.06 14.87 -6.88
CA TYR A 375 -21.84 14.82 -7.69
C TYR A 375 -20.63 15.31 -6.92
N TRP A 376 -20.64 15.18 -5.59
CA TRP A 376 -19.66 15.88 -4.77
C TRP A 376 -18.23 15.51 -5.16
N ASP A 377 -17.91 14.21 -5.15
CA ASP A 377 -16.55 13.75 -5.49
CA ASP A 377 -16.52 13.86 -5.44
C ASP A 377 -16.11 14.29 -6.84
N ALA A 378 -17.03 14.24 -7.80
CA ALA A 378 -16.69 14.64 -9.16
C ALA A 378 -16.43 16.13 -9.23
N GLU A 379 -17.16 16.92 -8.43
CA GLU A 379 -16.93 18.35 -8.45
C GLU A 379 -15.58 18.69 -7.85
N ILE A 380 -15.16 17.94 -6.82
CA ILE A 380 -13.83 18.20 -6.26
C ILE A 380 -12.77 17.90 -7.30
N LYS A 381 -12.87 16.73 -7.93
CA LYS A 381 -11.89 16.35 -8.94
C LYS A 381 -11.85 17.37 -10.08
N ARG A 382 -13.02 17.77 -10.57
CA ARG A 382 -13.06 18.66 -11.74
C ARG A 382 -12.39 19.99 -11.42
N ALA A 383 -12.68 20.57 -10.26
CA ALA A 383 -12.10 21.86 -9.92
C ALA A 383 -10.58 21.74 -9.79
N GLN A 384 -10.11 20.63 -9.25
CA GLN A 384 -8.66 20.43 -9.15
C GLN A 384 -8.05 20.29 -10.54
N LEU A 385 -8.65 19.46 -11.39
CA LEU A 385 -8.11 19.27 -12.73
C LEU A 385 -8.03 20.58 -13.48
N ASP A 386 -9.05 21.42 -13.34
CA ASP A 386 -9.14 22.65 -14.11
C ASP A 386 -8.39 23.80 -13.48
N GLY A 387 -7.78 23.58 -12.32
CA GLY A 387 -6.96 24.62 -11.70
C GLY A 387 -7.75 25.85 -11.32
N LEU A 388 -8.96 25.68 -10.82
CA LEU A 388 -9.81 26.82 -10.59
C LEU A 388 -9.63 27.36 -9.18
N ALA A 389 -10.22 28.54 -8.94
CA ALA A 389 -9.91 29.27 -7.73
C ALA A 389 -10.37 28.51 -6.49
N ASP A 390 -11.49 27.82 -6.59
CA ASP A 390 -12.10 27.16 -5.44
C ASP A 390 -13.13 26.19 -5.98
N PHE A 391 -13.76 25.52 -5.11
CA PHE A 391 -14.78 24.55 -5.48
C PHE A 391 -16.14 25.23 -5.59
N PRO A 392 -17.02 24.70 -6.44
CA PRO A 392 -18.39 25.22 -6.51
C PRO A 392 -19.32 24.54 -5.51
N VAL A 393 -18.76 23.67 -4.68
CA VAL A 393 -19.50 22.98 -3.63
C VAL A 393 -18.72 23.15 -2.34
N PHE A 394 -19.42 22.94 -1.23
CA PHE A 394 -18.77 22.91 0.06
C PHE A 394 -17.86 21.70 0.15
N THR A 395 -16.91 21.75 1.07
CA THR A 395 -15.97 20.65 1.26
C THR A 395 -16.13 19.96 2.59
N ARG A 396 -16.92 20.51 3.52
CA ARG A 396 -17.28 19.82 4.74
C ARG A 396 -18.76 19.49 4.68
N LYS A 397 -19.08 18.24 5.00
CA LYS A 397 -20.45 17.79 4.88
C LYS A 397 -21.38 18.63 5.74
N ILE A 398 -20.90 19.07 6.90
CA ILE A 398 -21.75 19.84 7.80
C ILE A 398 -22.11 21.18 7.18
N HIS A 399 -21.27 21.70 6.29
CA HIS A 399 -21.59 22.93 5.60
C HIS A 399 -22.78 22.74 4.68
N THR A 400 -22.81 21.64 3.95
CA THR A 400 -23.98 21.31 3.14
C THR A 400 -25.24 21.21 3.98
N ASP A 401 -25.14 20.61 5.18
CA ASP A 401 -26.31 20.48 6.03
C ASP A 401 -26.84 21.85 6.45
N VAL A 402 -25.94 22.75 6.85
CA VAL A 402 -26.36 24.09 7.23
C VAL A 402 -26.94 24.82 6.03
N SER A 403 -26.28 24.70 4.88
CA SER A 403 -26.79 25.31 3.66
C SER A 403 -28.20 24.81 3.37
N TYR A 404 -28.42 23.50 3.52
CA TYR A 404 -29.74 22.95 3.28
C TYR A 404 -30.79 23.58 4.19
N ILE A 405 -30.50 23.65 5.49
CA ILE A 405 -31.47 24.20 6.42
C ILE A 405 -31.69 25.68 6.18
N ALA A 406 -30.62 26.42 5.87
CA ALA A 406 -30.76 27.83 5.54
C ALA A 406 -31.63 28.03 4.31
N CYS A 407 -31.44 27.19 3.29
CA CYS A 407 -32.23 27.31 2.07
C CYS A 407 -33.67 26.86 2.30
N ALA A 408 -33.88 25.91 3.22
CA ALA A 408 -35.25 25.54 3.56
C ALA A 408 -35.97 26.70 4.23
N ALA A 409 -35.25 27.48 5.04
CA ALA A 409 -35.86 28.64 5.66
C ALA A 409 -36.29 29.65 4.62
N LYS A 410 -35.47 29.83 3.58
CA LYS A 410 -35.83 30.74 2.50
C LYS A 410 -37.04 30.22 1.74
N LEU A 411 -37.05 28.93 1.41
CA LEU A 411 -38.19 28.33 0.73
C LEU A 411 -39.46 28.41 1.57
N LEU A 412 -39.35 28.16 2.88
CA LEU A 412 -40.54 28.14 3.71
C LEU A 412 -41.14 29.52 3.88
N ALA A 413 -40.38 30.57 3.62
CA ALA A 413 -40.95 31.92 3.64
C ALA A 413 -41.62 32.29 2.33
N ALA A 414 -41.61 31.40 1.34
CA ALA A 414 -42.08 31.70 0.00
C ALA A 414 -43.04 30.66 -0.52
N THR A 415 -43.73 29.95 0.39
CA THR A 415 -44.66 28.91 -0.03
C THR A 415 -45.85 29.44 -0.82
N ASP A 416 -46.12 30.74 -0.76
CA ASP A 416 -47.19 31.26 -1.60
C ASP A 416 -46.80 31.27 -3.08
N VAL A 417 -45.49 31.31 -3.38
CA VAL A 417 -45.06 31.43 -4.77
C VAL A 417 -44.26 30.25 -5.27
N VAL A 418 -43.69 29.41 -4.40
CA VAL A 418 -43.05 28.17 -4.79
C VAL A 418 -43.59 27.04 -3.92
N PHE A 419 -43.41 25.83 -4.41
CA PHE A 419 -43.78 24.63 -3.66
C PHE A 419 -42.50 23.94 -3.23
N PRO A 420 -42.06 24.09 -1.99
CA PRO A 420 -40.80 23.45 -1.58
C PRO A 420 -40.96 21.95 -1.43
N GLN A 421 -39.93 21.24 -1.86
CA GLN A 421 -39.90 19.78 -1.78
C GLN A 421 -38.56 19.41 -1.15
N PHE A 422 -38.60 18.93 0.08
CA PHE A 422 -37.38 18.71 0.84
C PHE A 422 -36.95 17.26 0.70
N ALA A 423 -36.05 17.02 -0.24
CA ALA A 423 -35.55 15.67 -0.51
C ALA A 423 -34.40 15.41 0.44
N THR A 424 -34.60 14.49 1.38
CA THR A 424 -33.51 14.12 2.27
C THR A 424 -33.86 12.82 2.98
N HIS A 425 -32.81 12.03 3.24
CA HIS A 425 -32.93 10.85 4.08
C HIS A 425 -32.42 11.07 5.48
N ASN A 426 -32.02 12.29 5.80
CA ASN A 426 -31.37 12.58 7.06
C ASN A 426 -32.46 13.01 8.05
N ALA A 427 -32.66 12.21 9.10
CA ALA A 427 -33.73 12.47 10.05
C ALA A 427 -33.51 13.76 10.82
N GLN A 428 -32.25 14.17 11.00
CA GLN A 428 -31.98 15.44 11.66
C GLN A 428 -32.41 16.59 10.76
N THR A 429 -32.00 16.54 9.48
CA THR A 429 -32.44 17.55 8.53
C THR A 429 -33.96 17.60 8.47
N LEU A 430 -34.59 16.44 8.37
CA LEU A 430 -36.04 16.37 8.27
C LEU A 430 -36.70 17.02 9.48
N ALA A 431 -36.24 16.64 10.67
CA ALA A 431 -36.85 17.16 11.89
C ALA A 431 -36.69 18.66 12.00
N ALA A 432 -35.52 19.18 11.63
CA ALA A 432 -35.29 20.63 11.69
C ALA A 432 -36.28 21.36 10.81
N ILE A 433 -36.57 20.82 9.63
CA ILE A 433 -37.46 21.50 8.70
C ILE A 433 -38.91 21.30 9.11
N TYR A 434 -39.24 20.10 9.60
CA TYR A 434 -40.60 19.85 10.07
C TYR A 434 -41.00 20.86 11.13
N HIS A 435 -40.10 21.17 12.05
CA HIS A 435 -40.40 22.13 13.09
C HIS A 435 -40.28 23.56 12.58
N MET A 436 -39.34 23.82 11.67
CA MET A 436 -39.26 25.13 11.06
C MET A 436 -40.54 25.48 10.33
N ALA A 437 -41.17 24.51 9.67
CA ALA A 437 -42.36 24.78 8.89
C ALA A 437 -43.57 25.06 9.76
N GLY A 438 -43.59 24.51 10.97
CA GLY A 438 -44.64 24.83 11.93
C GLY A 438 -45.88 23.98 11.77
N LYS A 439 -46.88 24.30 12.59
CA LYS A 439 -48.05 23.46 12.74
C LYS A 439 -49.08 23.66 11.63
N ASP A 440 -49.10 24.82 11.00
CA ASP A 440 -50.05 25.08 9.92
C ASP A 440 -49.60 24.33 8.67
N PHE A 441 -50.37 23.31 8.28
CA PHE A 441 -50.02 22.55 7.10
C PHE A 441 -51.25 22.22 6.28
N HIS A 442 -51.08 22.26 4.96
CA HIS A 442 -52.07 21.74 4.04
C HIS A 442 -51.32 21.09 2.90
N VAL A 443 -51.92 20.05 2.31
CA VAL A 443 -51.31 19.45 1.14
C VAL A 443 -51.19 20.52 0.05
N GLY A 444 -50.01 20.60 -0.55
CA GLY A 444 -49.67 21.68 -1.44
C GLY A 444 -48.82 22.77 -0.82
N LYS A 445 -48.67 22.78 0.50
CA LYS A 445 -47.83 23.81 1.09
C LYS A 445 -46.35 23.50 0.85
N TYR A 446 -45.93 22.30 1.23
CA TYR A 446 -44.61 21.78 0.92
C TYR A 446 -44.72 20.28 1.05
N GLU A 447 -43.65 19.58 0.66
CA GLU A 447 -43.61 18.14 0.91
C GLU A 447 -42.17 17.76 1.18
N PHE A 448 -42.00 16.54 1.66
CA PHE A 448 -40.69 15.91 1.69
C PHE A 448 -40.55 15.00 0.48
N GLN A 449 -39.32 14.58 0.22
CA GLN A 449 -39.08 13.59 -0.82
C GLN A 449 -38.02 12.63 -0.37
N CYS A 450 -38.08 11.43 -0.94
CA CYS A 450 -37.09 10.42 -0.63
C CYS A 450 -36.91 9.53 -1.86
N LEU A 451 -35.88 8.69 -1.78
CA LEU A 451 -35.59 7.77 -2.86
C LEU A 451 -36.26 6.43 -2.61
N HIS A 452 -36.85 5.88 -3.67
CA HIS A 452 -37.42 4.53 -3.60
C HIS A 452 -36.40 3.52 -3.07
N GLY A 453 -36.87 2.59 -2.25
CA GLY A 453 -35.99 1.55 -1.76
C GLY A 453 -34.87 2.05 -0.88
N MET A 454 -35.04 3.22 -0.29
CA MET A 454 -34.04 3.78 0.61
C MET A 454 -34.72 4.60 1.67
N GLY A 455 -35.62 5.50 1.27
CA GLY A 455 -36.21 6.43 2.20
C GLY A 455 -37.50 6.01 2.87
N GLU A 456 -38.12 4.92 2.41
CA GLU A 456 -39.40 4.52 2.97
C GLU A 456 -39.36 4.24 4.47
N PRO A 457 -38.37 3.53 5.02
CA PRO A 457 -38.36 3.33 6.48
C PRO A 457 -38.44 4.62 7.26
N LEU A 458 -37.70 5.65 6.86
CA LEU A 458 -37.80 6.94 7.53
C LEU A 458 -39.17 7.56 7.32
N TYR A 459 -39.61 7.63 6.07
CA TYR A 459 -40.83 8.38 5.80
C TYR A 459 -42.10 7.64 6.19
N GLU A 460 -42.02 6.33 6.42
CA GLU A 460 -43.15 5.66 7.08
C GLU A 460 -43.32 6.10 8.52
N GLU A 461 -42.35 6.81 9.09
CA GLU A 461 -42.48 7.46 10.38
C GLU A 461 -42.91 8.91 10.25
N VAL A 462 -43.20 9.37 9.03
CA VAL A 462 -43.51 10.75 8.73
C VAL A 462 -44.90 10.89 8.12
N VAL A 463 -45.17 10.13 7.06
CA VAL A 463 -46.43 10.22 6.34
C VAL A 463 -47.56 9.65 7.18
N GLY A 464 -48.71 10.29 7.15
CA GLY A 464 -49.87 9.72 7.80
C GLY A 464 -50.23 10.47 9.08
N ARG A 465 -51.53 10.51 9.37
CA ARG A 465 -52.02 11.22 10.55
C ARG A 465 -51.47 10.62 11.84
N GLY A 466 -51.15 9.32 11.84
CA GLY A 466 -50.56 8.70 13.00
C GLY A 466 -49.08 8.98 13.19
N LYS A 467 -48.45 9.66 12.22
CA LYS A 467 -47.05 10.05 12.35
C LYS A 467 -46.94 11.56 12.39
N LEU A 468 -46.17 12.15 11.48
CA LEU A 468 -46.05 13.61 11.42
C LEU A 468 -47.07 14.24 10.49
N ASP A 469 -47.84 13.44 9.76
CA ASP A 469 -48.87 13.93 8.84
C ASP A 469 -48.28 14.92 7.83
N ARG A 470 -47.13 14.56 7.28
CA ARG A 470 -46.54 15.31 6.20
C ARG A 470 -46.30 14.38 5.01
N PRO A 471 -46.55 14.86 3.80
CA PRO A 471 -46.45 13.99 2.62
C PRO A 471 -45.01 13.83 2.18
N CYS A 472 -44.78 12.73 1.47
CA CYS A 472 -43.45 12.47 0.94
C CYS A 472 -43.63 11.94 -0.47
N ARG A 473 -42.86 12.50 -1.40
CA ARG A 473 -42.84 12.03 -2.77
C ARG A 473 -41.64 11.13 -2.97
N ILE A 474 -41.89 9.94 -3.48
CA ILE A 474 -40.86 8.93 -3.68
C ILE A 474 -40.28 9.10 -5.07
N TYR A 475 -38.98 9.36 -5.16
CA TYR A 475 -38.28 9.41 -6.43
C TYR A 475 -38.02 7.98 -6.85
N ALA A 476 -38.62 7.58 -7.97
CA ALA A 476 -38.79 6.18 -8.30
C ALA A 476 -38.07 5.87 -9.61
N PRO A 477 -36.88 5.28 -9.55
CA PRO A 477 -36.20 4.92 -10.79
C PRO A 477 -36.97 3.81 -11.48
N VAL A 478 -36.98 3.85 -12.80
CA VAL A 478 -37.70 2.89 -13.63
C VAL A 478 -36.76 2.47 -14.73
N GLY A 479 -36.49 1.18 -14.85
CA GLY A 479 -35.66 0.77 -15.95
C GLY A 479 -35.19 -0.65 -15.78
N THR A 480 -34.55 -1.13 -16.84
CA THR A 480 -34.02 -2.49 -16.90
C THR A 480 -32.74 -2.59 -16.08
N HIS A 481 -32.25 -3.82 -15.95
CA HIS A 481 -31.00 -4.06 -15.23
C HIS A 481 -29.85 -3.26 -15.85
N GLU A 482 -29.74 -3.30 -17.18
CA GLU A 482 -28.68 -2.57 -17.87
C GLU A 482 -28.74 -1.08 -17.52
N THR A 483 -29.93 -0.50 -17.56
CA THR A 483 -30.07 0.93 -17.34
C THR A 483 -29.74 1.30 -15.90
N LEU A 484 -30.19 0.50 -14.93
CA LEU A 484 -30.01 0.89 -13.53
C LEU A 484 -28.55 0.76 -13.11
N LEU A 485 -27.84 -0.24 -13.64
CA LEU A 485 -26.45 -0.46 -13.22
C LEU A 485 -25.52 0.65 -13.68
N ALA A 486 -25.91 1.39 -14.73
CA ALA A 486 -25.00 2.35 -15.35
C ALA A 486 -24.46 3.37 -14.36
N TYR A 487 -25.34 3.94 -13.54
CA TYR A 487 -24.92 4.96 -12.57
C TYR A 487 -25.35 4.60 -11.16
N LEU A 488 -25.46 3.30 -10.87
CA LEU A 488 -25.87 2.88 -9.54
C LEU A 488 -24.82 3.22 -8.49
N VAL A 489 -23.55 3.26 -8.88
CA VAL A 489 -22.49 3.59 -7.94
C VAL A 489 -22.71 4.99 -7.36
N ARG A 490 -23.00 5.96 -8.23
CA ARG A 490 -23.25 7.32 -7.74
C ARG A 490 -24.42 7.35 -6.76
N ARG A 491 -25.49 6.60 -7.07
CA ARG A 491 -26.67 6.62 -6.21
C ARG A 491 -26.40 5.95 -4.88
N LEU A 492 -25.57 4.90 -4.88
CA LEU A 492 -25.24 4.22 -3.63
C LEU A 492 -24.37 5.09 -2.72
N LEU A 493 -23.45 5.86 -3.31
CA LEU A 493 -22.59 6.72 -2.51
C LEU A 493 -23.37 7.83 -1.84
N GLU A 494 -24.52 8.21 -2.41
CA GLU A 494 -25.33 9.28 -1.84
C GLU A 494 -25.69 8.99 -0.39
N ASN A 495 -26.02 7.73 -0.10
CA ASN A 495 -26.39 7.30 1.25
C ASN A 495 -25.44 6.28 1.83
N GLY A 496 -24.29 6.03 1.19
CA GLY A 496 -23.40 4.97 1.63
C GLY A 496 -22.00 5.37 2.04
N ALA A 497 -21.63 6.64 1.82
CA ALA A 497 -20.34 7.14 2.25
C ALA A 497 -20.30 7.24 3.78
N ASN A 498 -19.09 7.28 4.33
CA ASN A 498 -18.95 7.29 5.79
C ASN A 498 -19.66 8.48 6.42
N SER A 499 -19.76 9.60 5.70
CA SER A 499 -20.44 10.79 6.19
C SER A 499 -21.95 10.76 5.96
N SER A 500 -22.45 9.81 5.16
CA SER A 500 -23.87 9.77 4.82
C SER A 500 -24.70 9.30 6.00
N PHE A 501 -25.88 9.92 6.16
CA PHE A 501 -26.78 9.57 7.24
C PHE A 501 -27.15 8.08 7.21
N VAL A 502 -27.46 7.56 6.02
CA VAL A 502 -27.93 6.19 5.93
C VAL A 502 -26.83 5.20 6.27
N HIS A 503 -25.57 5.57 6.01
CA HIS A 503 -24.46 4.75 6.49
C HIS A 503 -24.35 4.85 8.01
N ARG A 504 -24.47 6.07 8.54
CA ARG A 504 -24.27 6.27 9.97
C ARG A 504 -25.40 5.67 10.80
N ILE A 505 -26.64 5.72 10.28
CA ILE A 505 -27.77 5.12 11.00
C ILE A 505 -27.53 3.63 11.21
N ASN A 506 -26.89 2.97 10.26
CA ASN A 506 -26.59 1.54 10.34
C ASN A 506 -25.28 1.24 11.05
N ASP A 507 -24.55 2.27 11.49
CA ASP A 507 -23.29 2.06 12.19
C ASP A 507 -23.57 1.98 13.69
N PRO A 508 -23.34 0.83 14.32
CA PRO A 508 -23.61 0.74 15.77
C PRO A 508 -22.73 1.64 16.61
N LYS A 509 -21.57 2.03 16.12
CA LYS A 509 -20.66 2.91 16.84
C LYS A 509 -21.10 4.37 16.82
N VAL A 510 -22.12 4.71 16.04
CA VAL A 510 -22.63 6.09 15.97
C VAL A 510 -23.86 6.17 16.86
N SER A 511 -23.82 7.05 17.85
CA SER A 511 -24.93 7.19 18.78
C SER A 511 -26.03 8.05 18.18
N ILE A 512 -27.22 7.94 18.78
CA ILE A 512 -28.33 8.80 18.39
C ILE A 512 -28.00 10.26 18.68
N ASP A 513 -27.37 10.53 19.83
CA ASP A 513 -26.92 11.88 20.14
C ASP A 513 -26.02 12.42 19.03
N GLU A 514 -25.15 11.58 18.48
CA GLU A 514 -24.33 12.01 17.36
C GLU A 514 -25.18 12.29 16.12
N LEU A 515 -26.21 11.48 15.88
CA LEU A 515 -27.02 11.65 14.68
C LEU A 515 -27.92 12.86 14.79
N ILE A 516 -28.31 13.25 16.01
CA ILE A 516 -29.21 14.38 16.20
C ILE A 516 -28.46 15.68 16.46
N ALA A 517 -27.12 15.65 16.38
CA ALA A 517 -26.34 16.87 16.53
C ALA A 517 -26.81 17.90 15.52
N ASP A 518 -26.96 19.13 15.97
CA ASP A 518 -27.46 20.22 15.16
C ASP A 518 -26.33 20.83 14.35
N PRO A 519 -26.29 20.64 13.04
CA PRO A 519 -25.17 21.17 12.26
C PRO A 519 -25.04 22.69 12.34
N VAL A 520 -26.17 23.40 12.53
CA VAL A 520 -26.13 24.85 12.59
C VAL A 520 -25.35 25.32 13.81
N GLU A 521 -25.65 24.73 14.97
CA GLU A 521 -24.95 25.12 16.18
C GLU A 521 -23.52 24.60 16.19
N VAL A 522 -23.26 23.44 15.59
CA VAL A 522 -21.90 22.93 15.50
C VAL A 522 -21.04 23.85 14.64
N VAL A 523 -21.56 24.25 13.49
CA VAL A 523 -20.80 25.17 12.63
C VAL A 523 -20.62 26.52 13.32
N ARG A 524 -21.67 27.01 13.98
CA ARG A 524 -21.60 28.30 14.66
C ARG A 524 -20.46 28.35 15.67
N ALA A 525 -20.15 27.23 16.31
CA ALA A 525 -19.18 27.18 17.39
C ALA A 525 -17.77 26.86 16.92
N MET A 526 -17.58 26.58 15.64
CA MET A 526 -16.26 26.27 15.12
CA MET A 526 -16.25 26.26 15.14
C MET A 526 -15.34 27.49 15.24
N PRO A 527 -14.02 27.28 15.41
CA PRO A 527 -13.13 28.43 15.57
C PRO A 527 -13.12 29.35 14.37
N VAL A 528 -13.08 28.79 13.16
CA VAL A 528 -13.25 29.55 11.93
C VAL A 528 -14.51 29.02 11.27
N VAL A 529 -15.55 29.83 11.22
CA VAL A 529 -16.81 29.40 10.62
C VAL A 529 -16.61 29.20 9.13
N GLY A 530 -16.91 28.00 8.64
CA GLY A 530 -16.85 27.74 7.22
C GLY A 530 -15.49 27.42 6.65
N ALA A 531 -14.53 27.03 7.49
CA ALA A 531 -13.21 26.67 6.96
C ALA A 531 -13.31 25.48 6.02
N LYS A 532 -12.52 25.53 4.95
CA LYS A 532 -12.37 24.42 4.02
C LYS A 532 -11.97 23.15 4.76
N HIS A 533 -12.35 22.00 4.21
CA HIS A 533 -11.89 20.74 4.75
C HIS A 533 -10.37 20.70 4.72
N ASP A 534 -9.79 20.29 5.85
CA ASP A 534 -8.33 20.28 5.96
C ASP A 534 -7.69 19.28 5.00
N ARG A 535 -8.43 18.24 4.60
CA ARG A 535 -7.87 17.16 3.79
C ARG A 535 -8.19 17.29 2.31
N ILE A 536 -8.75 18.42 1.89
CA ILE A 536 -9.03 18.64 0.47
C ILE A 536 -8.21 19.84 0.03
N ALA A 537 -7.34 19.63 -0.95
CA ALA A 537 -6.49 20.71 -1.43
C ALA A 537 -7.25 21.60 -2.38
N LEU A 538 -7.13 22.91 -2.20
CA LEU A 538 -7.55 23.81 -3.25
C LEU A 538 -6.73 23.50 -4.49
N PRO A 539 -7.27 23.74 -5.67
CA PRO A 539 -6.54 23.40 -6.90
C PRO A 539 -5.14 24.02 -6.95
N ALA A 540 -4.98 25.26 -6.49
CA ALA A 540 -3.66 25.89 -6.51
C ALA A 540 -2.66 25.16 -5.63
N GLU A 541 -3.13 24.34 -4.69
CA GLU A 541 -2.26 23.74 -3.68
C GLU A 541 -2.04 22.25 -3.90
N LEU A 542 -2.36 21.74 -5.10
CA LEU A 542 -2.24 20.32 -5.37
C LEU A 542 -0.85 19.78 -5.08
N PHE A 543 0.17 20.60 -5.26
CA PHE A 543 1.54 20.16 -5.09
C PHE A 543 2.15 20.64 -3.79
N GLY A 544 1.35 21.26 -2.93
CA GLY A 544 1.83 21.67 -1.62
C GLY A 544 3.00 22.61 -1.72
N ASP A 545 4.03 22.34 -0.92
CA ASP A 545 5.19 23.21 -0.84
C ASP A 545 6.11 23.13 -2.05
N ALA A 546 5.96 22.11 -2.90
CA ALA A 546 6.86 21.95 -4.03
C ALA A 546 6.73 23.11 -5.00
N ARG A 547 5.50 23.47 -5.34
CA ARG A 547 5.28 24.57 -6.29
C ARG A 547 3.79 24.87 -6.31
N THR A 548 3.49 26.03 -6.89
CA THR A 548 2.12 26.50 -7.03
C THR A 548 1.58 25.97 -8.34
N ASN A 549 0.44 25.29 -8.27
CA ASN A 549 -0.21 24.81 -9.48
C ASN A 549 -0.60 26.00 -10.35
N SER A 550 -0.52 25.83 -11.66
CA SER A 550 -1.07 26.84 -12.55
C SER A 550 -2.57 26.92 -12.37
N ALA A 551 -3.12 28.10 -12.67
CA ALA A 551 -4.55 28.34 -12.59
C ALA A 551 -5.15 28.39 -13.98
N GLY A 552 -6.34 27.81 -14.11
CA GLY A 552 -7.09 27.88 -15.33
C GLY A 552 -8.17 28.95 -15.26
N LEU A 553 -9.16 28.79 -16.13
CA LEU A 553 -10.28 29.73 -16.22
C LEU A 553 -11.54 28.92 -16.37
N ASP A 554 -12.62 29.38 -15.76
CA ASP A 554 -13.88 28.64 -15.78
C ASP A 554 -14.71 29.17 -16.95
N LEU A 555 -14.76 28.40 -18.03
CA LEU A 555 -15.50 28.81 -19.22
C LEU A 555 -17.00 28.60 -19.09
N SER A 556 -17.46 28.18 -17.91
CA SER A 556 -18.88 28.19 -17.61
C SER A 556 -19.29 29.40 -16.78
N ASN A 557 -18.35 30.27 -16.41
CA ASN A 557 -18.64 31.40 -15.56
C ASN A 557 -18.86 32.62 -16.44
N GLU A 558 -20.06 33.23 -16.37
CA GLU A 558 -20.37 34.35 -17.26
C GLU A 558 -19.46 35.53 -17.03
N GLU A 559 -19.04 35.77 -15.78
CA GLU A 559 -18.09 36.84 -15.53
C GLU A 559 -16.79 36.56 -16.25
N THR A 560 -16.30 35.31 -16.15
CA THR A 560 -15.07 34.95 -16.83
C THR A 560 -15.23 35.07 -18.33
N LEU A 561 -16.37 34.62 -18.86
CA LEU A 561 -16.56 34.69 -20.30
C LEU A 561 -16.62 36.13 -20.76
N ALA A 562 -17.24 37.01 -19.98
CA ALA A 562 -17.34 38.41 -20.38
C ALA A 562 -15.98 39.08 -20.35
N SER A 563 -15.21 38.82 -19.29
CA SER A 563 -13.87 39.40 -19.19
CA SER A 563 -13.89 39.42 -19.21
C SER A 563 -12.95 38.83 -20.26
N LEU A 564 -13.04 37.53 -20.49
CA LEU A 564 -12.22 36.90 -21.52
C LEU A 564 -12.55 37.43 -22.90
N THR A 565 -13.84 37.60 -23.20
CA THR A 565 -14.23 38.17 -24.48
C THR A 565 -13.48 39.46 -24.75
N GLU A 566 -13.45 40.35 -23.76
CA GLU A 566 -12.78 41.64 -23.95
C GLU A 566 -11.28 41.47 -24.10
N ALA A 567 -10.68 40.62 -23.25
CA ALA A 567 -9.24 40.41 -23.36
C ALA A 567 -8.87 39.75 -24.68
N LEU A 568 -9.71 38.85 -25.16
CA LEU A 568 -9.44 38.20 -26.43
C LEU A 568 -9.55 39.17 -27.59
N ARG A 569 -10.61 39.98 -27.60
CA ARG A 569 -10.71 41.04 -28.59
C ARG A 569 -9.50 41.97 -28.53
N GLU A 570 -9.10 42.36 -27.31
CA GLU A 570 -7.96 43.24 -27.18
C GLU A 570 -6.69 42.58 -27.70
N SER A 571 -6.56 41.27 -27.50
CA SER A 571 -5.37 40.58 -27.99
C SER A 571 -5.33 40.58 -29.52
N ALA A 572 -6.49 40.57 -30.17
CA ALA A 572 -6.52 40.58 -31.63
C ALA A 572 -6.20 41.95 -32.22
N ALA A 573 -6.25 43.00 -31.39
CA ALA A 573 -5.87 44.33 -31.82
C ALA A 573 -4.39 44.62 -31.59
N MET A 574 -3.63 43.65 -31.12
CA MET A 574 -2.21 43.85 -30.87
C MET A 574 -1.41 43.55 -32.12
N LYS A 575 -0.29 44.27 -32.28
CA LYS A 575 0.59 44.12 -33.43
C LYS A 575 1.69 43.11 -33.11
N TRP A 576 1.28 41.84 -33.07
CA TRP A 576 2.16 40.75 -32.71
C TRP A 576 3.26 40.59 -33.76
N THR A 577 4.51 40.53 -33.29
CA THR A 577 5.63 40.29 -34.18
C THR A 577 6.56 39.25 -33.57
N ALA A 578 7.36 38.65 -34.44
CA ALA A 578 8.44 37.79 -34.03
C ALA A 578 9.64 38.16 -34.88
N LEU A 579 10.77 38.44 -34.24
CA LEU A 579 11.97 38.91 -34.90
C LEU A 579 13.14 38.06 -34.44
N PRO A 580 14.20 37.99 -35.23
CA PRO A 580 15.43 37.36 -34.74
C PRO A 580 16.00 38.22 -33.63
N GLN A 581 15.86 37.76 -32.39
CA GLN A 581 16.28 38.51 -31.22
C GLN A 581 17.66 37.98 -30.80
N LEU A 582 18.68 38.50 -31.47
CA LEU A 582 20.05 38.15 -31.15
C LEU A 582 20.47 38.83 -29.84
N ALA A 583 21.59 38.37 -29.29
CA ALA A 583 22.11 38.99 -28.07
C ALA A 583 22.35 40.48 -28.28
N THR A 584 22.68 40.87 -29.52
CA THR A 584 22.99 42.24 -29.87
C THR A 584 21.76 43.08 -30.19
N GLY A 585 20.59 42.45 -30.29
CA GLY A 585 19.38 43.16 -30.63
C GLY A 585 18.65 42.53 -31.80
N PRO A 586 17.45 43.03 -32.10
CA PRO A 586 16.69 42.48 -33.23
C PRO A 586 17.48 42.60 -34.52
N ALA A 587 17.43 41.54 -35.32
CA ALA A 587 18.13 41.48 -36.59
C ALA A 587 17.14 41.62 -37.75
N ALA A 588 17.64 42.12 -38.87
CA ALA A 588 16.82 42.21 -40.06
C ALA A 588 16.71 40.85 -40.73
N GLY A 589 15.70 40.71 -41.57
CA GLY A 589 15.53 39.47 -42.31
C GLY A 589 14.28 39.52 -43.14
N GLU A 590 13.97 38.39 -43.76
CA GLU A 590 12.76 38.27 -44.56
C GLU A 590 11.53 38.28 -43.66
N THR A 591 10.60 39.18 -43.94
CA THR A 591 9.42 39.39 -43.13
C THR A 591 8.17 38.95 -43.90
N ARG A 592 7.27 38.23 -43.21
CA ARG A 592 6.02 37.83 -43.81
C ARG A 592 4.95 37.83 -42.73
N THR A 593 3.69 37.85 -43.17
CA THR A 593 2.59 37.81 -42.24
C THR A 593 2.36 36.39 -41.72
N VAL A 594 1.75 36.32 -40.55
CA VAL A 594 1.30 35.07 -39.94
C VAL A 594 -0.22 35.10 -40.01
N LEU A 595 -0.81 34.11 -40.68
CA LEU A 595 -2.24 34.07 -40.92
C LEU A 595 -2.92 33.05 -40.00
N ASN A 596 -4.13 33.35 -39.58
CA ASN A 596 -4.94 32.44 -38.78
C ASN A 596 -5.23 31.21 -39.62
N PRO A 597 -4.84 30.00 -39.18
CA PRO A 597 -5.09 28.81 -40.01
C PRO A 597 -6.56 28.55 -40.23
N GLY A 598 -7.42 29.08 -39.38
CA GLY A 598 -8.85 28.92 -39.53
C GLY A 598 -9.50 29.95 -40.42
N ASP A 599 -8.75 30.97 -40.83
CA ASP A 599 -9.27 32.01 -41.71
C ASP A 599 -8.09 32.84 -42.15
N HIS A 600 -7.59 32.58 -43.35
CA HIS A 600 -6.39 33.25 -43.82
C HIS A 600 -6.56 34.75 -43.99
N ARG A 601 -7.80 35.23 -44.01
CA ARG A 601 -8.05 36.68 -44.04
C ARG A 601 -7.69 37.34 -42.72
N ASP A 602 -7.60 36.57 -41.64
CA ASP A 602 -7.28 37.11 -40.32
C ASP A 602 -5.77 37.09 -40.17
N VAL A 603 -5.15 38.25 -40.36
CA VAL A 603 -3.70 38.37 -40.19
C VAL A 603 -3.43 38.53 -38.69
N VAL A 604 -2.66 37.62 -38.14
CA VAL A 604 -2.39 37.61 -36.71
C VAL A 604 -1.16 38.45 -36.36
N GLY A 605 -0.17 38.43 -37.23
CA GLY A 605 1.01 39.21 -36.96
C GLY A 605 2.00 39.08 -38.08
N SER A 606 3.25 39.41 -37.76
CA SER A 606 4.32 39.38 -38.75
CA SER A 606 4.33 39.41 -38.74
C SER A 606 5.55 38.76 -38.12
N VAL A 607 6.25 37.94 -38.90
CA VAL A 607 7.47 37.30 -38.45
C VAL A 607 8.60 37.71 -39.37
N THR A 608 9.72 38.10 -38.77
CA THR A 608 10.96 38.32 -39.49
C THR A 608 11.82 37.09 -39.23
N GLU A 609 12.17 36.37 -40.29
CA GLU A 609 12.90 35.12 -40.13
C GLU A 609 14.41 35.35 -40.14
N THR A 610 15.11 34.38 -39.56
CA THR A 610 16.54 34.50 -39.28
C THR A 610 17.32 34.00 -40.49
N SER A 611 18.31 34.78 -40.90
CA SER A 611 19.23 34.28 -41.90
C SER A 611 20.11 33.20 -41.29
N GLU A 612 20.58 32.29 -42.15
CA GLU A 612 21.48 31.26 -41.64
C GLU A 612 22.78 31.86 -41.12
N GLU A 613 23.19 33.02 -41.66
CA GLU A 613 24.35 33.71 -41.12
C GLU A 613 24.08 34.19 -39.70
N ASP A 614 22.91 34.79 -39.46
CA ASP A 614 22.61 35.29 -38.13
C ASP A 614 22.36 34.16 -37.14
N ALA A 615 21.88 33.02 -37.62
CA ALA A 615 21.74 31.86 -36.76
C ALA A 615 23.10 31.39 -36.26
N ARG A 616 24.08 31.32 -37.16
CA ARG A 616 25.43 30.97 -36.75
C ARG A 616 26.02 32.04 -35.84
N ARG A 617 25.75 33.31 -36.13
CA ARG A 617 26.20 34.38 -35.25
C ARG A 617 25.58 34.26 -33.87
N ALA A 618 24.29 33.90 -33.80
CA ALA A 618 23.64 33.77 -32.50
C ALA A 618 24.30 32.69 -31.66
N VAL A 619 24.69 31.57 -32.27
CA VAL A 619 25.37 30.52 -31.51
C VAL A 619 26.69 31.05 -30.96
N ARG A 620 27.45 31.80 -31.76
CA ARG A 620 28.70 32.35 -31.28
C ARG A 620 28.46 33.31 -30.12
N LEU A 621 27.43 34.14 -30.22
CA LEU A 621 27.11 35.06 -29.12
C LEU A 621 26.69 34.28 -27.88
N ALA A 622 25.93 33.20 -28.05
CA ALA A 622 25.57 32.34 -26.93
C ALA A 622 26.82 31.72 -26.30
N ALA A 623 27.75 31.26 -27.12
CA ALA A 623 28.99 30.70 -26.60
C ALA A 623 29.76 31.74 -25.80
N ASP A 624 29.83 32.98 -26.29
CA ASP A 624 30.54 34.02 -25.56
C ASP A 624 29.83 34.36 -24.26
N ALA A 625 28.50 34.28 -24.25
CA ALA A 625 27.69 34.59 -23.09
C ALA A 625 27.57 33.44 -22.11
N ALA A 626 28.03 32.25 -22.48
CA ALA A 626 27.79 31.07 -21.64
C ALA A 626 28.35 31.23 -20.22
N PRO A 627 29.59 31.70 -20.01
CA PRO A 627 30.07 31.78 -18.62
C PRO A 627 29.25 32.71 -17.75
N ASP A 628 28.81 33.85 -18.30
CA ASP A 628 28.07 34.81 -17.49
C ASP A 628 26.75 34.22 -17.03
N TRP A 629 26.11 33.43 -17.89
CA TRP A 629 24.83 32.85 -17.50
C TRP A 629 25.03 31.66 -16.56
N ALA A 630 26.04 30.84 -16.82
CA ALA A 630 26.35 29.73 -15.91
C ALA A 630 26.68 30.24 -14.51
N ALA A 631 27.22 31.45 -14.41
CA ALA A 631 27.59 32.03 -13.11
C ALA A 631 26.40 32.58 -12.34
N VAL A 632 25.24 32.73 -12.97
CA VAL A 632 24.04 33.08 -12.23
C VAL A 632 23.69 31.86 -11.40
N PRO A 633 23.58 31.98 -10.07
CA PRO A 633 23.36 30.79 -9.25
C PRO A 633 22.07 30.09 -9.65
N PRO A 634 22.04 28.76 -9.54
CA PRO A 634 20.81 28.03 -9.91
C PRO A 634 19.55 28.59 -9.28
N SER A 635 19.62 28.98 -8.00
CA SER A 635 18.42 29.50 -7.34
C SER A 635 17.93 30.77 -8.01
N GLU A 636 18.85 31.61 -8.49
CA GLU A 636 18.43 32.83 -9.19
C GLU A 636 17.93 32.53 -10.59
N ARG A 637 18.55 31.56 -11.28
CA ARG A 637 17.97 31.13 -12.55
C ARG A 637 16.55 30.62 -12.35
N ALA A 638 16.35 29.80 -11.31
CA ALA A 638 15.02 29.30 -11.01
C ALA A 638 14.05 30.42 -10.69
N ALA A 639 14.53 31.47 -10.02
CA ALA A 639 13.67 32.60 -9.73
C ALA A 639 13.23 33.30 -11.01
N CYS A 640 14.09 33.32 -12.03
CA CYS A 640 13.65 33.85 -13.32
C CYS A 640 12.50 33.04 -13.87
N LEU A 641 12.61 31.71 -13.81
CA LEU A 641 11.54 30.86 -14.30
C LEU A 641 10.26 31.11 -13.53
N ASP A 642 10.37 31.23 -12.21
CA ASP A 642 9.16 31.47 -11.41
C ASP A 642 8.55 32.82 -11.73
N ARG A 643 9.38 33.84 -11.95
CA ARG A 643 8.84 35.13 -12.35
C ARG A 643 8.17 35.04 -13.71
N ALA A 644 8.77 34.29 -14.64
CA ALA A 644 8.14 34.12 -15.93
C ALA A 644 6.80 33.42 -15.80
N ALA A 645 6.69 32.45 -14.89
CA ALA A 645 5.42 31.76 -14.70
C ALA A 645 4.36 32.72 -14.17
N GLU A 646 4.74 33.58 -13.22
CA GLU A 646 3.81 34.60 -12.73
C GLU A 646 3.35 35.50 -13.86
N LEU A 647 4.28 35.92 -14.73
CA LEU A 647 3.92 36.79 -15.84
C LEU A 647 3.00 36.08 -16.82
N MET A 648 3.27 34.81 -17.11
CA MET A 648 2.39 34.07 -18.01
C MET A 648 1.01 33.87 -17.41
N GLN A 649 0.96 33.61 -16.10
CA GLN A 649 -0.34 33.46 -15.44
C GLN A 649 -1.15 34.75 -15.55
N ALA A 650 -0.51 35.88 -15.27
CA ALA A 650 -1.22 37.16 -15.31
C ALA A 650 -1.63 37.52 -16.73
N ARG A 651 -0.85 37.11 -17.71
CA ARG A 651 -1.07 37.43 -19.11
C ARG A 651 -1.89 36.37 -19.81
N MET A 652 -2.33 35.34 -19.09
CA MET A 652 -3.03 34.22 -19.72
C MET A 652 -4.10 34.64 -20.71
N PRO A 653 -5.03 35.55 -20.38
CA PRO A 653 -6.10 35.87 -21.34
C PRO A 653 -5.56 36.36 -22.68
N THR A 654 -4.55 37.23 -22.65
CA THR A 654 -3.95 37.71 -23.88
C THR A 654 -3.23 36.58 -24.61
N LEU A 655 -2.49 35.75 -23.87
CA LEU A 655 -1.82 34.61 -24.49
C LEU A 655 -2.83 33.66 -25.14
N LEU A 656 -3.98 33.44 -24.47
CA LEU A 656 -5.02 32.61 -25.06
C LEU A 656 -5.40 33.11 -26.44
N GLY A 657 -5.68 34.41 -26.54
CA GLY A 657 -6.13 34.96 -27.81
C GLY A 657 -5.12 34.75 -28.92
N LEU A 658 -3.84 34.92 -28.60
CA LEU A 658 -2.82 34.72 -29.61
C LEU A 658 -2.75 33.25 -30.03
N ILE A 659 -2.74 32.35 -29.05
CA ILE A 659 -2.69 30.93 -29.35
C ILE A 659 -3.91 30.50 -30.17
N ILE A 660 -5.08 31.01 -29.79
CA ILE A 660 -6.31 30.67 -30.50
C ILE A 660 -6.19 31.04 -31.98
N ARG A 661 -5.69 32.23 -32.24
CA ARG A 661 -5.66 32.73 -33.62
C ARG A 661 -4.46 32.23 -34.40
N GLU A 662 -3.30 32.06 -33.74
CA GLU A 662 -2.10 31.66 -34.47
C GLU A 662 -2.07 30.15 -34.72
N ALA A 663 -2.55 29.35 -33.77
CA ALA A 663 -2.30 27.91 -33.80
C ALA A 663 -3.57 27.08 -33.95
N GLY A 664 -4.72 27.70 -34.22
CA GLY A 664 -5.93 26.93 -34.43
C GLY A 664 -6.49 26.27 -33.20
N LYS A 665 -6.20 26.79 -32.02
CA LYS A 665 -6.61 26.17 -30.78
C LYS A 665 -7.93 26.75 -30.30
N SER A 666 -8.74 25.90 -29.69
CA SER A 666 -9.91 26.37 -28.96
C SER A 666 -9.45 27.05 -27.67
N ALA A 667 -10.38 27.78 -27.05
CA ALA A 667 -10.06 28.44 -25.78
C ALA A 667 -9.65 27.43 -24.72
N LEU A 668 -10.41 26.34 -24.57
CA LEU A 668 -10.04 25.30 -23.60
C LEU A 668 -8.63 24.80 -23.84
N ASN A 669 -8.29 24.55 -25.11
CA ASN A 669 -6.96 24.02 -25.38
C ASN A 669 -5.89 25.07 -25.18
N ALA A 670 -6.19 26.34 -25.46
CA ALA A 670 -5.22 27.39 -25.21
C ALA A 670 -4.99 27.57 -23.72
N ILE A 671 -6.04 27.46 -22.92
CA ILE A 671 -5.86 27.52 -21.47
C ILE A 671 -4.91 26.43 -21.01
N ALA A 672 -5.17 25.20 -21.46
CA ALA A 672 -4.30 24.08 -21.10
C ALA A 672 -2.88 24.33 -21.56
N GLU A 673 -2.72 24.94 -22.74
CA GLU A 673 -1.39 25.22 -23.28
C GLU A 673 -0.64 26.20 -22.38
N VAL A 674 -1.29 27.27 -21.97
CA VAL A 674 -0.64 28.26 -21.10
C VAL A 674 -0.39 27.67 -19.72
N ARG A 675 -1.35 26.93 -19.17
CA ARG A 675 -1.11 26.27 -17.90
C ARG A 675 0.12 25.38 -17.98
N GLU A 676 0.25 24.62 -19.07
CA GLU A 676 1.40 23.73 -19.19
C GLU A 676 2.70 24.52 -19.20
N ALA A 677 2.71 25.66 -19.87
CA ALA A 677 3.93 26.47 -19.89
C ALA A 677 4.27 26.94 -18.49
N ILE A 678 3.27 27.44 -17.75
CA ILE A 678 3.47 27.87 -16.38
C ILE A 678 3.99 26.72 -15.54
N ASP A 679 3.41 25.54 -15.72
CA ASP A 679 3.80 24.37 -14.95
C ASP A 679 5.23 23.94 -15.27
N PHE A 680 5.62 23.95 -16.54
CA PHE A 680 7.02 23.68 -16.90
C PHE A 680 7.95 24.64 -16.17
N LEU A 681 7.66 25.94 -16.24
CA LEU A 681 8.52 26.92 -15.60
C LEU A 681 8.66 26.63 -14.11
N ARG A 682 7.53 26.41 -13.44
CA ARG A 682 7.59 26.21 -11.99
C ARG A 682 8.18 24.85 -11.64
N TYR A 683 7.94 23.85 -12.47
CA TYR A 683 8.47 22.53 -12.19
C TYR A 683 9.97 22.51 -12.36
N TYR A 684 10.48 23.06 -13.46
CA TYR A 684 11.93 23.05 -13.64
C TYR A 684 12.61 23.96 -12.64
N ALA A 685 11.96 25.06 -12.25
CA ALA A 685 12.49 25.86 -11.16
C ALA A 685 12.63 25.04 -9.88
N GLU A 686 11.59 24.31 -9.51
CA GLU A 686 11.64 23.52 -8.29
C GLU A 686 12.66 22.41 -8.41
N GLN A 687 12.69 21.71 -9.55
CA GLN A 687 13.66 20.65 -9.73
C GLN A 687 15.08 21.19 -9.64
N THR A 688 15.30 22.41 -10.12
CA THR A 688 16.60 23.04 -9.99
C THR A 688 16.94 23.26 -8.53
N ARG A 689 16.01 23.84 -7.76
CA ARG A 689 16.25 24.10 -6.36
C ARG A 689 16.51 22.82 -5.58
N ARG A 690 15.99 21.69 -6.08
CA ARG A 690 16.24 20.42 -5.44
C ARG A 690 17.59 19.82 -5.80
N THR A 691 18.21 20.23 -6.90
CA THR A 691 19.32 19.43 -7.42
C THR A 691 20.60 20.18 -7.74
N LEU A 692 20.53 21.30 -8.46
CA LEU A 692 21.70 21.79 -9.15
C LEU A 692 22.69 22.47 -8.21
N GLY A 693 23.94 22.06 -8.30
CA GLY A 693 25.01 22.63 -7.52
C GLY A 693 26.20 22.95 -8.40
N PRO A 694 27.30 23.38 -7.78
CA PRO A 694 28.47 23.84 -8.56
C PRO A 694 29.05 22.77 -9.48
N GLY A 695 28.97 21.50 -9.11
CA GLY A 695 29.53 20.44 -9.92
C GLY A 695 28.70 20.00 -11.09
N HIS A 696 27.50 20.54 -11.25
CA HIS A 696 26.64 20.19 -12.38
C HIS A 696 26.78 21.32 -13.40
N GLY A 697 27.87 21.26 -14.15
CA GLY A 697 28.19 22.30 -15.09
C GLY A 697 27.30 22.25 -16.30
N PRO A 698 26.94 23.39 -16.86
CA PRO A 698 26.09 23.39 -18.06
C PRO A 698 26.83 22.83 -19.25
N LEU A 699 26.05 22.33 -20.21
CA LEU A 699 26.64 21.87 -21.47
C LEU A 699 27.25 23.02 -22.24
N GLY A 700 26.58 24.17 -22.28
CA GLY A 700 26.93 25.24 -23.17
C GLY A 700 25.71 25.64 -23.97
N PRO A 701 25.92 26.29 -25.11
CA PRO A 701 24.76 26.73 -25.91
C PRO A 701 23.90 25.54 -26.31
N ILE A 702 22.61 25.65 -26.01
CA ILE A 702 21.65 24.61 -26.35
CA ILE A 702 21.63 24.62 -26.33
C ILE A 702 20.69 25.15 -27.40
N VAL A 703 20.51 24.37 -28.45
CA VAL A 703 19.58 24.70 -29.52
C VAL A 703 18.26 24.02 -29.17
N CYS A 704 17.20 24.82 -29.01
CA CYS A 704 15.88 24.30 -28.67
C CYS A 704 15.01 24.48 -29.90
N ILE A 705 14.61 23.38 -30.50
CA ILE A 705 13.79 23.37 -31.69
C ILE A 705 12.46 22.76 -31.30
N SER A 706 11.38 23.47 -31.56
CA SER A 706 10.09 23.11 -31.02
C SER A 706 9.05 22.96 -32.12
N PRO A 707 7.97 22.24 -31.86
CA PRO A 707 6.95 21.99 -32.88
C PRO A 707 5.89 23.10 -32.85
N TRP A 708 5.09 23.13 -33.90
CA TRP A 708 4.06 24.16 -33.95
C TRP A 708 2.88 23.86 -33.03
N ASN A 709 2.66 22.60 -32.69
CA ASN A 709 1.34 22.21 -32.21
C ASN A 709 1.11 22.51 -30.75
N PHE A 710 2.18 22.61 -29.96
CA PHE A 710 2.12 23.12 -28.59
C PHE A 710 3.06 24.31 -28.60
N PRO A 711 2.64 25.41 -29.24
CA PRO A 711 3.60 26.46 -29.62
C PRO A 711 4.09 27.30 -28.47
N LEU A 712 3.45 27.23 -27.31
CA LEU A 712 3.97 27.88 -26.13
C LEU A 712 4.48 26.89 -25.09
N ALA A 713 3.76 25.79 -24.87
CA ALA A 713 4.12 24.91 -23.76
C ALA A 713 5.44 24.19 -24.01
N ILE A 714 5.56 23.47 -25.11
CA ILE A 714 6.79 22.74 -25.36
C ILE A 714 7.93 23.70 -25.63
N PHE A 715 7.64 24.76 -26.37
CA PHE A 715 8.61 25.82 -26.57
C PHE A 715 9.19 26.30 -25.25
N THR A 716 8.32 26.68 -24.31
CA THR A 716 8.77 27.18 -23.01
C THR A 716 9.46 26.10 -22.22
N GLY A 717 8.92 24.88 -22.24
CA GLY A 717 9.51 23.81 -21.45
C GLY A 717 10.96 23.55 -21.81
N GLN A 718 11.24 23.37 -23.09
CA GLN A 718 12.62 23.07 -23.49
C GLN A 718 13.55 24.20 -23.11
N ILE A 719 13.14 25.43 -23.43
CA ILE A 719 13.98 26.59 -23.15
C ILE A 719 14.17 26.79 -21.66
N ALA A 720 13.09 26.66 -20.88
CA ALA A 720 13.20 26.88 -19.44
C ALA A 720 14.17 25.88 -18.83
N ALA A 721 14.05 24.62 -19.22
CA ALA A 721 14.93 23.58 -18.71
C ALA A 721 16.38 23.88 -19.04
N ALA A 722 16.65 24.20 -20.30
CA ALA A 722 18.02 24.48 -20.70
C ALA A 722 18.58 25.69 -19.97
N LEU A 723 17.79 26.76 -19.88
CA LEU A 723 18.23 27.97 -19.19
C LEU A 723 18.49 27.71 -17.72
N VAL A 724 17.56 27.04 -17.04
CA VAL A 724 17.72 26.91 -15.60
C VAL A 724 18.88 25.98 -15.28
N ALA A 725 19.21 25.06 -16.20
CA ALA A 725 20.41 24.24 -16.05
C ALA A 725 21.68 25.04 -16.30
N GLY A 726 21.58 26.33 -16.61
CA GLY A 726 22.75 27.17 -16.80
C GLY A 726 23.26 27.29 -18.21
N ASN A 727 22.48 26.89 -19.20
CA ASN A 727 22.87 26.94 -20.61
C ASN A 727 22.22 28.14 -21.28
N PRO A 728 22.96 28.90 -22.08
CA PRO A 728 22.31 29.86 -22.96
C PRO A 728 21.59 29.11 -24.07
N VAL A 729 20.52 29.71 -24.56
CA VAL A 729 19.58 29.03 -25.44
C VAL A 729 19.43 29.77 -26.74
N LEU A 730 19.43 29.02 -27.83
CA LEU A 730 19.01 29.49 -29.14
C LEU A 730 17.65 28.83 -29.35
N ALA A 731 16.60 29.65 -29.38
CA ALA A 731 15.23 29.17 -29.45
C ALA A 731 14.75 29.30 -30.88
N LYS A 732 14.51 28.15 -31.52
CA LYS A 732 14.05 28.12 -32.91
C LYS A 732 12.63 27.58 -32.88
N PRO A 733 11.61 28.43 -32.84
CA PRO A 733 10.23 27.94 -32.82
C PRO A 733 9.83 27.49 -34.22
N ALA A 734 8.78 26.68 -34.27
CA ALA A 734 8.28 26.22 -35.54
C ALA A 734 7.90 27.41 -36.42
N GLU A 735 8.12 27.26 -37.72
CA GLU A 735 7.82 28.34 -38.64
C GLU A 735 6.35 28.73 -38.63
N GLU A 736 5.46 27.81 -38.26
CA GLU A 736 4.05 28.11 -38.29
C GLU A 736 3.61 29.02 -37.15
N THR A 737 4.29 28.96 -36.00
CA THR A 737 3.82 29.61 -34.79
C THR A 737 4.90 30.44 -34.10
N PRO A 738 5.49 31.42 -34.80
CA PRO A 738 6.55 32.22 -34.18
C PRO A 738 6.04 33.29 -33.22
N LEU A 739 4.79 33.72 -33.32
CA LEU A 739 4.36 34.87 -32.55
C LEU A 739 4.26 34.55 -31.07
N ILE A 740 3.61 33.43 -30.73
CA ILE A 740 3.49 33.09 -29.32
C ILE A 740 4.86 32.75 -28.74
N ALA A 741 5.74 32.19 -29.57
CA ALA A 741 7.11 31.95 -29.14
C ALA A 741 7.83 33.25 -28.83
N ALA A 742 7.66 34.26 -29.70
CA ALA A 742 8.30 35.54 -29.44
C ALA A 742 7.76 36.16 -28.16
N GLU A 743 6.47 35.99 -27.91
CA GLU A 743 5.89 36.50 -26.68
C GLU A 743 6.43 35.74 -25.46
N GLY A 744 6.59 34.42 -25.59
CA GLY A 744 7.20 33.66 -24.51
C GLY A 744 8.62 34.10 -24.21
N VAL A 745 9.41 34.35 -25.26
CA VAL A 745 10.76 34.87 -25.08
C VAL A 745 10.72 36.26 -24.44
N ARG A 746 9.80 37.11 -24.88
CA ARG A 746 9.66 38.43 -24.27
C ARG A 746 9.36 38.31 -22.79
N ILE A 747 8.48 37.39 -22.42
CA ILE A 747 8.14 37.18 -21.01
C ILE A 747 9.36 36.68 -20.23
N LEU A 748 10.08 35.69 -20.76
CA LEU A 748 11.27 35.18 -20.09
C LEU A 748 12.30 36.28 -19.91
N ARG A 749 12.49 37.10 -20.93
CA ARG A 749 13.42 38.22 -20.81
C ARG A 749 12.95 39.23 -19.77
N GLU A 750 11.65 39.53 -19.75
CA GLU A 750 11.13 40.41 -18.71
C GLU A 750 11.35 39.82 -17.32
N ALA A 751 11.23 38.50 -17.20
CA ALA A 751 11.44 37.82 -15.93
C ALA A 751 12.90 37.81 -15.50
N GLY A 752 13.81 38.25 -16.36
CA GLY A 752 15.19 38.43 -15.98
C GLY A 752 16.19 37.59 -16.75
N ILE A 753 15.76 36.75 -17.69
CA ILE A 753 16.70 36.02 -18.52
C ILE A 753 17.42 37.03 -19.40
N PRO A 754 18.75 37.14 -19.33
CA PRO A 754 19.44 38.12 -20.16
C PRO A 754 19.28 37.79 -21.64
N ALA A 755 19.30 38.84 -22.46
CA ALA A 755 19.20 38.66 -23.91
C ALA A 755 20.29 37.73 -24.44
N SER A 756 21.47 37.75 -23.82
CA SER A 756 22.55 36.89 -24.29
C SER A 756 22.27 35.43 -23.98
N ALA A 757 21.47 35.16 -22.94
CA ALA A 757 21.15 33.80 -22.55
C ALA A 757 19.96 33.22 -23.31
N LEU A 758 19.15 34.05 -23.94
CA LEU A 758 17.95 33.57 -24.63
C LEU A 758 17.78 34.38 -25.91
N GLN A 759 18.12 33.77 -27.02
CA GLN A 759 17.97 34.38 -28.33
C GLN A 759 16.89 33.65 -29.11
N LEU A 760 15.98 34.41 -29.68
CA LEU A 760 14.88 33.87 -30.47
C LEU A 760 15.27 33.95 -31.94
N LEU A 761 15.19 32.82 -32.64
CA LEU A 761 15.59 32.74 -34.04
CA LEU A 761 15.58 32.73 -34.05
C LEU A 761 14.43 32.15 -34.84
N PRO A 762 13.47 32.98 -35.24
CA PRO A 762 12.35 32.47 -36.04
C PRO A 762 12.83 32.01 -37.41
N GLY A 763 12.09 31.09 -37.99
CA GLY A 763 12.38 30.63 -39.33
C GLY A 763 12.02 29.16 -39.46
N ASP A 764 12.38 28.60 -40.61
CA ASP A 764 11.98 27.24 -40.94
C ASP A 764 13.05 26.25 -40.52
N GLY A 765 13.00 25.04 -41.07
CA GLY A 765 13.96 24.00 -40.72
C GLY A 765 15.40 24.36 -41.06
N ARG A 766 15.60 25.27 -42.01
CA ARG A 766 16.94 25.72 -42.34
C ARG A 766 17.59 26.44 -41.17
N VAL A 767 16.81 27.21 -40.42
CA VAL A 767 17.35 27.89 -39.25
C VAL A 767 17.69 26.87 -38.17
N GLY A 768 16.79 25.91 -37.96
CA GLY A 768 17.09 24.84 -37.03
C GLY A 768 18.33 24.07 -37.43
N ALA A 769 18.45 23.74 -38.71
CA ALA A 769 19.62 22.97 -39.15
C ALA A 769 20.90 23.77 -39.00
N ALA A 770 20.84 25.08 -39.31
CA ALA A 770 22.03 25.91 -39.18
C ALA A 770 22.47 25.98 -37.73
N LEU A 771 21.50 26.00 -36.81
CA LEU A 771 21.82 26.04 -35.39
C LEU A 771 22.43 24.72 -34.94
N VAL A 772 21.82 23.61 -35.34
CA VAL A 772 22.33 22.29 -34.98
C VAL A 772 23.76 22.12 -35.45
N ALA A 773 24.06 22.57 -36.66
CA ALA A 773 25.37 22.37 -37.26
C ALA A 773 26.43 23.34 -36.74
N ALA A 774 26.03 24.37 -35.99
CA ALA A 774 27.00 25.37 -35.54
C ALA A 774 27.99 24.77 -34.56
N ALA A 775 29.26 25.14 -34.71
CA ALA A 775 30.32 24.43 -34.00
C ALA A 775 30.19 24.56 -32.48
N GLU A 776 29.66 25.67 -31.98
CA GLU A 776 29.57 25.87 -30.55
C GLU A 776 28.31 25.28 -29.93
N THR A 777 27.44 24.67 -30.72
CA THR A 777 26.23 24.06 -30.19
C THR A 777 26.61 22.86 -29.33
N ALA A 778 26.22 22.91 -28.05
CA ALA A 778 26.65 21.93 -27.08
C ALA A 778 25.57 20.91 -26.75
N GLY A 779 24.35 21.12 -27.21
CA GLY A 779 23.26 20.19 -27.00
C GLY A 779 22.08 20.66 -27.80
N VAL A 780 21.20 19.71 -28.09
CA VAL A 780 20.03 19.96 -28.90
C VAL A 780 18.82 19.36 -28.21
N MET A 781 17.80 20.17 -28.01
CA MET A 781 16.52 19.70 -27.51
C MET A 781 15.54 19.87 -28.64
N PHE A 782 15.05 18.74 -29.16
CA PHE A 782 14.17 18.70 -30.30
C PHE A 782 12.86 18.04 -29.91
N THR A 783 11.76 18.69 -30.24
CA THR A 783 10.45 18.07 -30.21
C THR A 783 9.81 18.32 -31.56
N GLY A 784 9.34 17.25 -32.20
CA GLY A 784 8.87 17.36 -33.56
C GLY A 784 8.73 15.98 -34.15
N SER A 785 8.71 15.93 -35.49
CA SER A 785 8.49 14.65 -36.16
C SER A 785 9.72 13.76 -36.06
N THR A 786 9.46 12.45 -36.06
CA THR A 786 10.55 11.49 -36.03
C THR A 786 11.48 11.64 -37.22
N GLU A 787 10.92 11.96 -38.39
CA GLU A 787 11.73 12.10 -39.58
C GLU A 787 12.71 13.27 -39.48
N VAL A 788 12.26 14.39 -38.90
CA VAL A 788 13.17 15.51 -38.72
C VAL A 788 14.21 15.20 -37.66
N ALA A 789 13.80 14.57 -36.55
CA ALA A 789 14.76 14.16 -35.54
C ALA A 789 15.86 13.30 -36.14
N ARG A 790 15.49 12.43 -37.09
CA ARG A 790 16.48 11.57 -37.72
C ARG A 790 17.49 12.38 -38.53
N LEU A 791 17.04 13.45 -39.19
CA LEU A 791 17.96 14.35 -39.87
C LEU A 791 18.89 15.04 -38.88
N ILE A 792 18.35 15.48 -37.75
CA ILE A 792 19.18 16.11 -36.73
C ILE A 792 20.19 15.12 -36.17
N GLN A 793 19.74 13.89 -35.91
CA GLN A 793 20.63 12.84 -35.42
C GLN A 793 21.79 12.64 -36.40
N ALA A 794 21.50 12.64 -37.70
CA ALA A 794 22.56 12.47 -38.68
C ALA A 794 23.52 13.65 -38.67
N GLN A 795 22.99 14.87 -38.54
CA GLN A 795 23.83 16.07 -38.44
C GLN A 795 24.79 15.96 -37.27
N LEU A 796 24.27 15.59 -36.10
CA LEU A 796 25.08 15.52 -34.90
C LEU A 796 26.06 14.36 -34.90
N ALA A 797 25.83 13.33 -35.70
CA ALA A 797 26.75 12.20 -35.71
C ALA A 797 28.12 12.61 -36.22
N ASP A 798 28.21 13.72 -36.97
CA ASP A 798 29.49 14.25 -37.41
C ASP A 798 30.25 14.92 -36.28
N ARG A 799 29.58 15.23 -35.18
CA ARG A 799 30.04 16.23 -34.24
C ARG A 799 30.51 15.59 -32.94
N LEU A 800 31.53 16.19 -32.34
CA LEU A 800 31.92 15.89 -30.98
C LEU A 800 32.11 17.19 -30.23
N SER A 801 31.86 17.15 -28.92
CA SER A 801 32.15 18.27 -28.05
C SER A 801 33.67 18.51 -28.02
N PRO A 802 34.10 19.65 -27.48
CA PRO A 802 35.55 19.84 -27.27
C PRO A 802 36.19 18.76 -26.42
N ALA A 803 35.44 18.14 -25.53
CA ALA A 803 35.94 17.00 -24.77
C ALA A 803 35.95 15.71 -25.58
N GLY A 804 35.53 15.75 -26.85
CA GLY A 804 35.50 14.56 -27.67
C GLY A 804 34.36 13.59 -27.38
N ARG A 805 33.19 14.09 -27.00
CA ARG A 805 32.07 13.23 -26.67
C ARG A 805 30.84 13.67 -27.46
N PRO A 806 29.86 12.78 -27.65
CA PRO A 806 28.69 13.13 -28.47
C PRO A 806 27.93 14.32 -27.90
N ILE A 807 27.38 15.13 -28.82
CA ILE A 807 26.52 16.26 -28.45
C ILE A 807 25.17 15.69 -28.00
N PRO A 808 24.75 15.93 -26.77
CA PRO A 808 23.47 15.38 -26.31
C PRO A 808 22.31 15.86 -27.16
N LEU A 809 21.41 14.92 -27.46
CA LEU A 809 20.19 15.19 -28.20
C LEU A 809 19.04 14.61 -27.41
N ILE A 810 18.10 15.46 -27.00
CA ILE A 810 16.79 15.02 -26.56
C ILE A 810 15.89 15.16 -27.77
N ALA A 811 15.31 14.06 -28.23
CA ALA A 811 14.49 14.07 -29.44
C ALA A 811 13.18 13.40 -29.08
N GLU A 812 12.14 14.21 -28.90
CA GLU A 812 10.83 13.75 -28.47
C GLU A 812 9.94 13.83 -29.70
N THR A 813 9.46 12.69 -30.16
CA THR A 813 8.95 12.58 -31.52
C THR A 813 7.52 12.03 -31.59
N GLY A 814 7.14 11.46 -32.72
CA GLY A 814 5.75 11.15 -32.98
C GLY A 814 5.23 9.92 -32.25
N GLY A 815 3.93 9.71 -32.40
CA GLY A 815 3.27 8.55 -31.82
C GLY A 815 2.35 7.89 -32.82
N GLN A 816 2.01 6.65 -32.52
CA GLN A 816 0.95 5.94 -33.23
C GLN A 816 0.07 5.33 -32.14
N ASN A 817 -0.61 6.20 -31.43
CA ASN A 817 -1.10 5.89 -30.10
C ASN A 817 -2.39 5.10 -30.19
N ALA A 818 -2.46 4.02 -29.42
CA ALA A 818 -3.62 3.14 -29.40
C ALA A 818 -4.36 3.24 -28.09
N MET A 819 -5.64 2.91 -28.14
CA MET A 819 -6.44 2.68 -26.96
C MET A 819 -7.14 1.33 -27.15
N ILE A 820 -7.03 0.47 -26.14
CA ILE A 820 -7.70 -0.82 -26.15
C ILE A 820 -8.92 -0.74 -25.25
N VAL A 821 -10.05 -1.20 -25.74
CA VAL A 821 -11.30 -1.15 -25.01
C VAL A 821 -11.86 -2.55 -24.99
N ASP A 822 -12.17 -3.06 -23.80
CA ASP A 822 -12.75 -4.39 -23.73
C ASP A 822 -14.25 -4.27 -23.43
N SER A 823 -14.90 -5.42 -23.31
CA SER A 823 -16.34 -5.44 -23.13
C SER A 823 -16.79 -5.02 -21.73
N SER A 824 -15.87 -4.78 -20.79
CA SER A 824 -16.24 -4.32 -19.47
C SER A 824 -16.31 -2.79 -19.37
N ALA A 825 -15.77 -2.08 -20.36
CA ALA A 825 -15.73 -0.63 -20.33
C ALA A 825 -17.12 -0.06 -20.56
N LEU A 826 -17.35 1.13 -20.03
CA LEU A 826 -18.63 1.81 -20.20
C LEU A 826 -18.60 2.60 -21.51
N ALA A 827 -19.48 2.27 -22.43
CA ALA A 827 -19.39 2.82 -23.79
C ALA A 827 -19.40 4.35 -23.78
N GLU A 828 -20.28 4.97 -22.97
CA GLU A 828 -20.36 6.43 -22.95
C GLU A 828 -19.05 7.04 -22.51
N GLN A 829 -18.38 6.43 -21.53
CA GLN A 829 -17.11 6.93 -21.05
C GLN A 829 -16.04 6.75 -22.12
N VAL A 830 -16.00 5.58 -22.75
CA VAL A 830 -15.08 5.34 -23.85
C VAL A 830 -15.25 6.39 -24.92
N VAL A 831 -16.50 6.60 -25.36
CA VAL A 831 -16.71 7.50 -26.49
C VAL A 831 -16.26 8.89 -26.17
N GLY A 832 -16.58 9.39 -24.96
CA GLY A 832 -16.12 10.71 -24.59
C GLY A 832 -14.60 10.81 -24.61
N ASP A 833 -13.94 9.79 -24.07
CA ASP A 833 -12.47 9.83 -24.04
C ASP A 833 -11.87 9.67 -25.42
N VAL A 834 -12.53 8.92 -26.30
CA VAL A 834 -12.06 8.74 -27.65
C VAL A 834 -12.24 10.01 -28.46
N ILE A 835 -13.43 10.61 -28.39
CA ILE A 835 -13.69 11.85 -29.12
C ILE A 835 -12.69 12.92 -28.71
N THR A 836 -12.44 13.05 -27.41
CA THR A 836 -11.46 14.01 -26.93
C THR A 836 -10.05 13.64 -27.39
N SER A 837 -9.66 12.38 -27.20
CA SER A 837 -8.28 12.00 -27.48
C SER A 837 -7.97 12.06 -28.97
N ALA A 838 -8.94 11.72 -29.82
CA ALA A 838 -8.66 11.66 -31.24
C ALA A 838 -8.81 13.01 -31.92
N PHE A 839 -9.75 13.83 -31.48
CA PHE A 839 -10.15 14.98 -32.28
C PHE A 839 -9.93 16.32 -31.61
N ASP A 840 -9.66 16.36 -30.32
CA ASP A 840 -9.24 17.61 -29.69
C ASP A 840 -8.06 18.17 -30.47
N SER A 841 -8.08 19.49 -30.69
CA SER A 841 -7.02 20.14 -31.45
C SER A 841 -6.89 19.57 -32.86
N ALA A 842 -7.99 19.06 -33.41
CA ALA A 842 -8.02 18.40 -34.70
C ALA A 842 -6.95 17.29 -34.78
N GLY A 843 -6.79 16.56 -33.68
CA GLY A 843 -5.82 15.48 -33.64
C GLY A 843 -4.39 15.92 -33.70
N GLN A 844 -4.13 17.21 -33.55
CA GLN A 844 -2.77 17.72 -33.65
C GLN A 844 -2.12 17.84 -32.28
N ARG A 845 -2.18 16.72 -31.56
CA ARG A 845 -1.42 16.48 -30.36
C ARG A 845 -0.59 15.24 -30.63
N CYS A 846 0.66 15.26 -30.18
CA CYS A 846 1.48 14.08 -30.37
C CYS A 846 0.90 12.88 -29.64
N SER A 847 0.17 13.14 -28.56
CA SER A 847 -0.48 12.14 -27.73
C SER A 847 -1.81 11.67 -28.29
N ALA A 848 -2.28 12.23 -29.40
CA ALA A 848 -3.65 11.99 -29.85
C ALA A 848 -3.86 10.51 -30.13
N LEU A 849 -5.09 10.06 -29.89
CA LEU A 849 -5.45 8.68 -30.18
C LEU A 849 -5.53 8.49 -31.68
N ARG A 850 -4.75 7.54 -32.19
CA ARG A 850 -4.74 7.22 -33.61
C ARG A 850 -5.43 5.91 -33.93
N VAL A 851 -5.40 4.94 -33.03
CA VAL A 851 -5.92 3.61 -33.29
C VAL A 851 -6.74 3.18 -32.09
N LEU A 852 -8.05 3.10 -32.28
CA LEU A 852 -8.95 2.59 -31.25
C LEU A 852 -9.17 1.10 -31.53
N CYS A 853 -8.96 0.27 -30.50
CA CYS A 853 -9.07 -1.17 -30.65
C CYS A 853 -10.22 -1.63 -29.79
N LEU A 854 -11.26 -2.17 -30.42
CA LEU A 854 -12.51 -2.49 -29.76
C LEU A 854 -12.68 -4.00 -29.73
N GLN A 855 -12.96 -4.53 -28.55
CA GLN A 855 -13.27 -5.95 -28.47
C GLN A 855 -14.52 -6.24 -29.29
N GLU A 856 -14.46 -7.35 -30.04
CA GLU A 856 -15.43 -7.61 -31.09
C GLU A 856 -16.86 -7.54 -30.57
N ASP A 857 -17.11 -8.07 -29.37
CA ASP A 857 -18.48 -8.17 -28.86
C ASP A 857 -19.13 -6.83 -28.60
N VAL A 858 -18.34 -5.77 -28.40
CA VAL A 858 -18.87 -4.44 -28.14
C VAL A 858 -18.56 -3.46 -29.25
N ALA A 859 -17.86 -3.91 -30.30
CA ALA A 859 -17.34 -2.96 -31.28
C ALA A 859 -18.45 -2.23 -32.02
N ASP A 860 -19.50 -2.96 -32.42
CA ASP A 860 -20.58 -2.32 -33.18
C ASP A 860 -21.29 -1.26 -32.35
N ARG A 861 -21.62 -1.58 -31.11
CA ARG A 861 -22.32 -0.61 -30.26
C ARG A 861 -21.45 0.63 -30.03
N ILE A 862 -20.17 0.43 -29.70
CA ILE A 862 -19.32 1.58 -29.45
C ILE A 862 -19.11 2.39 -30.71
N LEU A 863 -18.89 1.71 -31.84
CA LEU A 863 -18.69 2.41 -33.10
CA LEU A 863 -18.68 2.42 -33.10
C LEU A 863 -19.91 3.26 -33.47
N THR A 864 -21.10 2.70 -33.29
CA THR A 864 -22.31 3.47 -33.56
C THR A 864 -22.36 4.71 -32.68
N MET A 865 -22.08 4.54 -31.38
CA MET A 865 -22.08 5.68 -30.48
C MET A 865 -20.98 6.68 -30.86
N LEU A 866 -19.81 6.16 -31.24
CA LEU A 866 -18.72 7.04 -31.62
C LEU A 866 -19.08 7.88 -32.83
N LYS A 867 -19.66 7.26 -33.85
CA LYS A 867 -20.05 8.00 -35.04
C LYS A 867 -21.11 9.04 -34.72
N GLY A 868 -22.06 8.69 -33.85
CA GLY A 868 -23.05 9.67 -33.44
C GLY A 868 -22.43 10.84 -32.73
N ALA A 869 -21.45 10.57 -31.87
CA ALA A 869 -20.78 11.64 -31.14
C ALA A 869 -19.94 12.50 -32.09
N LEU A 870 -19.31 11.86 -33.08
CA LEU A 870 -18.51 12.59 -34.05
C LEU A 870 -19.34 13.68 -34.71
N HIS A 871 -20.58 13.37 -35.05
CA HIS A 871 -21.40 14.32 -35.79
C HIS A 871 -21.93 15.45 -34.94
N GLU A 872 -21.69 15.42 -33.64
CA GLU A 872 -22.06 16.54 -32.78
C GLU A 872 -20.94 17.55 -32.60
N LEU A 873 -19.80 17.35 -33.26
CA LEU A 873 -18.69 18.28 -33.11
C LEU A 873 -18.87 19.47 -34.05
N HIS A 874 -18.52 20.64 -33.56
CA HIS A 874 -18.55 21.88 -34.32
C HIS A 874 -17.12 22.21 -34.73
N ILE A 875 -16.89 22.25 -36.05
CA ILE A 875 -15.59 22.54 -36.62
C ILE A 875 -15.63 23.95 -37.21
N GLY A 876 -14.67 24.77 -36.84
CA GLY A 876 -14.64 26.11 -37.40
C GLY A 876 -13.51 26.93 -36.84
N ARG A 877 -13.51 28.21 -37.21
CA ARG A 877 -12.54 29.15 -36.67
C ARG A 877 -12.73 29.22 -35.16
N THR A 878 -11.62 29.19 -34.43
CA THR A 878 -11.65 28.84 -33.03
C THR A 878 -11.89 30.01 -32.09
N ASP A 879 -12.16 31.19 -32.63
CA ASP A 879 -12.49 32.33 -31.80
C ASP A 879 -13.97 32.35 -31.39
N ARG A 880 -14.60 31.18 -31.35
CA ARG A 880 -15.95 31.02 -30.83
C ARG A 880 -15.92 29.87 -29.83
N LEU A 881 -16.49 30.09 -28.65
CA LEU A 881 -16.53 29.05 -27.62
C LEU A 881 -17.21 27.79 -28.12
N SER A 882 -18.16 27.92 -29.03
CA SER A 882 -18.91 26.77 -29.50
C SER A 882 -18.10 25.88 -30.42
N VAL A 883 -16.90 26.28 -30.82
CA VAL A 883 -16.10 25.47 -31.72
C VAL A 883 -15.35 24.40 -30.94
N ASP A 884 -15.51 23.15 -31.36
CA ASP A 884 -14.85 22.03 -30.71
C ASP A 884 -13.52 21.70 -31.37
N VAL A 885 -13.48 21.79 -32.69
CA VAL A 885 -12.34 21.33 -33.46
C VAL A 885 -11.96 22.45 -34.41
N GLY A 886 -10.71 22.90 -34.31
CA GLY A 886 -10.23 23.95 -35.17
C GLY A 886 -9.59 23.41 -36.43
N PRO A 887 -8.82 24.27 -37.09
CA PRO A 887 -8.24 23.91 -38.38
C PRO A 887 -6.99 23.09 -38.19
N VAL A 888 -6.55 22.49 -39.28
CA VAL A 888 -5.18 22.02 -39.34
C VAL A 888 -4.26 23.19 -39.70
N ILE A 889 -2.97 23.05 -39.33
CA ILE A 889 -2.13 24.23 -39.25
C ILE A 889 -1.84 24.85 -40.62
N THR A 890 -1.73 24.04 -41.67
CA THR A 890 -1.39 24.57 -42.98
C THR A 890 -2.10 23.77 -44.06
N SER A 891 -2.11 24.34 -45.27
CA SER A 891 -2.63 23.62 -46.42
CA SER A 891 -2.64 23.61 -46.40
C SER A 891 -1.83 22.35 -46.67
N GLU A 892 -0.52 22.41 -46.43
CA GLU A 892 0.32 21.24 -46.63
C GLU A 892 -0.06 20.13 -45.66
N ALA A 893 -0.28 20.48 -44.40
CA ALA A 893 -0.76 19.49 -43.45
C ALA A 893 -2.10 18.94 -43.88
N LYS A 894 -3.01 19.82 -44.31
CA LYS A 894 -4.31 19.39 -44.81
C LYS A 894 -4.17 18.42 -45.97
N ASP A 895 -3.32 18.75 -46.95
CA ASP A 895 -3.16 17.88 -48.11
C ASP A 895 -2.59 16.53 -47.70
N ASN A 896 -1.64 16.51 -46.77
CA ASN A 896 -1.06 15.26 -46.32
C ASN A 896 -2.09 14.38 -45.63
N ILE A 897 -2.90 14.99 -44.76
CA ILE A 897 -3.92 14.22 -44.06
C ILE A 897 -4.96 13.70 -45.05
N GLU A 898 -5.41 14.56 -45.96
CA GLU A 898 -6.44 14.14 -46.90
C GLU A 898 -5.94 13.05 -47.84
N LYS A 899 -4.67 13.09 -48.22
CA LYS A 899 -4.12 12.02 -49.04
C LYS A 899 -4.22 10.69 -48.34
N HIS A 900 -3.95 10.68 -47.02
CA HIS A 900 -4.08 9.45 -46.25
C HIS A 900 -5.53 8.97 -46.24
N ILE A 901 -6.46 9.88 -45.96
CA ILE A 901 -7.87 9.50 -45.91
C ILE A 901 -8.29 8.88 -47.24
N GLU A 902 -7.88 9.48 -48.35
CA GLU A 902 -8.31 8.96 -49.65
C GLU A 902 -7.64 7.64 -49.99
N ARG A 903 -6.38 7.47 -49.58
CA ARG A 903 -5.74 6.16 -49.71
C ARG A 903 -6.54 5.09 -48.99
N MET A 904 -6.90 5.35 -47.73
CA MET A 904 -7.72 4.41 -46.97
C MET A 904 -9.06 4.18 -47.66
N ARG A 905 -9.71 5.26 -48.11
CA ARG A 905 -10.99 5.12 -48.80
C ARG A 905 -10.83 4.30 -50.07
N GLY A 906 -9.72 4.50 -50.79
CA GLY A 906 -9.45 3.74 -51.99
C GLY A 906 -9.22 2.26 -51.75
N LEU A 907 -8.78 1.88 -50.55
CA LEU A 907 -8.61 0.48 -50.20
C LEU A 907 -9.90 -0.18 -49.76
N GLY A 908 -11.02 0.53 -49.78
CA GLY A 908 -12.29 -0.02 -49.37
C GLY A 908 -12.65 0.17 -47.92
N ARG A 909 -11.78 0.81 -47.13
CA ARG A 909 -12.05 0.98 -45.71
C ARG A 909 -13.23 1.93 -45.51
N LYS A 910 -14.07 1.63 -44.52
CA LYS A 910 -15.20 2.47 -44.20
C LYS A 910 -14.72 3.77 -43.56
N VAL A 911 -15.15 4.90 -44.11
CA VAL A 911 -14.70 6.22 -43.68
C VAL A 911 -15.94 7.03 -43.30
N GLU A 912 -15.97 7.50 -42.05
CA GLU A 912 -17.01 8.39 -41.55
C GLU A 912 -16.40 9.76 -41.38
N GLN A 913 -17.05 10.79 -41.93
CA GLN A 913 -16.54 12.15 -41.81
C GLN A 913 -17.67 13.12 -41.50
N ILE A 914 -17.37 14.09 -40.64
CA ILE A 914 -18.25 15.21 -40.40
C ILE A 914 -18.36 16.05 -41.66
N GLY A 915 -19.56 16.58 -41.92
CA GLY A 915 -19.70 17.58 -42.97
C GLY A 915 -19.25 18.93 -42.43
N LEU A 916 -18.43 19.62 -43.20
CA LEU A 916 -17.90 20.91 -42.78
C LEU A 916 -18.76 22.04 -43.29
N ALA A 917 -18.84 23.11 -42.49
CA ALA A 917 -19.59 24.28 -42.89
C ALA A 917 -18.84 25.04 -43.98
N SER A 918 -19.59 25.83 -44.75
CA SER A 918 -18.98 26.60 -45.84
C SER A 918 -17.94 27.57 -45.32
N GLU A 919 -18.10 28.05 -44.08
CA GLU A 919 -17.18 29.02 -43.50
C GLU A 919 -15.77 28.48 -43.37
N THR A 920 -15.60 27.16 -43.38
CA THR A 920 -14.26 26.59 -43.26
C THR A 920 -13.41 26.83 -44.50
N GLY A 921 -14.05 27.19 -45.62
CA GLY A 921 -13.31 27.34 -46.87
C GLY A 921 -12.22 28.39 -46.82
N VAL A 922 -12.36 29.38 -45.94
CA VAL A 922 -11.34 30.42 -45.82
C VAL A 922 -10.12 29.98 -45.02
N GLY A 923 -10.19 28.82 -44.37
CA GLY A 923 -9.02 28.29 -43.68
C GLY A 923 -8.67 26.90 -44.16
N THR A 924 -7.86 26.18 -43.39
CA THR A 924 -7.41 24.85 -43.78
C THR A 924 -7.96 23.86 -42.75
N PHE A 925 -9.07 23.23 -43.08
CA PHE A 925 -9.74 22.31 -42.16
C PHE A 925 -9.81 20.92 -42.77
N VAL A 926 -9.69 19.93 -41.89
CA VAL A 926 -9.95 18.54 -42.20
C VAL A 926 -11.06 18.08 -41.25
N PRO A 927 -12.14 17.50 -41.75
CA PRO A 927 -13.19 17.05 -40.85
C PRO A 927 -12.72 15.88 -40.02
N PRO A 928 -13.07 15.85 -38.74
CA PRO A 928 -12.85 14.64 -37.95
C PRO A 928 -13.35 13.42 -38.71
N THR A 929 -12.53 12.39 -38.71
CA THR A 929 -12.68 11.25 -39.60
C THR A 929 -12.46 9.98 -38.80
N ILE A 930 -13.31 8.99 -39.01
CA ILE A 930 -13.14 7.66 -38.43
C ILE A 930 -12.94 6.70 -39.58
N ILE A 931 -11.86 5.92 -39.53
CA ILE A 931 -11.52 4.96 -40.57
C ILE A 931 -11.46 3.58 -39.94
N GLU A 932 -12.24 2.65 -40.47
CA GLU A 932 -12.26 1.29 -39.94
C GLU A 932 -11.24 0.45 -40.68
N LEU A 933 -10.24 -0.04 -39.96
CA LEU A 933 -9.17 -0.82 -40.54
C LEU A 933 -9.39 -2.30 -40.30
N GLU A 934 -8.76 -3.10 -41.16
CA GLU A 934 -8.77 -4.55 -40.96
C GLU A 934 -7.67 -4.98 -40.01
N LYS A 935 -6.46 -4.46 -40.18
CA LYS A 935 -5.31 -4.80 -39.35
C LYS A 935 -4.57 -3.52 -38.98
N LEU A 936 -3.90 -3.56 -37.83
CA LEU A 936 -3.08 -2.42 -37.41
C LEU A 936 -1.95 -2.14 -38.39
N SER A 937 -1.53 -3.14 -39.16
CA SER A 937 -0.49 -2.94 -40.16
C SER A 937 -0.95 -2.09 -41.35
N ASP A 938 -2.26 -1.79 -41.44
CA ASP A 938 -2.73 -0.87 -42.47
C ASP A 938 -2.16 0.53 -42.31
N LEU A 939 -1.68 0.87 -41.11
CA LEU A 939 -1.04 2.16 -40.88
C LEU A 939 0.46 2.07 -41.09
N GLN A 940 1.02 3.11 -41.68
CA GLN A 940 2.46 3.17 -41.95
C GLN A 940 3.16 4.13 -40.99
N ARG A 941 2.83 5.42 -41.05
CA ARG A 941 3.43 6.43 -40.20
C ARG A 941 2.34 7.24 -39.52
N GLU A 942 2.76 8.04 -38.53
CA GLU A 942 1.86 8.95 -37.83
C GLU A 942 1.16 9.85 -38.83
N VAL A 943 -0.16 9.95 -38.73
CA VAL A 943 -0.95 10.91 -39.50
C VAL A 943 -1.43 11.97 -38.52
N PHE A 944 -0.82 13.15 -38.58
CA PHE A 944 -0.97 14.16 -37.54
C PHE A 944 -2.16 15.02 -37.90
N GLY A 945 -3.35 14.48 -37.64
CA GLY A 945 -4.58 15.14 -37.99
C GLY A 945 -5.75 14.45 -37.33
N PRO A 946 -6.97 14.89 -37.66
CA PRO A 946 -8.15 14.39 -36.94
C PRO A 946 -8.68 13.10 -37.56
N VAL A 947 -7.86 12.06 -37.50
CA VAL A 947 -8.13 10.79 -38.17
C VAL A 947 -7.98 9.67 -37.17
N LEU A 948 -9.10 9.09 -36.75
CA LEU A 948 -9.12 7.97 -35.84
C LEU A 948 -9.29 6.70 -36.66
N HIS A 949 -8.44 5.72 -36.39
CA HIS A 949 -8.58 4.43 -37.02
C HIS A 949 -9.13 3.46 -35.98
N VAL A 950 -9.98 2.54 -36.43
CA VAL A 950 -10.68 1.63 -35.54
C VAL A 950 -10.40 0.21 -35.99
N ILE A 951 -9.93 -0.62 -35.08
CA ILE A 951 -9.76 -2.03 -35.35
C ILE A 951 -10.50 -2.83 -34.29
N ARG A 952 -10.86 -4.04 -34.65
CA ARG A 952 -11.61 -4.93 -33.77
C ARG A 952 -10.72 -6.11 -33.42
N TYR A 953 -10.92 -6.64 -32.21
CA TYR A 953 -10.13 -7.78 -31.80
C TYR A 953 -11.00 -8.73 -30.99
N ARG A 954 -10.70 -10.03 -31.13
CA ARG A 954 -11.31 -11.05 -30.30
C ARG A 954 -10.56 -11.11 -28.97
N ARG A 955 -11.31 -11.33 -27.88
CA ARG A 955 -10.72 -11.27 -26.55
C ARG A 955 -9.49 -12.15 -26.41
N ASP A 956 -9.54 -13.36 -26.96
CA ASP A 956 -8.39 -14.25 -26.82
C ASP A 956 -7.15 -13.72 -27.52
N ASP A 957 -7.32 -12.79 -28.45
CA ASP A 957 -6.20 -12.23 -29.21
C ASP A 957 -5.68 -10.94 -28.60
N LEU A 958 -6.07 -10.61 -27.37
CA LEU A 958 -5.63 -9.38 -26.73
C LEU A 958 -4.11 -9.29 -26.70
N ASP A 959 -3.44 -10.39 -26.34
CA ASP A 959 -1.99 -10.31 -26.23
C ASP A 959 -1.35 -10.09 -27.59
N ARG A 960 -1.87 -10.75 -28.62
CA ARG A 960 -1.39 -10.49 -29.97
C ARG A 960 -1.63 -9.04 -30.36
N LEU A 961 -2.78 -8.49 -29.96
CA LEU A 961 -3.07 -7.09 -30.27
C LEU A 961 -2.04 -6.17 -29.63
N VAL A 962 -1.69 -6.41 -28.36
CA VAL A 962 -0.66 -5.60 -27.73
C VAL A 962 0.66 -5.72 -28.48
N ASP A 963 0.99 -6.92 -28.95
CA ASP A 963 2.15 -7.08 -29.82
C ASP A 963 2.03 -6.21 -31.06
N ASP A 964 0.85 -6.21 -31.69
CA ASP A 964 0.65 -5.40 -32.89
C ASP A 964 0.83 -3.91 -32.60
N VAL A 965 0.34 -3.45 -31.46
CA VAL A 965 0.54 -2.05 -31.09
C VAL A 965 2.02 -1.76 -30.93
N ASN A 966 2.72 -2.63 -30.20
CA ASN A 966 4.16 -2.45 -30.01
C ASN A 966 4.90 -2.51 -31.34
N ALA A 967 4.38 -3.29 -32.30
CA ALA A 967 5.09 -3.57 -33.54
C ALA A 967 5.23 -2.36 -34.44
N THR A 968 4.46 -1.29 -34.21
CA THR A 968 4.65 -0.08 -35.00
C THR A 968 6.03 0.54 -34.77
N GLY A 969 6.65 0.25 -33.63
CA GLY A 969 7.88 0.88 -33.26
C GLY A 969 7.71 2.17 -32.48
N TYR A 970 6.51 2.73 -32.46
CA TYR A 970 6.22 3.89 -31.65
C TYR A 970 5.97 3.46 -30.21
N GLY A 971 5.83 4.44 -29.33
CA GLY A 971 5.67 4.14 -27.93
C GLY A 971 5.45 5.37 -27.11
N LEU A 972 4.48 6.19 -27.53
CA LEU A 972 4.23 7.46 -26.86
C LEU A 972 3.11 7.31 -25.84
N THR A 973 1.85 7.52 -26.25
CA THR A 973 0.75 7.32 -25.32
C THR A 973 -0.01 6.05 -25.64
N PHE A 974 -0.69 5.55 -24.63
CA PHE A 974 -1.47 4.33 -24.76
C PHE A 974 -2.59 4.38 -23.74
N GLY A 975 -3.78 3.99 -24.18
CA GLY A 975 -4.93 3.97 -23.31
C GLY A 975 -5.53 2.58 -23.19
N LEU A 976 -6.11 2.31 -22.03
CA LEU A 976 -6.81 1.06 -21.81
C LEU A 976 -8.08 1.37 -21.05
N HIS A 977 -9.21 0.93 -21.58
CA HIS A 977 -10.49 1.06 -20.88
C HIS A 977 -10.93 -0.35 -20.53
N THR A 978 -10.92 -0.65 -19.24
CA THR A 978 -11.38 -1.93 -18.73
C THR A 978 -11.62 -1.73 -17.25
N ARG A 979 -12.51 -2.55 -16.72
CA ARG A 979 -12.70 -2.61 -15.29
C ARG A 979 -11.95 -3.77 -14.65
N LEU A 980 -11.26 -4.58 -15.45
CA LEU A 980 -10.79 -5.89 -14.99
C LEU A 980 -9.30 -5.84 -14.65
N ASP A 981 -8.97 -6.13 -13.38
CA ASP A 981 -7.58 -6.07 -12.95
C ASP A 981 -6.68 -7.00 -13.75
N GLU A 982 -7.17 -8.20 -14.10
CA GLU A 982 -6.33 -9.11 -14.86
C GLU A 982 -5.95 -8.49 -16.20
N THR A 983 -6.90 -7.81 -16.84
CA THR A 983 -6.62 -7.20 -18.12
C THR A 983 -5.69 -6.01 -17.96
N ILE A 984 -5.89 -5.21 -16.90
CA ILE A 984 -4.97 -4.11 -16.64
C ILE A 984 -3.55 -4.62 -16.44
N ALA A 985 -3.39 -5.66 -15.61
CA ALA A 985 -2.06 -6.18 -15.33
C ALA A 985 -1.42 -6.73 -16.60
N HIS A 986 -2.20 -7.48 -17.38
CA HIS A 986 -1.68 -8.06 -18.60
C HIS A 986 -1.25 -6.96 -19.57
N VAL A 987 -2.18 -6.07 -19.88
CA VAL A 987 -1.90 -5.08 -20.92
C VAL A 987 -0.79 -4.13 -20.49
N THR A 988 -0.84 -3.65 -19.25
CA THR A 988 0.19 -2.68 -18.87
C THR A 988 1.56 -3.32 -18.74
N SER A 989 1.63 -4.62 -18.48
CA SER A 989 2.93 -5.27 -18.39
CA SER A 989 2.91 -5.29 -18.39
C SER A 989 3.51 -5.55 -19.77
N ARG A 990 2.69 -5.62 -20.80
CA ARG A 990 3.13 -6.00 -22.14
C ARG A 990 3.27 -4.82 -23.09
N ILE A 991 2.50 -3.76 -22.88
CA ILE A 991 2.61 -2.58 -23.72
C ILE A 991 3.94 -1.92 -23.47
N LYS A 992 4.50 -1.31 -24.51
CA LYS A 992 5.77 -0.60 -24.43
C LYS A 992 5.53 0.83 -24.89
N ALA A 993 5.09 1.67 -23.96
CA ALA A 993 4.84 3.07 -24.25
C ALA A 993 5.16 3.89 -23.02
N GLY A 994 5.47 5.17 -23.24
CA GLY A 994 5.94 5.99 -22.15
C GLY A 994 4.86 6.55 -21.26
N ASN A 995 3.65 6.74 -21.78
CA ASN A 995 2.57 7.33 -21.02
C ASN A 995 1.34 6.46 -21.18
N LEU A 996 0.93 5.83 -20.09
CA LEU A 996 -0.22 4.95 -20.10
C LEU A 996 -1.35 5.64 -19.37
N TYR A 997 -2.57 5.34 -19.82
CA TYR A 997 -3.76 5.96 -19.24
C TYR A 997 -4.83 4.91 -19.13
N ILE A 998 -5.38 4.76 -17.94
CA ILE A 998 -6.36 3.72 -17.66
CA ILE A 998 -6.36 3.73 -17.68
C ILE A 998 -7.69 4.40 -17.37
N ASN A 999 -8.70 4.08 -18.18
CA ASN A 999 -10.06 4.54 -17.98
C ASN A 999 -10.20 6.05 -18.03
N ARG A 1000 -9.43 6.67 -18.93
CA ARG A 1000 -9.48 8.11 -19.13
C ARG A 1000 -8.94 8.40 -20.52
N ASN A 1001 -8.94 9.67 -20.90
CA ASN A 1001 -8.35 10.01 -22.18
C ASN A 1001 -6.83 9.85 -22.11
N ILE A 1002 -6.19 9.95 -23.28
CA ILE A 1002 -4.76 9.71 -23.36
C ILE A 1002 -3.98 10.98 -23.66
N ILE A 1003 -4.56 12.15 -23.43
N ILE A 1003 -4.58 12.15 -23.39
CA ILE A 1003 -3.86 13.38 -23.79
CA ILE A 1003 -4.02 13.44 -23.80
C ILE A 1003 -3.25 14.06 -22.58
C ILE A 1003 -3.99 14.40 -22.62
N GLY A 1004 -3.14 13.36 -21.45
N GLY A 1004 -3.33 15.54 -22.83
CA GLY A 1004 -2.63 13.96 -20.24
CA GLY A 1004 -3.21 16.53 -21.78
C GLY A 1004 -1.13 14.12 -20.26
C GLY A 1004 -2.38 16.10 -20.58
N ALA A 1005 -0.67 15.34 -20.05
N ALA A 1005 -1.24 15.46 -20.83
CA ALA A 1005 0.75 15.61 -19.95
CA ALA A 1005 -0.36 15.05 -19.74
C ALA A 1005 1.01 16.57 -18.80
C ALA A 1005 0.08 16.27 -18.94
N VAL A 1006 0.25 16.42 -17.74
N VAL A 1006 0.12 16.12 -17.62
CA VAL A 1006 0.32 17.30 -16.58
CA VAL A 1006 0.37 17.22 -16.70
C VAL A 1006 1.72 17.24 -16.01
C VAL A 1006 1.81 17.17 -16.24
N VAL A 1007 2.47 18.34 -16.19
CA VAL A 1007 3.86 18.41 -15.80
C VAL A 1007 4.02 17.92 -14.35
N GLY A 1008 5.00 17.06 -14.13
CA GLY A 1008 5.27 16.54 -12.81
C GLY A 1008 4.23 15.59 -12.27
N VAL A 1009 3.20 15.29 -13.06
CA VAL A 1009 2.14 14.38 -12.65
C VAL A 1009 2.05 13.22 -13.62
N GLN A 1010 1.99 13.52 -14.92
CA GLN A 1010 2.29 12.55 -15.97
C GLN A 1010 3.50 13.09 -16.73
N PRO A 1011 4.71 12.93 -16.18
CA PRO A 1011 5.92 13.24 -16.96
C PRO A 1011 5.78 12.58 -18.32
N PHE A 1012 6.05 13.35 -19.36
CA PHE A 1012 5.59 12.98 -20.68
C PHE A 1012 6.74 12.66 -21.59
N GLY A 1013 6.62 11.55 -22.29
CA GLY A 1013 7.57 11.22 -23.34
C GLY A 1013 7.61 9.72 -23.52
N GLY A 1014 7.92 9.33 -24.75
CA GLY A 1014 7.89 7.93 -25.09
C GLY A 1014 9.22 7.35 -25.51
N ARG A 1015 9.13 6.19 -26.13
CA ARG A 1015 10.29 5.37 -26.44
C ARG A 1015 10.18 4.94 -27.88
N GLY A 1016 11.19 4.20 -28.35
CA GLY A 1016 11.16 3.76 -29.72
C GLY A 1016 11.19 4.96 -30.64
N LEU A 1017 10.35 4.91 -31.68
CA LEU A 1017 10.24 6.01 -32.63
C LEU A 1017 9.67 7.27 -31.99
N SER A 1018 9.22 7.19 -30.74
CA SER A 1018 8.57 8.32 -30.09
C SER A 1018 9.50 9.16 -29.23
N GLY A 1019 10.71 8.71 -28.96
CA GLY A 1019 11.54 9.54 -28.14
C GLY A 1019 12.83 8.89 -27.70
N THR A 1020 13.81 9.72 -27.40
CA THR A 1020 15.01 9.29 -26.72
C THR A 1020 14.87 9.37 -25.22
N GLY A 1021 13.96 10.19 -24.73
CA GLY A 1021 13.97 10.59 -23.35
C GLY A 1021 15.18 11.45 -23.07
N PRO A 1022 15.32 11.90 -21.82
CA PRO A 1022 14.39 11.72 -20.70
C PRO A 1022 13.09 12.51 -20.89
N LYS A 1023 12.10 12.18 -20.08
CA LYS A 1023 10.79 12.80 -20.21
C LYS A 1023 10.81 14.27 -19.83
N ALA A 1024 10.21 15.09 -20.68
CA ALA A 1024 9.86 16.44 -20.28
C ALA A 1024 8.88 16.39 -19.12
N GLY A 1025 9.00 17.36 -18.22
CA GLY A 1025 8.10 17.40 -17.09
C GLY A 1025 8.34 16.31 -16.09
N GLY A 1026 9.51 15.69 -16.15
CA GLY A 1026 9.91 14.67 -15.22
C GLY A 1026 11.27 14.97 -14.63
N PRO A 1027 11.67 14.15 -13.66
CA PRO A 1027 12.81 14.50 -12.80
C PRO A 1027 14.16 14.19 -13.41
N LEU A 1028 14.22 13.47 -14.53
CA LEU A 1028 15.50 13.19 -15.17
C LEU A 1028 15.87 14.21 -16.21
N TYR A 1029 14.98 15.15 -16.50
CA TYR A 1029 15.14 16.04 -17.64
C TYR A 1029 16.33 16.96 -17.47
N LEU A 1030 16.38 17.69 -16.35
CA LEU A 1030 17.44 18.68 -16.20
C LEU A 1030 18.81 18.03 -16.21
N GLY A 1031 18.91 16.79 -15.73
CA GLY A 1031 20.20 16.13 -15.66
C GLY A 1031 20.83 15.87 -17.01
N ARG A 1032 20.04 15.84 -18.07
CA ARG A 1032 20.56 15.68 -19.41
C ARG A 1032 21.21 16.96 -19.94
N LEU A 1033 20.95 18.09 -19.29
CA LEU A 1033 21.37 19.38 -19.79
C LEU A 1033 22.57 19.92 -19.05
N VAL A 1034 23.22 19.08 -18.24
CA VAL A 1034 24.44 19.42 -17.57
C VAL A 1034 25.44 18.31 -17.86
N THR A 1035 26.72 18.61 -17.62
CA THR A 1035 27.76 17.65 -17.96
C THR A 1035 27.83 16.51 -16.95
N THR A 1036 27.50 16.77 -15.69
CA THR A 1036 27.46 15.75 -14.65
C THR A 1036 26.06 15.78 -14.07
N ALA A 1037 25.31 14.71 -14.28
CA ALA A 1037 23.91 14.70 -13.91
C ALA A 1037 23.77 14.64 -12.38
N PRO A 1038 22.89 15.44 -11.81
CA PRO A 1038 22.63 15.35 -10.37
C PRO A 1038 21.76 14.13 -10.07
N VAL A 1039 21.61 13.86 -8.78
CA VAL A 1039 20.68 12.84 -8.33
C VAL A 1039 19.30 13.46 -8.24
N PRO A 1040 18.35 13.04 -9.07
CA PRO A 1040 17.03 13.65 -9.02
C PRO A 1040 16.35 13.37 -7.69
N PRO A 1041 15.40 14.21 -7.29
CA PRO A 1041 14.60 13.89 -6.10
C PRO A 1041 13.94 12.53 -6.26
N GLN A 1042 13.92 11.78 -5.17
CA GLN A 1042 13.24 10.48 -5.07
C GLN A 1042 13.84 9.41 -5.96
N HIS A 1043 14.99 9.67 -6.57
CA HIS A 1043 15.56 8.79 -7.59
C HIS A 1043 16.49 7.79 -6.94
N SER A 1044 15.97 6.60 -6.65
CA SER A 1044 16.77 5.50 -6.11
C SER A 1044 15.89 4.27 -6.21
N SER A 1045 16.50 3.11 -5.98
CA SER A 1045 15.76 1.88 -5.92
C SER A 1045 16.49 0.91 -5.01
N VAL A 1046 15.72 0.21 -4.17
CA VAL A 1046 16.32 -0.81 -3.32
C VAL A 1046 16.50 -2.12 -4.03
N HIS A 1047 16.05 -2.22 -5.27
CA HIS A 1047 16.11 -3.48 -5.99
C HIS A 1047 17.38 -3.58 -6.81
N THR A 1048 17.94 -4.77 -6.85
CA THR A 1048 19.16 -5.03 -7.60
C THR A 1048 18.83 -6.05 -8.67
N ASP A 1049 19.21 -5.74 -9.89
CA ASP A 1049 18.93 -6.64 -10.98
C ASP A 1049 19.66 -7.96 -10.75
N PRO A 1050 18.97 -9.11 -10.85
CA PRO A 1050 19.60 -10.38 -10.49
C PRO A 1050 20.61 -10.85 -11.53
N VAL A 1051 20.43 -10.43 -12.77
CA VAL A 1051 21.41 -10.79 -13.80
C VAL A 1051 22.67 -9.99 -13.59
N LEU A 1052 22.53 -8.71 -13.21
CA LEU A 1052 23.69 -7.95 -12.77
C LEU A 1052 24.43 -8.70 -11.67
N LEU A 1053 23.70 -9.16 -10.65
CA LEU A 1053 24.36 -9.87 -9.55
C LEU A 1053 25.06 -11.11 -10.05
N ASP A 1054 24.42 -11.87 -10.95
CA ASP A 1054 25.07 -13.05 -11.50
C ASP A 1054 26.32 -12.66 -12.27
N PHE A 1055 26.26 -11.56 -13.00
CA PHE A 1055 27.43 -11.11 -13.75
C PHE A 1055 28.56 -10.71 -12.82
N ALA A 1056 28.23 -10.00 -11.74
CA ALA A 1056 29.26 -9.64 -10.77
C ALA A 1056 29.94 -10.87 -10.20
N LYS A 1057 29.18 -11.92 -9.87
CA LYS A 1057 29.82 -13.13 -9.36
C LYS A 1057 30.67 -13.80 -10.44
N TRP A 1058 30.20 -13.78 -11.67
CA TRP A 1058 30.99 -14.32 -12.79
C TRP A 1058 32.29 -13.56 -12.94
N LEU A 1059 32.24 -12.23 -12.85
CA LEU A 1059 33.45 -11.43 -12.97
C LEU A 1059 34.44 -11.78 -11.88
N ASP A 1060 33.97 -11.94 -10.65
CA ASP A 1060 34.86 -12.36 -9.57
C ASP A 1060 35.44 -13.74 -9.85
N GLY A 1061 34.62 -14.67 -10.35
CA GLY A 1061 35.15 -15.98 -10.68
C GLY A 1061 36.20 -15.94 -11.78
N LYS A 1062 36.09 -14.98 -12.69
CA LYS A 1062 37.08 -14.78 -13.73
C LYS A 1062 38.31 -14.04 -13.25
N GLY A 1063 38.30 -13.52 -12.03
CA GLY A 1063 39.40 -12.72 -11.51
C GLY A 1063 39.32 -11.24 -11.82
N ALA A 1064 38.23 -10.77 -12.42
CA ALA A 1064 38.05 -9.36 -12.76
C ALA A 1064 37.49 -8.64 -11.53
N ARG A 1065 38.33 -8.52 -10.51
CA ARG A 1065 37.86 -8.10 -9.20
C ARG A 1065 37.38 -6.65 -9.21
N ALA A 1066 38.15 -5.74 -9.81
CA ALA A 1066 37.71 -4.36 -9.86
C ALA A 1066 36.41 -4.22 -10.64
N GLU A 1067 36.27 -4.98 -11.73
CA GLU A 1067 35.05 -4.90 -12.53
C GLU A 1067 33.86 -5.48 -11.77
N ALA A 1068 34.08 -6.55 -11.03
CA ALA A 1068 33.01 -7.10 -10.20
C ALA A 1068 32.54 -6.08 -9.17
N GLU A 1069 33.47 -5.34 -8.57
CA GLU A 1069 33.09 -4.29 -7.64
C GLU A 1069 32.33 -3.18 -8.35
N ALA A 1070 32.78 -2.80 -9.54
CA ALA A 1070 32.08 -1.78 -10.30
C ALA A 1070 30.69 -2.27 -10.67
N ALA A 1071 30.57 -3.58 -10.94
CA ALA A 1071 29.27 -4.14 -11.28
C ALA A 1071 28.34 -4.09 -10.07
N ARG A 1072 28.83 -4.50 -8.89
CA ARG A 1072 28.01 -4.37 -7.69
C ARG A 1072 27.60 -2.92 -7.43
N ASN A 1073 28.52 -1.98 -7.64
CA ASN A 1073 28.20 -0.58 -7.45
C ASN A 1073 27.13 -0.12 -8.42
N ALA A 1074 27.23 -0.57 -9.68
CA ALA A 1074 26.19 -0.25 -10.66
C ALA A 1074 24.86 -0.84 -10.24
N GLY A 1075 24.88 -2.07 -9.72
CA GLY A 1075 23.65 -2.68 -9.25
C GLY A 1075 22.94 -1.84 -8.21
N SER A 1076 23.70 -1.28 -7.27
CA SER A 1076 23.14 -0.44 -6.22
C SER A 1076 22.74 0.92 -6.74
N SER A 1077 23.59 1.51 -7.60
CA SER A 1077 23.34 2.86 -8.09
CA SER A 1077 23.36 2.86 -8.10
C SER A 1077 22.17 2.92 -9.05
N SER A 1078 21.87 1.82 -9.71
CA SER A 1078 20.75 1.79 -10.64
C SER A 1078 19.45 2.13 -9.93
N ALA A 1079 18.61 2.92 -10.59
CA ALA A 1079 17.29 3.21 -10.06
C ALA A 1079 16.22 2.35 -10.72
N LEU A 1080 16.62 1.35 -11.49
CA LEU A 1080 15.67 0.38 -12.02
C LEU A 1080 14.77 -0.13 -10.91
N GLY A 1081 13.47 -0.09 -11.14
CA GLY A 1081 12.53 -0.55 -10.14
C GLY A 1081 11.93 0.55 -9.29
N LEU A 1082 12.43 1.78 -9.43
CA LEU A 1082 11.76 2.92 -8.82
CA LEU A 1082 11.76 2.93 -8.83
C LEU A 1082 10.29 2.89 -9.18
N ASP A 1083 9.44 3.12 -8.19
CA ASP A 1083 7.99 2.98 -8.40
C ASP A 1083 7.33 3.97 -7.45
N LEU A 1084 6.90 5.11 -7.99
CA LEU A 1084 6.43 6.20 -7.17
C LEU A 1084 5.03 6.59 -7.58
N GLU A 1085 4.28 7.13 -6.62
CA GLU A 1085 3.02 7.79 -6.91
C GLU A 1085 3.26 9.28 -6.79
N LEU A 1086 2.89 10.02 -7.83
CA LEU A 1086 3.13 11.45 -7.86
C LEU A 1086 1.88 12.20 -7.39
N PRO A 1087 2.06 13.26 -6.62
CA PRO A 1087 0.92 14.04 -6.16
C PRO A 1087 0.14 14.61 -7.33
N GLY A 1088 -1.18 14.56 -7.21
CA GLY A 1088 -2.04 15.09 -8.23
C GLY A 1088 -3.46 15.24 -7.73
N PRO A 1089 -4.40 15.31 -8.65
CA PRO A 1089 -5.78 15.52 -8.27
C PRO A 1089 -6.36 14.26 -7.65
N VAL A 1090 -7.41 14.47 -6.85
CA VAL A 1090 -8.18 13.34 -6.35
C VAL A 1090 -8.79 12.56 -7.52
N GLY A 1091 -9.13 11.31 -7.24
CA GLY A 1091 -9.80 10.51 -8.24
C GLY A 1091 -8.90 10.04 -9.34
N GLU A 1092 -7.60 10.13 -9.13
CA GLU A 1092 -6.62 9.68 -10.10
C GLU A 1092 -5.42 9.18 -9.33
N ARG A 1093 -4.78 8.16 -9.85
CA ARG A 1093 -3.50 7.70 -9.33
C ARG A 1093 -2.49 7.85 -10.46
N ASN A 1094 -1.43 8.58 -10.17
CA ASN A 1094 -0.45 8.92 -11.19
C ASN A 1094 0.86 8.31 -10.76
N LEU A 1095 1.32 7.35 -11.53
CA LEU A 1095 2.45 6.51 -11.16
C LEU A 1095 3.61 6.76 -12.09
N TYR A 1096 4.81 6.61 -11.55
CA TYR A 1096 6.03 6.90 -12.28
C TYR A 1096 7.00 5.79 -11.93
N THR A 1097 7.46 5.07 -12.94
CA THR A 1097 8.27 3.89 -12.70
C THR A 1097 9.46 3.89 -13.65
N LEU A 1098 10.56 3.28 -13.22
CA LEU A 1098 11.75 3.12 -14.05
C LEU A 1098 11.91 1.67 -14.42
N HIS A 1099 11.95 1.40 -15.71
CA HIS A 1099 12.09 0.06 -16.26
C HIS A 1099 13.37 0.00 -17.09
N ALA A 1100 13.68 -1.20 -17.54
CA ALA A 1100 14.74 -1.34 -18.51
C ALA A 1100 14.35 -0.65 -19.82
N ARG A 1101 15.36 -0.17 -20.54
CA ARG A 1101 15.12 0.40 -21.85
CA ARG A 1101 15.13 0.40 -21.85
C ARG A 1101 14.84 -0.69 -22.89
N GLY A 1102 15.55 -1.81 -22.81
CA GLY A 1102 15.38 -2.85 -23.80
C GLY A 1102 16.72 -3.46 -24.11
N ARG A 1103 17.09 -3.51 -25.39
CA ARG A 1103 18.38 -4.06 -25.78
C ARG A 1103 19.32 -2.90 -26.08
N ILE A 1104 20.43 -2.87 -25.35
CA ILE A 1104 21.42 -1.81 -25.51
C ILE A 1104 22.51 -2.33 -26.42
N LEU A 1105 22.87 -1.53 -27.43
CA LEU A 1105 24.02 -1.84 -28.27
C LEU A 1105 25.29 -1.49 -27.51
N LEU A 1106 26.18 -2.46 -27.34
CA LEU A 1106 27.47 -2.23 -26.71
C LEU A 1106 28.54 -2.24 -27.78
N VAL A 1107 29.33 -1.19 -27.83
CA VAL A 1107 30.45 -1.10 -28.76
C VAL A 1107 31.70 -0.92 -27.92
N PRO A 1108 32.26 -2.01 -27.39
CA PRO A 1108 33.42 -1.90 -26.51
C PRO A 1108 34.69 -1.84 -27.33
N ALA A 1109 35.76 -1.44 -26.68
CA ALA A 1109 37.10 -1.49 -27.25
C ALA A 1109 38.04 -2.38 -26.48
N THR A 1110 37.87 -2.48 -25.16
CA THR A 1110 38.73 -3.29 -24.32
C THR A 1110 37.85 -4.22 -23.50
N GLU A 1111 38.48 -5.27 -22.98
CA GLU A 1111 37.76 -6.20 -22.11
C GLU A 1111 37.19 -5.49 -20.90
N SER A 1112 38.00 -4.65 -20.24
CA SER A 1112 37.49 -3.93 -19.07
C SER A 1112 36.36 -3.00 -19.45
N GLY A 1113 36.49 -2.32 -20.59
CA GLY A 1113 35.39 -1.48 -21.06
C GLY A 1113 34.13 -2.28 -21.29
N LEU A 1114 34.27 -3.46 -21.90
CA LEU A 1114 33.11 -4.31 -22.11
C LEU A 1114 32.47 -4.71 -20.78
N TYR A 1115 33.28 -5.08 -19.79
CA TYR A 1115 32.72 -5.48 -18.51
C TYR A 1115 31.98 -4.32 -17.85
N HIS A 1116 32.54 -3.10 -17.95
CA HIS A 1116 31.87 -1.94 -17.40
C HIS A 1116 30.59 -1.63 -18.16
N GLN A 1117 30.61 -1.75 -19.49
CA GLN A 1117 29.41 -1.50 -20.26
C GLN A 1117 28.34 -2.50 -19.92
N LEU A 1118 28.73 -3.78 -19.84
CA LEU A 1118 27.76 -4.82 -19.50
CA LEU A 1118 27.77 -4.83 -19.49
C LEU A 1118 27.20 -4.60 -18.11
N ALA A 1119 28.05 -4.22 -17.16
CA ALA A 1119 27.55 -3.97 -15.81
C ALA A 1119 26.53 -2.85 -15.81
N ALA A 1120 26.81 -1.76 -16.52
CA ALA A 1120 25.88 -0.65 -16.56
C ALA A 1120 24.56 -1.08 -17.18
N ALA A 1121 24.62 -1.83 -18.28
CA ALA A 1121 23.41 -2.22 -18.98
C ALA A 1121 22.62 -3.24 -18.16
N LEU A 1122 23.29 -4.22 -17.57
CA LEU A 1122 22.59 -5.24 -16.81
C LEU A 1122 22.00 -4.67 -15.53
N ALA A 1123 22.73 -3.76 -14.87
CA ALA A 1123 22.24 -3.15 -13.64
C ALA A 1123 20.95 -2.39 -13.87
N THR A 1124 20.70 -1.94 -15.10
CA THR A 1124 19.50 -1.22 -15.44
C THR A 1124 18.50 -2.11 -16.16
N GLY A 1125 18.69 -3.42 -16.08
CA GLY A 1125 17.68 -4.38 -16.49
C GLY A 1125 17.70 -4.73 -17.95
N ASN A 1126 18.66 -4.22 -18.71
CA ASN A 1126 18.64 -4.36 -20.15
C ASN A 1126 19.29 -5.65 -20.60
N SER A 1127 18.94 -6.04 -21.81
CA SER A 1127 19.76 -6.99 -22.55
C SER A 1127 20.75 -6.20 -23.40
N VAL A 1128 21.68 -6.90 -24.03
CA VAL A 1128 22.69 -6.22 -24.83
C VAL A 1128 22.92 -6.96 -26.13
N ALA A 1129 23.31 -6.20 -27.14
CA ALA A 1129 23.95 -6.75 -28.34
C ALA A 1129 25.34 -6.16 -28.37
N ILE A 1130 26.35 -7.01 -28.32
CA ILE A 1130 27.73 -6.58 -28.27
C ILE A 1130 28.29 -6.61 -29.68
N ASP A 1131 28.97 -5.54 -30.08
CA ASP A 1131 29.60 -5.46 -31.38
C ASP A 1131 30.58 -6.60 -31.57
N ALA A 1132 30.29 -7.51 -32.50
CA ALA A 1132 31.17 -8.64 -32.76
C ALA A 1132 32.49 -8.20 -33.35
N ALA A 1133 32.53 -7.05 -34.03
CA ALA A 1133 33.78 -6.56 -34.61
C ALA A 1133 34.77 -6.10 -33.55
N SER A 1134 34.37 -6.05 -32.27
CA SER A 1134 35.30 -5.70 -31.21
C SER A 1134 36.32 -6.79 -30.98
N GLY A 1135 36.06 -8.01 -31.45
CA GLY A 1135 36.95 -9.13 -31.22
C GLY A 1135 37.05 -9.57 -29.78
N LEU A 1136 36.08 -9.19 -28.95
CA LEU A 1136 36.16 -9.46 -27.52
C LEU A 1136 35.37 -10.69 -27.10
N GLN A 1137 34.99 -11.53 -28.06
CA GLN A 1137 34.20 -12.73 -27.72
C GLN A 1137 34.85 -13.56 -26.62
N ALA A 1138 36.18 -13.72 -26.66
CA ALA A 1138 36.84 -14.56 -25.66
C ALA A 1138 36.79 -13.98 -24.26
N SER A 1139 36.37 -12.72 -24.10
CA SER A 1139 36.28 -12.13 -22.78
C SER A 1139 35.01 -12.54 -22.04
N LEU A 1140 34.05 -13.16 -22.71
CA LEU A 1140 32.77 -13.51 -22.13
C LEU A 1140 32.51 -15.01 -22.17
N LYS A 1141 33.56 -15.81 -21.91
CA LYS A 1141 33.42 -17.25 -21.94
C LYS A 1141 32.77 -17.76 -20.65
N ASN A 1142 31.90 -18.76 -20.79
CA ASN A 1142 31.34 -19.48 -19.65
C ASN A 1142 30.38 -18.61 -18.82
N LEU A 1143 29.65 -17.71 -19.49
CA LEU A 1143 28.70 -16.89 -18.75
C LEU A 1143 27.66 -17.78 -18.08
N PRO A 1144 27.16 -17.37 -16.91
CA PRO A 1144 25.98 -18.02 -16.36
C PRO A 1144 24.84 -17.91 -17.36
N GLN A 1145 23.99 -18.94 -17.39
CA GLN A 1145 22.86 -18.94 -18.32
C GLN A 1145 22.01 -17.69 -18.20
N THR A 1146 21.81 -17.19 -16.96
CA THR A 1146 20.99 -15.99 -16.78
C THR A 1146 21.58 -14.79 -17.50
N VAL A 1147 22.90 -14.68 -17.50
CA VAL A 1147 23.54 -13.57 -18.21
C VAL A 1147 23.55 -13.83 -19.70
N GLY A 1148 23.85 -15.08 -20.10
CA GLY A 1148 23.84 -15.40 -21.51
C GLY A 1148 22.52 -15.09 -22.18
N LEU A 1149 21.40 -15.29 -21.47
CA LEU A 1149 20.09 -14.99 -22.04
C LEU A 1149 19.97 -13.53 -22.40
N ARG A 1150 20.72 -12.66 -21.72
CA ARG A 1150 20.67 -11.23 -21.98
C ARG A 1150 21.72 -10.76 -22.97
N VAL A 1151 22.62 -11.63 -23.39
CA VAL A 1151 23.77 -11.24 -24.21
C VAL A 1151 23.61 -11.83 -25.60
N SER A 1152 23.72 -10.99 -26.61
CA SER A 1152 23.87 -11.43 -27.98
C SER A 1152 25.06 -10.70 -28.57
N TRP A 1153 25.62 -11.28 -29.62
CA TRP A 1153 26.70 -10.66 -30.36
C TRP A 1153 26.18 -10.27 -31.73
N SER A 1154 26.57 -9.08 -32.19
CA SER A 1154 26.00 -8.52 -33.41
C SER A 1154 27.11 -8.17 -34.38
N LYS A 1155 27.10 -8.82 -35.54
CA LYS A 1155 27.98 -8.43 -36.63
C LYS A 1155 27.35 -7.40 -37.53
N ASP A 1156 26.03 -7.38 -37.62
CA ASP A 1156 25.27 -6.48 -38.47
C ASP A 1156 24.29 -5.76 -37.54
N TRP A 1157 24.70 -4.61 -37.00
CA TRP A 1157 23.88 -3.94 -36.01
C TRP A 1157 22.49 -3.65 -36.55
N ALA A 1158 22.38 -3.25 -37.82
CA ALA A 1158 21.07 -2.91 -38.36
C ALA A 1158 20.13 -4.10 -38.41
N ALA A 1159 20.68 -5.31 -38.47
CA ALA A 1159 19.85 -6.51 -38.52
C ALA A 1159 19.33 -6.91 -37.14
N ASP A 1160 20.00 -6.50 -36.08
CA ASP A 1160 19.72 -7.01 -34.74
C ASP A 1160 19.01 -6.00 -33.85
N GLY A 1161 18.58 -4.87 -34.41
CA GLY A 1161 17.80 -3.90 -33.67
C GLY A 1161 16.32 -4.27 -33.63
N PRO A 1162 15.49 -3.34 -33.16
CA PRO A 1162 15.81 -1.99 -32.69
C PRO A 1162 16.51 -2.05 -31.35
N PHE A 1163 17.48 -1.17 -31.14
CA PHE A 1163 18.07 -1.00 -29.83
C PHE A 1163 17.38 0.14 -29.11
N ALA A 1164 17.64 0.23 -27.80
CA ALA A 1164 17.03 1.27 -26.99
C ALA A 1164 18.09 2.20 -26.41
N GLY A 1165 19.33 2.07 -26.84
CA GLY A 1165 20.41 2.92 -26.41
C GLY A 1165 21.70 2.26 -26.82
N ALA A 1166 22.79 2.95 -26.56
CA ALA A 1166 24.09 2.41 -26.93
C ALA A 1166 25.14 2.90 -25.95
N LEU A 1167 26.12 2.06 -25.71
CA LEU A 1167 27.30 2.41 -24.94
C LEU A 1167 28.50 2.18 -25.83
N VAL A 1168 29.36 3.18 -25.93
CA VAL A 1168 30.50 3.15 -26.83
C VAL A 1168 31.76 3.44 -26.04
N GLU A 1169 32.81 2.67 -26.33
CA GLU A 1169 34.14 2.90 -25.76
C GLU A 1169 35.10 3.19 -26.90
N GLY A 1170 35.90 4.23 -26.77
CA GLY A 1170 36.95 4.45 -27.74
C GLY A 1170 37.50 5.84 -27.63
N ASP A 1171 38.54 6.10 -28.42
CA ASP A 1171 39.03 7.46 -28.54
C ASP A 1171 38.05 8.31 -29.35
N ALA A 1172 38.35 9.59 -29.47
CA ALA A 1172 37.39 10.53 -30.05
C ALA A 1172 37.01 10.13 -31.47
N GLU A 1173 37.98 9.71 -32.29
CA GLU A 1173 37.63 9.38 -33.66
C GLU A 1173 36.90 8.04 -33.76
N ARG A 1174 37.20 7.10 -32.87
CA ARG A 1174 36.40 5.88 -32.80
C ARG A 1174 34.97 6.20 -32.42
N ILE A 1175 34.78 7.08 -31.43
CA ILE A 1175 33.45 7.48 -31.01
C ILE A 1175 32.70 8.14 -32.16
N ARG A 1176 33.37 9.04 -32.89
CA ARG A 1176 32.72 9.71 -34.01
C ARG A 1176 32.28 8.70 -35.05
N ALA A 1177 33.16 7.76 -35.39
CA ALA A 1177 32.83 6.75 -36.39
C ALA A 1177 31.67 5.88 -35.94
N VAL A 1178 31.71 5.43 -34.69
CA VAL A 1178 30.61 4.61 -34.16
C VAL A 1178 29.32 5.40 -34.14
N ASN A 1179 29.39 6.67 -33.73
CA ASN A 1179 28.19 7.49 -33.67
C ASN A 1179 27.56 7.62 -35.05
N LYS A 1180 28.39 7.73 -36.09
CA LYS A 1180 27.87 7.77 -37.46
C LYS A 1180 27.21 6.45 -37.84
N ALA A 1181 27.84 5.33 -37.49
CA ALA A 1181 27.24 4.03 -37.79
C ALA A 1181 25.94 3.82 -37.02
N ILE A 1182 25.89 4.29 -35.78
CA ILE A 1182 24.66 4.14 -34.99
C ILE A 1182 23.55 5.00 -35.58
N ALA A 1183 23.88 6.22 -35.98
CA ALA A 1183 22.86 7.10 -36.54
C ALA A 1183 22.27 6.50 -37.80
N ALA A 1184 23.04 5.68 -38.51
CA ALA A 1184 22.57 5.08 -39.75
C ALA A 1184 21.66 3.88 -39.52
N LEU A 1185 21.54 3.42 -38.28
CA LEU A 1185 20.68 2.28 -38.03
C LEU A 1185 19.23 2.66 -38.28
N PRO A 1186 18.44 1.76 -38.85
CA PRO A 1186 17.03 2.06 -39.08
C PRO A 1186 16.29 2.20 -37.77
N GLY A 1187 15.24 3.02 -37.80
CA GLY A 1187 14.31 3.04 -36.70
C GLY A 1187 14.58 4.12 -35.69
N PRO A 1188 14.58 3.75 -34.42
CA PRO A 1188 14.57 4.77 -33.36
C PRO A 1188 15.91 5.46 -33.25
N LEU A 1189 15.86 6.73 -32.87
CA LEU A 1189 17.06 7.40 -32.44
C LEU A 1189 17.55 6.74 -31.16
N LEU A 1190 18.85 6.49 -31.10
CA LEU A 1190 19.44 5.84 -29.93
C LEU A 1190 20.12 6.88 -29.05
N LEU A 1191 19.84 6.82 -27.77
CA LEU A 1191 20.59 7.61 -26.80
C LEU A 1191 21.93 6.93 -26.60
N VAL A 1192 22.97 7.54 -27.14
CA VAL A 1192 24.32 6.98 -27.13
C VAL A 1192 25.11 7.65 -26.02
N GLN A 1193 25.83 6.85 -25.26
CA GLN A 1193 26.80 7.36 -24.31
C GLN A 1193 28.16 6.81 -24.68
N ALA A 1194 29.15 7.68 -24.72
CA ALA A 1194 30.48 7.29 -25.11
C ALA A 1194 31.48 7.65 -24.02
N ALA A 1195 32.55 6.87 -23.96
CA ALA A 1195 33.62 7.15 -23.03
C ALA A 1195 34.89 6.56 -23.59
N SER A 1196 36.01 7.17 -23.23
CA SER A 1196 37.29 6.57 -23.55
C SER A 1196 37.59 5.46 -22.54
N SER A 1197 38.56 4.60 -22.89
CA SER A 1197 39.01 3.61 -21.93
C SER A 1197 39.51 4.27 -20.65
N GLY A 1198 40.25 5.37 -20.78
CA GLY A 1198 40.75 6.05 -19.59
C GLY A 1198 39.64 6.64 -18.75
N GLU A 1199 38.60 7.17 -19.41
CA GLU A 1199 37.45 7.70 -18.68
C GLU A 1199 36.75 6.58 -17.91
N ILE A 1200 36.60 5.42 -18.53
CA ILE A 1200 36.02 4.28 -17.84
C ILE A 1200 36.84 3.93 -16.60
N ALA A 1201 38.17 4.01 -16.71
CA ALA A 1201 39.01 3.70 -15.57
C ALA A 1201 38.90 4.76 -14.48
N ARG A 1202 38.79 6.02 -14.87
CA ARG A 1202 38.82 7.13 -13.92
C ARG A 1202 37.47 7.42 -13.31
N ASN A 1203 36.40 7.29 -14.07
CA ASN A 1203 35.10 7.79 -13.65
C ASN A 1203 34.10 6.65 -13.52
N PRO A 1204 33.69 6.31 -12.30
CA PRO A 1204 32.67 5.26 -12.14
C PRO A 1204 31.37 5.59 -12.85
N ASP A 1205 31.09 6.85 -13.10
CA ASP A 1205 29.87 7.27 -13.79
C ASP A 1205 30.13 7.63 -15.25
N ALA A 1206 31.19 7.08 -15.83
CA ALA A 1206 31.48 7.31 -17.25
C ALA A 1206 30.24 7.07 -18.11
N TYR A 1207 29.53 5.98 -17.83
CA TYR A 1207 28.22 5.74 -18.40
C TYR A 1207 27.18 6.01 -17.32
N CYS A 1208 26.31 6.95 -17.58
CA CYS A 1208 25.33 7.37 -16.59
C CYS A 1208 24.13 6.45 -16.65
N LEU A 1209 23.77 5.89 -15.49
CA LEU A 1209 22.67 4.94 -15.45
C LEU A 1209 21.30 5.61 -15.64
N ASN A 1210 21.22 6.94 -15.47
CA ASN A 1210 19.96 7.65 -15.72
C ASN A 1210 19.43 7.34 -17.12
N TRP A 1211 20.34 7.21 -18.09
CA TRP A 1211 19.94 7.11 -19.48
C TRP A 1211 19.81 5.68 -19.96
N LEU A 1212 19.99 4.71 -19.07
CA LEU A 1212 19.86 3.29 -19.37
C LEU A 1212 18.58 2.69 -18.81
N VAL A 1213 17.76 3.51 -18.17
CA VAL A 1213 16.42 3.11 -17.77
C VAL A 1213 15.43 3.90 -18.60
N GLU A 1214 14.20 3.39 -18.62
CA GLU A 1214 13.10 3.99 -19.34
C GLU A 1214 12.06 4.41 -18.32
N GLU A 1215 11.64 5.66 -18.41
CA GLU A 1215 10.57 6.14 -17.55
C GLU A 1215 9.23 5.76 -18.14
N VAL A 1216 8.32 5.32 -17.27
CA VAL A 1216 6.94 5.05 -17.67
C VAL A 1216 6.03 5.77 -16.70
N SER A 1217 5.13 6.56 -17.26
CA SER A 1217 4.09 7.22 -16.48
C SER A 1217 2.79 6.51 -16.74
N ALA A 1218 2.03 6.27 -15.68
CA ALA A 1218 0.71 5.66 -15.80
C ALA A 1218 -0.28 6.50 -15.01
N SER A 1219 -1.37 6.90 -15.65
CA SER A 1219 -2.40 7.70 -15.01
C SER A 1219 -3.68 6.87 -15.01
N ILE A 1220 -4.17 6.56 -13.83
CA ILE A 1220 -5.33 5.70 -13.65
C ILE A 1220 -6.46 6.56 -13.11
N ASN A 1221 -7.58 6.59 -13.83
CA ASN A 1221 -8.78 7.28 -13.36
C ASN A 1221 -9.46 6.36 -12.36
N THR A 1222 -9.33 6.69 -11.08
CA THR A 1222 -9.89 5.85 -10.03
C THR A 1222 -11.30 6.26 -9.68
N ALA A 1223 -11.85 7.26 -10.35
CA ALA A 1223 -13.25 7.62 -10.24
C ALA A 1223 -14.10 6.98 -11.32
N ALA A 1224 -13.51 6.16 -12.19
CA ALA A 1224 -14.20 5.68 -13.38
C ALA A 1224 -15.41 4.81 -13.03
N ALA A 1225 -15.38 4.12 -11.88
CA ALA A 1225 -16.51 3.29 -11.51
C ALA A 1225 -17.74 4.10 -11.13
N GLY A 1226 -17.60 5.42 -10.99
CA GLY A 1226 -18.72 6.29 -10.70
C GLY A 1226 -18.56 7.09 -9.43
N GLY A 1227 -17.52 6.83 -8.66
CA GLY A 1227 -17.30 7.56 -7.42
C GLY A 1227 -15.87 7.44 -6.99
N ASN A 1228 -15.52 8.20 -5.96
CA ASN A 1228 -14.17 8.24 -5.41
C ASN A 1228 -14.20 7.56 -4.05
N ALA A 1229 -13.57 6.39 -3.96
CA ALA A 1229 -13.57 5.64 -2.71
C ALA A 1229 -12.85 6.41 -1.60
N SER A 1230 -11.71 7.02 -1.90
CA SER A 1230 -10.96 7.73 -0.87
C SER A 1230 -11.76 8.90 -0.31
N LEU A 1231 -12.48 9.62 -1.18
CA LEU A 1231 -13.27 10.76 -0.72
C LEU A 1231 -14.54 10.36 0.01
N MET A 1232 -14.91 9.08 0.02
CA MET A 1232 -16.02 8.63 0.85
C MET A 1232 -15.72 8.82 2.33
N ALA A 1233 -14.44 8.86 2.69
CA ALA A 1233 -14.01 9.08 4.06
C ALA A 1233 -13.81 10.55 4.40
N ILE A 1234 -13.95 11.44 3.42
CA ILE A 1234 -13.74 12.88 3.64
C ILE A 1234 -15.11 13.54 3.78
N GLY A 1235 -15.45 13.90 5.01
CA GLY A 1235 -16.67 14.63 5.30
C GLY A 1235 -16.34 15.77 6.22
N ALA B 16 15.97 -39.03 43.33
CA ALA B 16 15.58 -38.06 42.30
C ALA B 16 14.54 -37.10 42.83
N PRO B 17 14.67 -35.82 42.51
CA PRO B 17 13.67 -34.84 42.96
C PRO B 17 12.30 -35.14 42.35
N ALA B 18 11.27 -34.97 43.15
CA ALA B 18 9.91 -35.23 42.69
C ALA B 18 9.59 -34.27 41.54
N PRO B 19 8.88 -34.73 40.51
CA PRO B 19 8.61 -33.86 39.36
C PRO B 19 7.83 -32.61 39.77
N PHE B 20 8.32 -31.46 39.32
CA PHE B 20 7.67 -30.16 39.51
C PHE B 20 7.63 -29.72 40.97
N ALA B 21 8.35 -30.37 41.86
CA ALA B 21 8.31 -30.01 43.27
C ALA B 21 8.95 -28.64 43.53
N ASP B 22 9.78 -28.15 42.61
CA ASP B 22 10.36 -26.82 42.75
C ASP B 22 10.15 -26.05 41.47
N PHE B 23 8.96 -26.16 40.88
CA PHE B 23 8.74 -25.60 39.55
C PHE B 23 8.93 -24.10 39.53
N ALA B 24 8.19 -23.39 40.37
CA ALA B 24 8.28 -21.93 40.37
C ALA B 24 7.81 -21.35 41.68
N PRO B 25 8.44 -21.69 42.80
CA PRO B 25 8.00 -21.16 44.09
C PRO B 25 8.16 -19.65 44.11
N PRO B 26 7.18 -18.93 44.66
CA PRO B 26 7.30 -17.46 44.69
C PRO B 26 8.39 -17.03 45.65
N VAL B 27 8.89 -15.81 45.42
CA VAL B 27 9.91 -15.24 46.29
C VAL B 27 9.42 -15.20 47.73
N ARG B 28 8.15 -14.87 47.93
CA ARG B 28 7.59 -14.78 49.27
C ARG B 28 6.12 -15.15 49.19
N PRO B 29 5.51 -15.54 50.31
CA PRO B 29 4.06 -15.73 50.30
C PRO B 29 3.39 -14.43 49.91
N GLN B 30 2.38 -14.54 49.06
CA GLN B 30 1.71 -13.37 48.51
C GLN B 30 0.70 -12.84 49.51
N SER B 31 0.91 -11.60 49.97
CA SER B 31 0.00 -10.94 50.88
C SER B 31 -1.31 -10.62 50.16
N THR B 32 -2.29 -10.19 50.95
CA THR B 32 -3.55 -9.74 50.38
C THR B 32 -3.32 -8.61 49.37
N LEU B 33 -2.45 -7.66 49.70
CA LEU B 33 -2.20 -6.56 48.78
C LEU B 33 -1.47 -7.03 47.54
N ARG B 34 -0.52 -7.96 47.69
CA ARG B 34 0.16 -8.47 46.51
C ARG B 34 -0.81 -9.26 45.64
N ARG B 35 -1.71 -10.02 46.26
CA ARG B 35 -2.68 -10.80 45.49
C ARG B 35 -3.63 -9.89 44.74
N ALA B 36 -3.99 -8.74 45.33
CA ALA B 36 -4.87 -7.82 44.62
C ALA B 36 -4.19 -7.24 43.40
N ILE B 37 -2.88 -7.04 43.46
CA ILE B 37 -2.13 -6.64 42.27
C ILE B 37 -2.25 -7.70 41.21
N THR B 38 -1.89 -8.93 41.55
CA THR B 38 -1.89 -10.00 40.55
C THR B 38 -3.28 -10.19 39.95
N ALA B 39 -4.31 -10.05 40.77
CA ALA B 39 -5.67 -10.26 40.27
C ALA B 39 -6.04 -9.27 39.19
N ALA B 40 -5.40 -8.10 39.17
CA ALA B 40 -5.72 -7.05 38.22
C ALA B 40 -4.90 -7.13 36.94
N TYR B 41 -3.95 -8.08 36.87
CA TYR B 41 -2.93 -8.05 35.83
C TYR B 41 -3.53 -7.85 34.45
N ARG B 42 -4.54 -8.65 34.10
CA ARG B 42 -5.15 -8.58 32.77
C ARG B 42 -6.65 -8.37 32.87
N ARG B 43 -7.06 -7.60 33.87
CA ARG B 43 -8.48 -7.37 34.10
C ARG B 43 -9.09 -6.69 32.88
N PRO B 44 -10.29 -7.09 32.46
CA PRO B 44 -10.92 -6.44 31.31
C PRO B 44 -10.97 -4.93 31.49
N GLU B 45 -10.74 -4.24 30.38
CA GLU B 45 -10.69 -2.79 30.40
C GLU B 45 -11.99 -2.19 30.92
N THR B 46 -13.12 -2.80 30.58
CA THR B 46 -14.41 -2.29 31.07
C THR B 46 -14.57 -2.47 32.56
N GLU B 47 -13.84 -3.40 33.18
CA GLU B 47 -13.88 -3.53 34.63
C GLU B 47 -12.91 -2.55 35.30
N CYS B 48 -11.81 -2.23 34.61
CA CYS B 48 -10.81 -1.34 35.22
C CYS B 48 -11.30 0.10 35.30
N LEU B 49 -11.98 0.56 34.27
CA LEU B 49 -12.21 1.99 34.14
C LEU B 49 -13.18 2.61 35.14
N PRO B 50 -14.32 1.99 35.46
CA PRO B 50 -15.30 2.67 36.32
C PRO B 50 -14.71 3.10 37.65
N PRO B 51 -13.95 2.25 38.37
CA PRO B 51 -13.37 2.74 39.63
C PRO B 51 -12.36 3.85 39.44
N LEU B 52 -11.62 3.86 38.32
CA LEU B 52 -10.69 4.95 38.04
C LEU B 52 -11.44 6.24 37.74
N VAL B 53 -12.51 6.16 36.93
CA VAL B 53 -13.33 7.34 36.67
C VAL B 53 -13.81 7.94 37.98
N GLU B 54 -14.31 7.10 38.89
CA GLU B 54 -14.79 7.60 40.17
C GLU B 54 -13.67 8.25 40.97
N ALA B 55 -12.51 7.60 41.03
CA ALA B 55 -11.39 8.16 41.79
C ALA B 55 -10.87 9.46 41.16
N ALA B 56 -10.96 9.59 39.84
CA ALA B 56 -10.45 10.74 39.13
C ALA B 56 -11.42 11.91 39.09
N THR B 57 -12.66 11.73 39.58
CA THR B 57 -13.67 12.76 39.45
C THR B 57 -13.32 13.97 40.31
N GLN B 58 -13.52 15.16 39.74
CA GLN B 58 -13.31 16.42 40.43
C GLN B 58 -14.52 17.31 40.24
N SER B 59 -14.68 18.27 41.17
CA SER B 59 -15.81 19.19 41.14
C SER B 59 -15.76 20.05 39.87
N LYS B 60 -16.91 20.61 39.52
CA LYS B 60 -16.96 21.54 38.39
C LYS B 60 -16.00 22.71 38.60
N GLU B 61 -15.88 23.17 39.84
CA GLU B 61 -14.99 24.29 40.13
C GLU B 61 -13.53 23.93 39.83
N ILE B 62 -13.07 22.80 40.35
CA ILE B 62 -11.69 22.36 40.10
C ILE B 62 -11.49 22.10 38.61
N ARG B 63 -12.49 21.50 37.95
CA ARG B 63 -12.34 21.18 36.53
C ARG B 63 -12.25 22.44 35.68
N ASP B 64 -13.07 23.44 35.97
CA ASP B 64 -12.94 24.72 35.27
C ASP B 64 -11.59 25.36 35.55
N ALA B 65 -11.17 25.35 36.82
CA ALA B 65 -9.88 25.94 37.18
C ALA B 65 -8.73 25.22 36.50
N ALA B 66 -8.84 23.89 36.34
CA ALA B 66 -7.78 23.13 35.69
C ALA B 66 -7.79 23.36 34.18
N ALA B 67 -8.97 23.49 33.57
CA ALA B 67 -9.03 23.75 32.15
C ALA B 67 -8.41 25.11 31.81
N SER B 68 -8.61 26.10 32.69
CA SER B 68 -8.00 27.40 32.49
C SER B 68 -6.49 27.34 32.68
N THR B 69 -6.03 26.68 33.75
CA THR B 69 -4.59 26.49 33.95
C THR B 69 -3.96 25.77 32.77
N ALA B 70 -4.61 24.71 32.28
CA ALA B 70 -4.09 24.00 31.12
C ALA B 70 -4.03 24.92 29.90
N ARG B 71 -5.05 25.74 29.69
CA ARG B 71 -5.04 26.68 28.57
CA ARG B 71 -5.03 26.66 28.56
C ARG B 71 -3.86 27.63 28.66
N LYS B 72 -3.64 28.19 29.85
CA LYS B 72 -2.54 29.13 30.06
C LYS B 72 -1.20 28.47 29.75
N LEU B 73 -1.05 27.19 30.11
CA LEU B 73 0.20 26.49 29.83
C LEU B 73 0.36 26.22 28.34
N ILE B 74 -0.73 25.87 27.66
CA ILE B 74 -0.66 25.49 26.26
C ILE B 74 -0.42 26.71 25.38
N GLU B 75 -1.12 27.81 25.66
CA GLU B 75 -0.85 29.05 24.94
C GLU B 75 0.61 29.47 25.12
N ALA B 76 1.11 29.40 26.36
CA ALA B 76 2.51 29.69 26.63
C ALA B 76 3.44 28.77 25.83
N LEU B 77 3.14 27.47 25.80
CA LEU B 77 3.96 26.54 25.04
C LEU B 77 3.95 26.87 23.56
N ARG B 78 2.76 27.10 23.00
CA ARG B 78 2.64 27.39 21.58
C ARG B 78 3.08 28.80 21.22
N GLY B 79 3.26 29.67 22.20
CA GLY B 79 3.72 31.01 21.92
C GLY B 79 5.21 31.17 21.74
N LYS B 80 5.99 30.14 22.06
CA LYS B 80 7.44 30.24 22.06
C LYS B 80 8.06 29.17 21.17
N HIS B 81 9.38 29.22 21.05
CA HIS B 81 10.15 28.33 20.17
C HIS B 81 9.77 28.52 18.71
N GLY B 85 15.20 23.73 15.80
CA GLY B 85 16.58 23.32 15.62
C GLY B 85 16.79 22.62 14.29
N VAL B 86 16.38 21.36 14.21
CA VAL B 86 16.43 20.64 12.94
C VAL B 86 15.53 21.30 11.91
N GLU B 87 14.40 21.86 12.36
CA GLU B 87 13.48 22.52 11.43
C GLU B 87 14.14 23.71 10.73
N GLY B 88 14.87 24.52 11.49
CA GLY B 88 15.56 25.65 10.89
C GLY B 88 16.65 25.25 9.91
N LEU B 89 17.32 24.14 10.19
CA LEU B 89 18.33 23.63 9.26
C LEU B 89 17.67 23.16 7.96
N VAL B 90 16.57 22.42 8.07
CA VAL B 90 15.85 21.94 6.90
C VAL B 90 15.35 23.12 6.07
N GLN B 91 14.86 24.16 6.72
CA GLN B 91 14.35 25.32 5.98
C GLN B 91 15.49 26.09 5.32
N GLU B 92 16.60 26.28 6.02
CA GLU B 92 17.68 27.10 5.48
C GLU B 92 18.29 26.47 4.22
N TYR B 93 18.43 25.16 4.20
CA TYR B 93 19.03 24.48 3.05
C TYR B 93 18.01 23.78 2.18
N SER B 94 16.72 24.05 2.38
CA SER B 94 15.64 23.49 1.57
C SER B 94 15.80 21.98 1.44
N LEU B 95 16.02 21.33 2.59
CA LEU B 95 16.23 19.89 2.59
C LEU B 95 14.90 19.17 2.51
N SER B 96 14.88 18.06 1.78
CA SER B 96 13.79 17.13 1.91
C SER B 96 13.95 16.36 3.22
N SER B 97 12.91 15.64 3.61
CA SER B 97 12.99 14.83 4.82
C SER B 97 14.14 13.84 4.73
N GLN B 98 14.25 13.12 3.61
CA GLN B 98 15.33 12.14 3.46
C GLN B 98 16.69 12.81 3.49
N GLU B 99 16.80 14.02 2.93
CA GLU B 99 18.06 14.75 3.02
C GLU B 99 18.37 15.14 4.45
N GLY B 100 17.36 15.60 5.19
CA GLY B 100 17.57 15.89 6.60
C GLY B 100 18.04 14.67 7.37
N VAL B 101 17.41 13.52 7.13
CA VAL B 101 17.81 12.29 7.81
C VAL B 101 19.24 11.92 7.41
N ALA B 102 19.51 11.92 6.11
CA ALA B 102 20.84 11.55 5.63
C ALA B 102 21.89 12.48 6.20
N LEU B 103 21.59 13.77 6.27
CA LEU B 103 22.55 14.74 6.80
C LEU B 103 22.85 14.45 8.26
N MET B 104 21.82 14.14 9.04
CA MET B 104 22.05 13.85 10.45
C MET B 104 22.84 12.57 10.63
N CYS B 105 22.59 11.58 9.78
CA CYS B 105 23.40 10.37 9.80
C CYS B 105 24.86 10.69 9.50
N LEU B 106 25.11 11.49 8.46
CA LEU B 106 26.47 11.91 8.17
C LEU B 106 27.07 12.66 9.34
N ALA B 107 26.29 13.55 9.96
CA ALA B 107 26.81 14.32 11.09
C ALA B 107 27.16 13.39 12.25
N GLU B 108 26.26 12.45 12.56
CA GLU B 108 26.54 11.46 13.60
C GLU B 108 27.86 10.75 13.34
N ALA B 109 28.09 10.33 12.10
CA ALA B 109 29.32 9.63 11.77
C ALA B 109 30.53 10.54 11.91
N LEU B 110 30.40 11.79 11.47
CA LEU B 110 31.52 12.73 11.59
C LEU B 110 31.83 13.02 13.05
N LEU B 111 30.82 12.99 13.92
CA LEU B 111 31.04 13.23 15.34
C LEU B 111 31.72 12.05 16.03
N ARG B 112 31.75 10.88 15.41
CA ARG B 112 32.57 9.80 15.92
C ARG B 112 34.05 10.07 15.74
N ILE B 113 34.42 11.05 14.92
CA ILE B 113 35.80 11.51 14.85
C ILE B 113 36.00 12.48 16.00
N PRO B 114 36.78 12.11 17.02
CA PRO B 114 36.85 12.95 18.22
C PRO B 114 37.65 14.23 18.03
N ASP B 115 38.66 14.22 17.17
CA ASP B 115 39.52 15.38 16.97
C ASP B 115 38.85 16.36 16.01
N THR B 116 38.58 17.58 16.49
CA THR B 116 37.91 18.58 15.67
C THR B 116 38.68 18.87 14.38
N ALA B 117 40.01 18.99 14.48
CA ALA B 117 40.80 19.31 13.28
C ALA B 117 40.72 18.19 12.25
N THR B 118 40.83 16.93 12.69
CA THR B 118 40.74 15.81 11.77
C THR B 118 39.36 15.76 11.13
N ARG B 119 38.32 16.05 11.91
CA ARG B 119 36.96 16.02 11.39
C ARG B 119 36.74 17.16 10.40
N ASP B 120 37.12 18.38 10.78
CA ASP B 120 36.95 19.51 9.89
C ASP B 120 37.78 19.36 8.61
N ALA B 121 38.95 18.73 8.71
CA ALA B 121 39.75 18.50 7.51
C ALA B 121 39.09 17.48 6.59
N LEU B 122 38.53 16.41 7.16
CA LEU B 122 37.83 15.42 6.34
C LEU B 122 36.63 16.03 5.65
N ILE B 123 35.90 16.91 6.36
CA ILE B 123 34.74 17.58 5.77
C ILE B 123 35.17 18.43 4.58
N ARG B 124 36.18 19.28 4.78
CA ARG B 124 36.56 20.24 3.75
C ARG B 124 37.25 19.56 2.57
N ASP B 125 38.04 18.52 2.82
CA ASP B 125 38.87 17.93 1.79
C ASP B 125 38.29 16.65 1.18
N LYS B 126 37.37 15.98 1.86
CA LYS B 126 36.87 14.72 1.33
C LYS B 126 35.35 14.66 1.24
N ILE B 127 34.63 15.15 2.27
CA ILE B 127 33.18 15.00 2.29
C ILE B 127 32.51 16.02 1.38
N ALA B 128 32.92 17.29 1.48
CA ALA B 128 32.29 18.34 0.71
C ALA B 128 32.47 18.16 -0.79
N ASP B 129 33.51 17.44 -1.20
CA ASP B 129 33.72 17.10 -2.61
C ASP B 129 32.95 15.86 -3.02
N GLY B 130 31.89 15.50 -2.30
CA GLY B 130 31.02 14.41 -2.69
C GLY B 130 31.50 13.02 -2.32
N ASN B 131 32.82 12.82 -2.29
CA ASN B 131 33.38 11.50 -2.02
C ASN B 131 33.12 11.09 -0.57
N TRP B 132 31.85 10.97 -0.19
CA TRP B 132 31.50 10.65 1.20
C TRP B 132 31.44 9.15 1.47
N LYS B 133 31.17 8.34 0.45
CA LYS B 133 31.06 6.91 0.67
C LYS B 133 32.39 6.31 1.13
N SER B 134 33.50 6.82 0.60
CA SER B 134 34.81 6.25 0.92
C SER B 134 35.21 6.54 2.36
N HIS B 135 35.14 7.81 2.77
CA HIS B 135 35.71 8.20 4.05
C HIS B 135 34.92 7.64 5.23
N LEU B 136 33.62 7.40 5.07
CA LEU B 136 32.79 6.93 6.17
C LEU B 136 31.91 5.77 5.75
N ARG B 140 30.56 -0.19 7.79
CA ARG B 140 29.26 0.01 8.39
C ARG B 140 28.52 1.15 7.69
N SER B 141 27.26 0.90 7.34
CA SER B 141 26.45 1.91 6.65
C SER B 141 26.42 3.21 7.46
N LEU B 142 26.53 4.32 6.74
CA LEU B 142 26.30 5.61 7.36
C LEU B 142 24.91 5.70 7.99
N PHE B 143 23.97 4.89 7.50
CA PHE B 143 22.57 5.06 7.81
C PHE B 143 22.04 4.06 8.83
N VAL B 144 22.95 3.42 9.59
CA VAL B 144 22.54 2.42 10.58
C VAL B 144 21.49 2.96 11.54
N ASN B 145 21.64 4.22 11.96
CA ASN B 145 20.70 4.81 12.92
C ASN B 145 19.69 5.73 12.25
N ALA B 146 19.45 5.57 10.95
CA ALA B 146 18.57 6.50 10.26
C ALA B 146 17.12 6.42 10.73
N ALA B 147 16.68 5.28 11.27
CA ALA B 147 15.33 5.24 11.81
C ALA B 147 15.18 6.23 12.96
N THR B 148 16.22 6.34 13.78
CA THR B 148 16.20 7.30 14.88
C THR B 148 16.20 8.73 14.35
N TRP B 149 17.09 9.04 13.40
CA TRP B 149 17.10 10.37 12.81
C TRP B 149 15.82 10.64 12.03
N GLY B 150 15.22 9.60 11.44
CA GLY B 150 13.93 9.78 10.80
C GLY B 150 12.89 10.26 11.78
N LEU B 151 12.88 9.70 12.98
CA LEU B 151 11.97 10.18 14.02
CA LEU B 151 11.97 10.18 14.02
C LEU B 151 12.26 11.63 14.37
N VAL B 152 13.54 11.98 14.49
CA VAL B 152 13.92 13.36 14.82
C VAL B 152 13.47 14.32 13.74
N VAL B 153 13.65 13.95 12.47
CA VAL B 153 13.43 14.87 11.37
C VAL B 153 11.95 14.93 10.99
N THR B 154 11.28 13.79 10.92
CA THR B 154 9.93 13.72 10.40
C THR B 154 8.89 13.43 11.47
N GLY B 155 9.29 13.00 12.66
CA GLY B 155 8.34 12.57 13.66
C GLY B 155 7.74 11.21 13.40
N LYS B 156 8.20 10.50 12.38
CA LYS B 156 7.67 9.20 12.02
C LYS B 156 8.78 8.16 12.17
N LEU B 157 8.40 6.96 12.59
CA LEU B 157 9.34 5.87 12.79
C LEU B 157 9.12 4.83 11.70
N THR B 158 10.21 4.38 11.10
CA THR B 158 10.19 3.17 10.27
C THR B 158 11.07 2.12 10.95
N SER B 159 10.74 0.86 10.70
CA SER B 159 11.52 -0.22 11.28
CA SER B 159 11.53 -0.21 11.29
C SER B 159 12.86 -0.38 10.59
N THR B 160 12.89 -0.18 9.27
CA THR B 160 14.11 -0.30 8.51
C THR B 160 14.28 0.96 7.67
N VAL B 161 15.42 1.03 7.01
CA VAL B 161 15.98 2.25 6.46
C VAL B 161 16.11 2.05 4.97
N ASN B 162 15.61 3.00 4.19
CA ASN B 162 15.84 2.93 2.75
C ASN B 162 17.21 3.55 2.50
N ASP B 163 18.23 2.70 2.54
CA ASP B 163 19.58 3.20 2.41
C ASP B 163 19.92 3.68 1.02
N ARG B 164 19.22 3.19 -0.02
CA ARG B 164 19.46 3.75 -1.35
C ARG B 164 18.90 5.15 -1.45
N SER B 165 17.71 5.37 -0.88
CA SER B 165 17.12 6.70 -0.89
C SER B 165 17.98 7.67 -0.08
N LEU B 166 18.50 7.20 1.05
CA LEU B 166 19.32 8.07 1.89
C LEU B 166 20.65 8.37 1.22
N ALA B 167 21.26 7.37 0.57
CA ALA B 167 22.50 7.62 -0.16
C ALA B 167 22.28 8.64 -1.26
N ALA B 168 21.19 8.50 -2.00
CA ALA B 168 20.85 9.46 -3.04
C ALA B 168 20.64 10.84 -2.46
N ALA B 169 19.93 10.92 -1.33
CA ALA B 169 19.66 12.20 -0.70
C ALA B 169 20.93 12.86 -0.20
N LEU B 170 21.84 12.07 0.38
CA LEU B 170 23.08 12.65 0.89
C LEU B 170 23.94 13.16 -0.26
N THR B 171 24.07 12.37 -1.33
CA THR B 171 24.78 12.85 -2.51
C THR B 171 24.15 14.13 -3.03
N ARG B 172 22.82 14.16 -3.10
CA ARG B 172 22.15 15.32 -3.66
C ARG B 172 22.41 16.55 -2.81
N LEU B 173 22.26 16.42 -1.48
CA LEU B 173 22.40 17.61 -0.64
C LEU B 173 23.83 18.11 -0.61
N ILE B 174 24.81 17.21 -0.62
CA ILE B 174 26.20 17.66 -0.62
C ILE B 174 26.55 18.32 -1.94
N SER B 175 26.13 17.70 -3.06
CA SER B 175 26.45 18.30 -4.35
C SER B 175 25.73 19.63 -4.53
N ARG B 176 24.59 19.81 -3.86
CA ARG B 176 23.86 21.06 -4.00
C ARG B 176 24.39 22.13 -3.06
N CYS B 177 24.68 21.77 -1.81
CA CYS B 177 24.95 22.75 -0.76
C CYS B 177 26.36 22.69 -0.20
N GLY B 178 27.10 21.60 -0.42
CA GLY B 178 28.51 21.66 -0.12
C GLY B 178 28.85 21.64 1.37
N GLU B 179 30.06 22.13 1.66
CA GLU B 179 30.53 22.16 3.05
C GLU B 179 29.62 22.92 4.00
N PRO B 180 29.01 24.06 3.64
CA PRO B 180 28.18 24.77 4.63
C PRO B 180 27.05 23.93 5.21
N VAL B 181 26.41 23.06 4.43
CA VAL B 181 25.34 22.27 5.03
C VAL B 181 25.89 21.18 5.93
N ILE B 182 27.06 20.62 5.59
CA ILE B 182 27.69 19.61 6.42
C ILE B 182 28.08 20.21 7.77
N ARG B 183 28.69 21.39 7.74
CA ARG B 183 29.06 22.08 8.97
CA ARG B 183 29.06 22.08 8.97
C ARG B 183 27.83 22.33 9.84
N ARG B 184 26.76 22.84 9.24
CA ARG B 184 25.54 23.09 10.01
C ARG B 184 24.97 21.79 10.58
N GLY B 185 24.98 20.71 9.78
CA GLY B 185 24.49 19.45 10.29
C GLY B 185 25.32 18.92 11.43
N VAL B 186 26.65 19.02 11.32
CA VAL B 186 27.52 18.56 12.38
C VAL B 186 27.27 19.34 13.66
N ASP B 187 27.23 20.67 13.55
CA ASP B 187 26.95 21.50 14.72
C ASP B 187 25.60 21.16 15.32
N MET B 188 24.60 20.91 14.47
CA MET B 188 23.27 20.58 14.96
C MET B 188 23.27 19.25 15.71
N ALA B 189 23.87 18.23 15.11
CA ALA B 189 23.91 16.92 15.77
C ALA B 189 24.71 16.98 17.07
N MET B 190 25.79 17.75 17.06
CA MET B 190 26.60 17.91 18.28
C MET B 190 25.75 18.48 19.41
N ARG B 191 24.99 19.53 19.13
CA ARG B 191 24.16 20.12 20.17
C ARG B 191 23.06 19.15 20.62
N MET B 192 22.41 18.49 19.66
CA MET B 192 21.33 17.58 20.01
C MET B 192 21.85 16.41 20.84
N MET B 193 22.92 15.77 20.39
CA MET B 193 23.45 14.61 21.08
CA MET B 193 23.40 14.61 21.10
C MET B 193 24.24 14.97 22.33
N GLY B 194 24.71 16.20 22.43
CA GLY B 194 25.52 16.58 23.56
C GLY B 194 24.77 17.34 24.63
N GLU B 195 23.66 17.99 24.26
CA GLU B 195 22.98 18.90 25.17
C GLU B 195 21.47 18.68 25.27
N GLN B 196 20.82 18.08 24.28
CA GLN B 196 19.38 17.88 24.32
C GLN B 196 19.00 16.44 24.66
N PHE B 197 19.55 15.47 23.94
CA PHE B 197 19.24 14.07 24.24
C PHE B 197 19.85 13.65 25.57
N VAL B 198 20.94 14.28 25.97
CA VAL B 198 21.53 14.05 27.27
C VAL B 198 21.80 15.40 27.91
N THR B 199 21.81 15.43 29.23
CA THR B 199 22.24 16.62 29.93
CA THR B 199 22.24 16.64 29.92
C THR B 199 23.74 16.80 29.87
N GLY B 200 24.48 15.72 29.66
CA GLY B 200 25.92 15.78 29.52
C GLY B 200 26.44 14.41 29.17
N GLU B 201 27.68 14.39 28.66
CA GLU B 201 28.31 13.12 28.33
C GLU B 201 28.84 12.40 29.55
N THR B 202 29.21 13.14 30.59
CA THR B 202 29.69 12.57 31.84
C THR B 202 28.87 13.15 32.97
N ILE B 203 28.90 12.47 34.11
CA ILE B 203 28.12 12.95 35.25
C ILE B 203 28.66 14.30 35.72
N ARG B 204 29.99 14.47 35.63
CA ARG B 204 30.63 15.75 35.94
C ARG B 204 29.99 16.88 35.14
N GLU B 205 29.89 16.69 33.82
CA GLU B 205 29.33 17.72 32.94
C GLU B 205 27.85 17.92 33.23
N ALA B 206 27.12 16.84 33.42
CA ALA B 206 25.70 16.92 33.71
C ALA B 206 25.45 17.72 34.97
N LEU B 207 26.22 17.43 36.02
CA LEU B 207 26.08 18.14 37.28
C LEU B 207 26.38 19.63 37.12
N LYS B 208 27.44 19.96 36.37
CA LYS B 208 27.76 21.37 36.15
C LYS B 208 26.66 22.08 35.39
N ARG B 209 26.06 21.42 34.40
CA ARG B 209 25.01 22.04 33.61
C ARG B 209 23.68 22.11 34.37
N SER B 210 23.57 21.41 35.49
CA SER B 210 22.32 21.39 36.23
C SER B 210 22.14 22.61 37.13
N LYS B 211 23.21 23.36 37.38
CA LYS B 211 23.13 24.47 38.31
C LYS B 211 22.11 25.51 37.85
N GLU B 212 22.04 25.75 36.53
CA GLU B 212 21.20 26.83 36.01
C GLU B 212 19.74 26.63 36.41
N LEU B 213 19.19 25.44 36.14
CA LEU B 213 17.78 25.20 36.46
C LEU B 213 17.58 24.90 37.94
N GLU B 214 18.58 24.33 38.61
CA GLU B 214 18.46 24.16 40.06
C GLU B 214 18.29 25.51 40.75
N GLU B 215 19.02 26.53 40.30
CA GLU B 215 18.86 27.86 40.88
C GLU B 215 17.45 28.39 40.68
N LYS B 216 16.76 27.95 39.62
CA LYS B 216 15.40 28.37 39.39
C LYS B 216 14.38 27.56 40.18
N GLY B 217 14.81 26.46 40.81
CA GLY B 217 13.90 25.63 41.60
C GLY B 217 13.66 24.25 41.03
N PHE B 218 14.30 23.90 39.92
CA PHE B 218 14.24 22.52 39.45
C PHE B 218 15.18 21.66 40.28
N SER B 219 14.93 20.35 40.23
CA SER B 219 15.87 19.35 40.74
C SER B 219 16.13 18.36 39.63
N TYR B 220 16.97 17.36 39.93
CA TYR B 220 17.43 16.44 38.91
C TYR B 220 17.41 15.00 39.42
N SER B 221 17.21 14.09 38.49
CA SER B 221 17.44 12.67 38.70
C SER B 221 18.22 12.18 37.50
N TYR B 222 19.43 11.68 37.74
CA TYR B 222 20.32 11.32 36.63
C TYR B 222 20.16 9.87 36.21
N ASP B 223 20.17 9.66 34.90
CA ASP B 223 20.05 8.35 34.27
C ASP B 223 21.34 8.07 33.52
N MET B 224 22.13 7.12 34.02
CA MET B 224 23.40 6.78 33.40
C MET B 224 23.25 5.84 32.21
N LEU B 225 22.03 5.61 31.76
CA LEU B 225 21.67 4.93 30.52
C LEU B 225 21.75 3.41 30.60
N GLY B 226 22.15 2.83 31.73
CA GLY B 226 22.23 1.38 31.82
C GLY B 226 20.86 0.75 31.70
N GLU B 227 20.79 -0.35 30.95
CA GLU B 227 19.52 -1.03 30.74
C GLU B 227 19.78 -2.36 30.07
N ALA B 228 18.98 -3.36 30.42
CA ALA B 228 18.93 -4.62 29.70
C ALA B 228 20.32 -5.22 29.48
N ALA B 229 21.02 -5.43 30.59
CA ALA B 229 22.28 -6.16 30.53
C ALA B 229 22.09 -7.47 29.80
N THR B 230 22.99 -7.76 28.87
CA THR B 230 22.97 -9.03 28.14
C THR B 230 23.92 -10.04 28.74
N THR B 231 25.01 -9.57 29.34
CA THR B 231 26.04 -10.43 29.87
C THR B 231 26.34 -9.99 31.30
N ALA B 232 27.02 -10.87 32.03
CA ALA B 232 27.47 -10.51 33.37
C ALA B 232 28.35 -9.27 33.33
N ALA B 233 29.19 -9.15 32.30
CA ALA B 233 30.06 -7.98 32.20
C ALA B 233 29.26 -6.70 32.03
N ASP B 234 28.17 -6.76 31.25
CA ASP B 234 27.33 -5.57 31.10
C ASP B 234 26.80 -5.15 32.45
N ALA B 235 26.25 -6.11 33.20
CA ALA B 235 25.62 -5.80 34.47
C ALA B 235 26.64 -5.25 35.46
N GLU B 236 27.85 -5.82 35.46
CA GLU B 236 28.88 -5.33 36.36
C GLU B 236 29.28 -3.91 36.00
N ARG B 237 29.39 -3.63 34.70
CA ARG B 237 29.74 -2.30 34.26
C ARG B 237 28.65 -1.30 34.65
N TYR B 238 27.39 -1.63 34.38
CA TYR B 238 26.31 -0.71 34.73
C TYR B 238 26.27 -0.46 36.22
N TYR B 239 26.53 -1.50 37.02
CA TYR B 239 26.60 -1.33 38.45
C TYR B 239 27.68 -0.32 38.82
N ARG B 240 28.88 -0.51 38.28
CA ARG B 240 29.98 0.39 38.62
C ARG B 240 29.69 1.79 38.14
N ASP B 241 29.02 1.93 36.99
CA ASP B 241 28.64 3.25 36.50
C ASP B 241 27.65 3.91 37.44
N TYR B 242 26.67 3.17 37.96
CA TYR B 242 25.77 3.75 38.94
C TYR B 242 26.50 4.12 40.21
N GLU B 243 27.40 3.25 40.67
CA GLU B 243 28.14 3.51 41.89
C GLU B 243 28.95 4.79 41.75
N SER B 244 29.67 4.91 40.64
CA SER B 244 30.46 6.11 40.39
CA SER B 244 30.47 6.12 40.41
C SER B 244 29.58 7.36 40.32
N ALA B 245 28.43 7.24 39.65
CA ALA B 245 27.55 8.39 39.55
C ALA B 245 26.98 8.78 40.92
N ILE B 246 26.65 7.79 41.76
CA ILE B 246 26.14 8.11 43.10
C ILE B 246 27.16 8.93 43.89
N HIS B 247 28.43 8.54 43.84
CA HIS B 247 29.44 9.34 44.52
C HIS B 247 29.46 10.77 43.98
N ALA B 248 29.36 10.93 42.67
CA ALA B 248 29.44 12.27 42.10
C ALA B 248 28.18 13.06 42.44
N ILE B 249 27.01 12.43 42.30
CA ILE B 249 25.75 13.10 42.59
C ILE B 249 25.64 13.39 44.08
N GLY B 250 26.06 12.44 44.92
CA GLY B 250 25.99 12.64 46.35
C GLY B 250 26.89 13.76 46.83
N LYS B 251 28.10 13.83 46.29
CA LYS B 251 28.98 14.93 46.67
C LYS B 251 28.43 16.26 46.19
N ALA B 252 27.87 16.28 44.97
CA ALA B 252 27.29 17.52 44.45
C ALA B 252 26.05 17.92 45.23
N SER B 253 25.26 16.94 45.66
CA SER B 253 24.10 17.24 46.49
C SER B 253 24.50 18.05 47.73
N ALA B 254 25.61 17.65 48.37
CA ALA B 254 26.20 18.39 49.47
C ALA B 254 25.19 18.65 50.59
N GLY B 255 24.42 17.62 50.93
CA GLY B 255 23.49 17.72 52.02
C GLY B 255 22.19 18.44 51.72
N ARG B 256 21.90 18.72 50.45
CA ARG B 256 20.64 19.36 50.10
C ARG B 256 19.44 18.48 50.36
N GLY B 257 19.64 17.18 50.57
CA GLY B 257 18.54 16.28 50.84
C GLY B 257 17.87 15.80 49.58
N ILE B 258 16.87 14.94 49.80
CA ILE B 258 16.28 14.20 48.68
C ILE B 258 15.31 15.02 47.84
N TYR B 259 14.82 16.15 48.34
CA TYR B 259 13.85 16.95 47.61
C TYR B 259 14.50 18.06 46.79
N GLU B 260 15.27 18.92 47.45
CA GLU B 260 15.98 19.96 46.72
C GLU B 260 17.12 19.38 45.92
N GLY B 261 17.81 18.38 46.47
CA GLY B 261 19.03 17.88 45.89
C GLY B 261 18.77 16.84 44.82
N PRO B 262 19.80 16.57 44.02
CA PRO B 262 19.66 15.63 42.92
C PRO B 262 19.60 14.18 43.41
N GLY B 263 19.06 13.33 42.55
CA GLY B 263 19.03 11.92 42.82
C GLY B 263 19.49 11.13 41.60
N ILE B 264 19.34 9.82 41.67
CA ILE B 264 19.71 8.94 40.58
C ILE B 264 18.55 8.00 40.30
N SER B 265 18.44 7.59 39.04
CA SER B 265 17.46 6.60 38.61
C SER B 265 18.21 5.39 38.05
N ILE B 266 17.74 4.20 38.40
CA ILE B 266 18.36 2.97 37.93
C ILE B 266 17.29 2.09 37.31
N LYS B 267 17.75 1.14 36.50
CA LYS B 267 16.89 0.11 35.94
C LYS B 267 17.40 -1.23 36.45
N LEU B 268 16.51 -2.01 37.06
CA LEU B 268 16.92 -3.33 37.53
C LEU B 268 17.44 -4.20 36.40
N SER B 269 16.92 -4.04 35.19
CA SER B 269 17.44 -4.84 34.08
C SER B 269 18.89 -4.51 33.74
N ALA B 270 19.39 -3.35 34.16
CA ALA B 270 20.79 -3.05 33.97
C ALA B 270 21.68 -3.87 34.89
N LEU B 271 21.14 -4.39 35.98
CA LEU B 271 21.96 -4.93 37.05
C LEU B 271 22.06 -6.44 37.02
N HIS B 272 21.39 -7.08 36.08
CA HIS B 272 21.53 -8.52 35.99
C HIS B 272 21.10 -8.96 34.60
N PRO B 273 21.79 -9.91 33.97
CA PRO B 273 21.40 -10.32 32.62
C PRO B 273 20.16 -11.21 32.59
N ARG B 274 19.72 -11.73 33.72
CA ARG B 274 18.52 -12.58 33.77
C ARG B 274 17.52 -12.00 34.74
N TYR B 275 17.18 -10.73 34.55
CA TYR B 275 16.18 -10.08 35.39
C TYR B 275 14.81 -10.50 34.87
N SER B 276 14.27 -11.56 35.47
CA SER B 276 12.97 -12.06 35.04
CA SER B 276 12.99 -12.11 35.01
C SER B 276 12.40 -12.95 36.13
N ARG B 277 11.08 -13.10 36.11
CA ARG B 277 10.44 -13.96 37.08
C ARG B 277 10.94 -15.39 36.96
N ALA B 278 11.25 -15.83 35.75
CA ALA B 278 11.76 -17.19 35.58
C ALA B 278 13.06 -17.40 36.34
N GLN B 279 13.80 -16.33 36.58
CA GLN B 279 15.06 -16.41 37.30
C GLN B 279 14.98 -15.69 38.65
N ALA B 280 13.82 -15.75 39.28
CA ALA B 280 13.59 -14.97 40.49
C ALA B 280 14.63 -15.27 41.56
N ALA B 281 15.04 -16.55 41.69
CA ALA B 281 16.03 -16.87 42.71
C ALA B 281 17.35 -16.14 42.46
N ARG B 282 17.79 -16.11 41.20
CA ARG B 282 19.02 -15.39 40.89
C ARG B 282 18.84 -13.90 41.06
N VAL B 283 17.66 -13.38 40.75
CA VAL B 283 17.39 -11.96 40.95
C VAL B 283 17.53 -11.61 42.43
N MET B 284 16.90 -12.39 43.29
CA MET B 284 16.98 -12.08 44.72
C MET B 284 18.37 -12.35 45.26
N GLY B 285 19.07 -13.34 44.72
CA GLY B 285 20.38 -13.68 45.25
C GLY B 285 21.50 -12.82 44.75
N GLU B 286 21.38 -12.30 43.52
CA GLU B 286 22.47 -11.62 42.84
C GLU B 286 22.15 -10.18 42.48
N LEU B 287 20.94 -9.90 42.01
CA LEU B 287 20.57 -8.54 41.66
C LEU B 287 20.30 -7.72 42.90
N LEU B 288 19.48 -8.24 43.80
CA LEU B 288 19.11 -7.49 45.01
C LEU B 288 20.31 -6.96 45.79
N PRO B 289 21.34 -7.77 46.08
CA PRO B 289 22.49 -7.20 46.81
C PRO B 289 23.13 -6.02 46.12
N ARG B 290 23.11 -5.99 44.79
CA ARG B 290 23.64 -4.83 44.07
CA ARG B 290 23.64 -4.83 44.07
C ARG B 290 22.79 -3.59 44.28
N VAL B 291 21.45 -3.74 44.22
CA VAL B 291 20.61 -2.58 44.48
C VAL B 291 20.80 -2.11 45.90
N LYS B 292 20.88 -3.04 46.85
CA LYS B 292 21.09 -2.66 48.24
C LYS B 292 22.37 -1.84 48.39
N ALA B 293 23.44 -2.28 47.73
CA ALA B 293 24.70 -1.55 47.84
C ALA B 293 24.56 -0.15 47.29
N LEU B 294 23.90 0.01 46.15
CA LEU B 294 23.69 1.34 45.60
C LEU B 294 22.80 2.16 46.51
N ALA B 295 21.74 1.55 47.06
CA ALA B 295 20.85 2.28 47.95
C ALA B 295 21.58 2.74 49.21
N LEU B 296 22.46 1.89 49.72
CA LEU B 296 23.24 2.27 50.90
C LEU B 296 24.12 3.47 50.60
N LEU B 297 24.74 3.50 49.41
CA LEU B 297 25.51 4.68 49.01
C LEU B 297 24.62 5.92 48.91
N ALA B 298 23.46 5.78 48.26
CA ALA B 298 22.54 6.91 48.17
C ALA B 298 22.10 7.37 49.55
N LYS B 299 21.83 6.42 50.45
CA LYS B 299 21.45 6.80 51.80
C LYS B 299 22.56 7.59 52.49
N ASN B 300 23.81 7.14 52.33
CA ASN B 300 24.91 7.81 52.99
C ASN B 300 25.06 9.25 52.53
N TYR B 301 24.75 9.53 51.27
CA TYR B 301 24.77 10.89 50.75
C TYR B 301 23.43 11.60 50.91
N ASP B 302 22.41 10.89 51.40
CA ASP B 302 21.04 11.37 51.49
C ASP B 302 20.55 11.94 50.15
N ILE B 303 20.65 11.11 49.12
CA ILE B 303 20.07 11.42 47.82
C ILE B 303 18.98 10.40 47.53
N GLY B 304 18.13 10.74 46.56
CA GLY B 304 17.11 9.80 46.11
C GLY B 304 17.72 8.77 45.15
N LEU B 305 17.21 7.55 45.25
CA LEU B 305 17.57 6.49 44.30
C LEU B 305 16.26 5.88 43.85
N ASN B 306 15.95 6.04 42.58
CA ASN B 306 14.67 5.64 42.02
C ASN B 306 14.84 4.42 41.15
N ILE B 307 13.92 3.46 41.29
CA ILE B 307 13.89 2.29 40.44
C ILE B 307 12.89 2.55 39.31
N ASP B 308 13.42 2.70 38.10
CA ASP B 308 12.56 2.90 36.93
C ASP B 308 11.71 1.67 36.70
N ALA B 309 10.55 1.86 36.11
CA ALA B 309 9.64 0.76 35.82
C ALA B 309 9.82 0.34 34.38
N GLU B 310 9.84 -0.98 34.16
CA GLU B 310 10.15 -1.51 32.85
C GLU B 310 8.95 -2.30 32.30
N GLU B 311 9.19 -3.48 31.74
CA GLU B 311 8.11 -4.21 31.12
C GLU B 311 7.12 -4.71 32.18
N ALA B 312 5.89 -4.97 31.70
CA ALA B 312 4.83 -5.37 32.62
C ALA B 312 5.18 -6.65 33.36
N ASP B 313 5.91 -7.57 32.72
CA ASP B 313 6.25 -8.83 33.38
C ASP B 313 7.36 -8.71 34.41
N ARG B 314 7.87 -7.50 34.63
CA ARG B 314 8.86 -7.26 35.67
C ARG B 314 8.30 -6.48 36.85
N LEU B 315 7.06 -5.98 36.73
CA LEU B 315 6.50 -5.14 37.77
C LEU B 315 6.50 -5.86 39.11
N GLU B 316 5.84 -7.01 39.17
CA GLU B 316 5.65 -7.64 40.47
C GLU B 316 6.96 -8.17 41.04
N LEU B 317 7.83 -8.69 40.17
CA LEU B 317 9.17 -9.05 40.62
C LEU B 317 9.88 -7.89 41.28
N SER B 318 9.78 -6.69 40.70
CA SER B 318 10.46 -5.54 41.29
C SER B 318 9.93 -5.23 42.69
N LEU B 319 8.65 -5.54 42.96
CA LEU B 319 8.10 -5.29 44.28
C LEU B 319 8.77 -6.15 45.34
N ASP B 320 9.22 -7.34 44.97
CA ASP B 320 9.93 -8.16 45.95
C ASP B 320 11.23 -7.53 46.36
N LEU B 321 11.88 -6.81 45.44
CA LEU B 321 13.10 -6.09 45.83
C LEU B 321 12.76 -4.87 46.66
N LEU B 322 11.73 -4.12 46.25
CA LEU B 322 11.34 -2.95 47.02
C LEU B 322 11.00 -3.33 48.45
N GLU B 323 10.30 -4.45 48.63
CA GLU B 323 9.94 -4.95 49.96
C GLU B 323 11.19 -5.12 50.83
N VAL B 324 12.18 -5.84 50.30
CA VAL B 324 13.39 -6.08 51.08
C VAL B 324 14.10 -4.77 51.41
N LEU B 325 14.21 -3.88 50.42
CA LEU B 325 14.94 -2.64 50.65
C LEU B 325 14.28 -1.79 51.72
N CYS B 326 12.94 -1.73 51.73
CA CYS B 326 12.25 -0.92 52.72
C CYS B 326 12.32 -1.51 54.12
N LEU B 327 12.56 -2.82 54.24
CA LEU B 327 12.69 -3.47 55.53
C LEU B 327 14.14 -3.61 55.99
N ASP B 328 15.09 -3.16 55.18
CA ASP B 328 16.51 -3.32 55.49
C ASP B 328 16.94 -2.22 56.44
N GLY B 329 17.26 -2.60 57.69
CA GLY B 329 17.68 -1.63 58.69
C GLY B 329 18.92 -0.85 58.34
N ASP B 330 19.76 -1.36 57.42
CA ASP B 330 20.89 -0.57 56.96
C ASP B 330 20.45 0.72 56.29
N LEU B 331 19.22 0.77 55.78
CA LEU B 331 18.69 1.96 55.13
C LEU B 331 17.81 2.77 56.05
N SER B 332 17.91 2.54 57.36
CA SER B 332 17.05 3.16 58.36
C SER B 332 16.91 4.67 58.17
N GLY B 333 15.67 5.15 58.16
CA GLY B 333 15.38 6.57 58.13
C GLY B 333 15.61 7.26 56.81
N TRP B 334 16.00 6.53 55.77
CA TRP B 334 16.27 7.11 54.46
C TRP B 334 14.96 7.17 53.68
N ASN B 335 14.55 8.38 53.32
CA ASN B 335 13.30 8.55 52.59
C ASN B 335 13.53 8.69 51.10
N GLY B 336 14.73 8.37 50.63
CA GLY B 336 15.07 8.56 49.24
C GLY B 336 14.81 7.38 48.34
N MET B 337 14.28 6.27 48.84
CA MET B 337 13.96 5.16 47.96
C MET B 337 12.80 5.58 47.06
N GLY B 338 13.03 5.47 45.75
CA GLY B 338 12.05 5.86 44.76
C GLY B 338 11.62 4.68 43.92
N PHE B 339 10.37 4.72 43.48
CA PHE B 339 9.84 3.60 42.74
C PHE B 339 8.80 4.13 41.77
N VAL B 340 8.92 3.75 40.51
CA VAL B 340 8.02 4.20 39.47
C VAL B 340 6.85 3.26 39.39
N VAL B 341 5.66 3.81 39.19
CA VAL B 341 4.48 3.03 38.86
CA VAL B 341 4.48 3.03 38.86
C VAL B 341 3.88 3.60 37.59
N GLN B 342 3.47 2.71 36.70
CA GLN B 342 3.02 3.07 35.35
C GLN B 342 1.50 3.07 35.30
N ALA B 343 0.93 4.25 35.12
CA ALA B 343 -0.52 4.40 35.11
C ALA B 343 -1.16 3.78 33.87
N TYR B 344 -0.40 3.51 32.82
CA TYR B 344 -1.01 2.77 31.72
C TYR B 344 -1.26 1.32 32.08
N GLY B 345 -0.82 0.88 33.25
CA GLY B 345 -0.95 -0.51 33.66
C GLY B 345 -2.18 -0.69 34.52
N LYS B 346 -2.86 -1.81 34.31
CA LYS B 346 -4.10 -2.09 35.02
C LYS B 346 -3.87 -2.33 36.51
N ARG B 347 -2.66 -2.69 36.89
CA ARG B 347 -2.40 -2.95 38.30
C ARG B 347 -2.04 -1.69 39.07
N CYS B 348 -1.89 -0.57 38.38
CA CYS B 348 -1.33 0.65 38.99
C CYS B 348 -1.95 1.02 40.33
N PRO B 349 -3.27 1.19 40.47
CA PRO B 349 -3.80 1.56 41.79
C PRO B 349 -3.55 0.53 42.86
N PHE B 350 -3.54 -0.75 42.49
CA PHE B 350 -3.27 -1.81 43.46
C PHE B 350 -1.80 -1.83 43.85
N VAL B 351 -0.92 -1.53 42.91
CA VAL B 351 0.50 -1.37 43.24
C VAL B 351 0.69 -0.21 44.19
N LEU B 352 0.00 0.90 43.93
CA LEU B 352 0.08 2.05 44.83
C LEU B 352 -0.40 1.69 46.23
N ASP B 353 -1.51 0.94 46.32
CA ASP B 353 -1.98 0.49 47.63
C ASP B 353 -0.90 -0.32 48.33
N PHE B 354 -0.24 -1.22 47.60
CA PHE B 354 0.85 -2.00 48.17
C PHE B 354 1.98 -1.10 48.65
N ILE B 355 2.38 -0.13 47.83
CA ILE B 355 3.50 0.75 48.18
C ILE B 355 3.15 1.63 49.38
N ILE B 356 1.93 2.19 49.36
CA ILE B 356 1.53 3.04 50.48
C ILE B 356 1.52 2.23 51.77
N ASP B 357 1.02 0.99 51.72
CA ASP B 357 1.04 0.16 52.91
C ASP B 357 2.46 -0.19 53.32
N LEU B 358 3.32 -0.54 52.36
CA LEU B 358 4.71 -0.82 52.68
C LEU B 358 5.37 0.38 53.35
N ALA B 359 5.11 1.58 52.83
CA ALA B 359 5.67 2.78 53.43
C ALA B 359 5.21 2.93 54.86
N ARG B 360 3.90 2.72 55.09
CA ARG B 360 3.34 2.86 56.43
CA ARG B 360 3.35 2.87 56.43
C ARG B 360 3.96 1.87 57.42
N ARG B 361 4.06 0.61 57.01
CA ARG B 361 4.53 -0.39 57.96
C ARG B 361 6.05 -0.40 58.13
N SER B 362 6.81 0.16 57.19
CA SER B 362 8.26 0.16 57.27
C SER B 362 8.84 1.46 57.81
N GLY B 363 8.04 2.50 57.98
CA GLY B 363 8.57 3.76 58.46
C GLY B 363 9.46 4.45 57.45
N ARG B 364 9.15 4.32 56.17
CA ARG B 364 9.90 4.91 55.08
C ARG B 364 8.92 5.72 54.26
N ARG B 365 9.21 6.98 54.03
CA ARG B 365 8.50 7.69 52.98
C ARG B 365 9.11 7.22 51.67
N ILE B 366 8.30 6.61 50.82
CA ILE B 366 8.77 6.13 49.54
C ILE B 366 8.44 7.19 48.51
N MET B 367 9.41 7.53 47.67
CA MET B 367 9.17 8.45 46.58
C MET B 367 8.54 7.66 45.45
N VAL B 368 7.37 8.09 45.00
CA VAL B 368 6.62 7.33 44.02
C VAL B 368 6.49 8.16 42.77
N ARG B 369 7.17 7.75 41.71
CA ARG B 369 7.05 8.45 40.44
C ARG B 369 5.90 7.84 39.68
N LEU B 370 4.86 8.63 39.47
CA LEU B 370 3.74 8.22 38.66
C LEU B 370 4.02 8.64 37.23
N VAL B 371 4.09 7.66 36.34
CA VAL B 371 4.27 7.90 34.92
C VAL B 371 3.10 7.27 34.22
N LYS B 372 2.99 7.56 32.93
CA LYS B 372 2.04 6.80 32.15
C LYS B 372 2.64 5.44 31.75
N GLY B 373 3.70 5.44 30.98
CA GLY B 373 4.45 4.22 30.72
C GLY B 373 5.08 4.25 29.34
N ALA B 374 6.26 3.63 29.22
CA ALA B 374 7.09 3.81 28.05
C ALA B 374 7.09 2.63 27.10
N TYR B 375 6.37 1.55 27.40
CA TYR B 375 6.50 0.32 26.64
C TYR B 375 5.19 -0.07 25.96
N TRP B 376 4.35 0.90 25.66
CA TRP B 376 2.97 0.57 25.31
C TRP B 376 2.89 -0.35 24.09
N ASP B 377 3.50 0.05 22.97
CA ASP B 377 3.44 -0.75 21.75
CA ASP B 377 3.37 -0.78 21.77
C ASP B 377 3.95 -2.16 21.99
N ALA B 378 5.03 -2.26 22.77
CA ALA B 378 5.65 -3.56 23.01
C ALA B 378 4.74 -4.44 23.86
N GLU B 379 4.01 -3.83 24.80
CA GLU B 379 3.11 -4.60 25.64
C GLU B 379 1.93 -5.12 24.83
N ILE B 380 1.44 -4.34 23.87
CA ILE B 380 0.37 -4.83 23.02
C ILE B 380 0.86 -6.04 22.23
N LYS B 381 2.01 -5.89 21.59
CA LYS B 381 2.54 -6.97 20.76
C LYS B 381 2.78 -8.21 21.59
N ARG B 382 3.36 -8.05 22.78
CA ARG B 382 3.74 -9.21 23.57
CA ARG B 382 3.74 -9.20 23.59
C ARG B 382 2.51 -10.00 24.01
N ALA B 383 1.46 -9.32 24.44
CA ALA B 383 0.26 -10.02 24.88
C ALA B 383 -0.38 -10.74 23.71
N GLN B 384 -0.36 -10.11 22.53
CA GLN B 384 -0.89 -10.78 21.35
C GLN B 384 -0.06 -12.00 20.99
N LEU B 385 1.27 -11.86 20.96
CA LEU B 385 2.13 -13.00 20.64
C LEU B 385 1.89 -14.15 21.60
N ASP B 386 1.70 -13.84 22.88
CA ASP B 386 1.63 -14.87 23.90
C ASP B 386 0.22 -15.42 24.08
N GLY B 387 -0.75 -14.88 23.35
CA GLY B 387 -2.10 -15.40 23.44
C GLY B 387 -2.70 -15.25 24.81
N LEU B 388 -2.39 -14.16 25.49
CA LEU B 388 -2.85 -14.03 26.87
C LEU B 388 -4.26 -13.44 26.93
N ALA B 389 -4.83 -13.47 28.13
CA ALA B 389 -6.27 -13.21 28.24
C ALA B 389 -6.61 -11.78 27.86
N ASP B 390 -5.72 -10.85 28.16
CA ASP B 390 -5.95 -9.44 27.87
C ASP B 390 -4.60 -8.77 27.95
N PHE B 391 -4.59 -7.49 27.71
CA PHE B 391 -3.38 -6.70 27.87
C PHE B 391 -3.15 -6.32 29.32
N PRO B 392 -1.90 -6.11 29.72
CA PRO B 392 -1.63 -5.61 31.07
C PRO B 392 -1.60 -4.10 31.11
N VAL B 393 -1.92 -3.47 29.99
CA VAL B 393 -2.01 -2.03 29.87
C VAL B 393 -3.34 -1.69 29.22
N PHE B 394 -3.73 -0.44 29.34
CA PHE B 394 -4.91 0.05 28.64
C PHE B 394 -4.63 0.12 27.14
N THR B 395 -5.72 0.13 26.37
CA THR B 395 -5.62 0.21 24.91
C THR B 395 -6.13 1.51 24.34
N ARG B 396 -6.80 2.35 25.12
CA ARG B 396 -7.16 3.69 24.71
C ARG B 396 -6.35 4.67 25.53
N LYS B 397 -5.76 5.64 24.84
CA LYS B 397 -4.85 6.55 25.53
C LYS B 397 -5.59 7.34 26.60
N ILE B 398 -6.85 7.67 26.35
CA ILE B 398 -7.65 8.39 27.34
C ILE B 398 -7.82 7.57 28.61
N HIS B 399 -7.77 6.24 28.50
CA HIS B 399 -7.88 5.41 29.70
C HIS B 399 -6.65 5.53 30.57
N THR B 400 -5.46 5.56 29.95
CA THR B 400 -4.25 5.82 30.71
C THR B 400 -4.30 7.18 31.38
N ASP B 401 -4.85 8.18 30.69
CA ASP B 401 -4.96 9.51 31.29
C ASP B 401 -5.87 9.49 32.50
N VAL B 402 -7.01 8.80 32.39
CA VAL B 402 -7.91 8.68 33.52
C VAL B 402 -7.24 7.91 34.64
N SER B 403 -6.56 6.81 34.30
CA SER B 403 -5.84 6.03 35.31
C SER B 403 -4.80 6.89 36.02
N TYR B 404 -4.07 7.71 35.27
CA TYR B 404 -3.06 8.58 35.88
C TYR B 404 -3.72 9.54 36.87
N ILE B 405 -4.82 10.18 36.46
CA ILE B 405 -5.46 11.15 37.33
C ILE B 405 -6.05 10.45 38.56
N ALA B 406 -6.63 9.26 38.38
CA ALA B 406 -7.16 8.51 39.52
C ALA B 406 -6.04 8.11 40.47
N CYS B 407 -4.90 7.70 39.92
CA CYS B 407 -3.77 7.31 40.75
C CYS B 407 -3.14 8.53 41.42
N ALA B 408 -3.13 9.68 40.74
CA ALA B 408 -2.70 10.92 41.36
C ALA B 408 -3.59 11.26 42.54
N ALA B 409 -4.91 11.03 42.42
CA ALA B 409 -5.80 11.30 43.53
C ALA B 409 -5.45 10.42 44.72
N LYS B 410 -5.13 9.16 44.48
CA LYS B 410 -4.70 8.27 45.54
C LYS B 410 -3.39 8.76 46.16
N LEU B 411 -2.44 9.15 45.31
CA LEU B 411 -1.15 9.62 45.82
C LEU B 411 -1.31 10.93 46.58
N LEU B 412 -2.10 11.86 46.06
CA LEU B 412 -2.25 13.15 46.73
C LEU B 412 -2.96 13.01 48.07
N ALA B 413 -3.77 11.97 48.23
CA ALA B 413 -4.37 11.68 49.52
C ALA B 413 -3.41 10.97 50.46
N ALA B 414 -2.21 10.64 49.99
CA ALA B 414 -1.24 9.92 50.82
C ALA B 414 0.09 10.65 50.92
N THR B 415 0.11 11.98 50.72
CA THR B 415 1.38 12.72 50.74
C THR B 415 2.05 12.67 52.11
N ASP B 416 1.30 12.36 53.16
CA ASP B 416 1.91 12.14 54.47
C ASP B 416 2.69 10.83 54.53
N VAL B 417 2.57 9.97 53.52
CA VAL B 417 3.06 8.60 53.59
C VAL B 417 4.06 8.32 52.47
N VAL B 418 3.82 8.93 51.30
CA VAL B 418 4.70 8.77 50.17
C VAL B 418 4.93 10.15 49.60
N PHE B 419 5.97 10.26 48.78
CA PHE B 419 6.28 11.52 48.13
C PHE B 419 5.90 11.37 46.67
N PRO B 420 4.75 11.89 46.24
CA PRO B 420 4.33 11.68 44.86
C PRO B 420 5.12 12.55 43.90
N GLN B 421 5.52 11.95 42.79
CA GLN B 421 6.30 12.62 41.76
C GLN B 421 5.57 12.42 40.45
N PHE B 422 4.95 13.48 39.95
CA PHE B 422 4.05 13.37 38.80
C PHE B 422 4.83 13.69 37.54
N ALA B 423 5.34 12.62 36.91
CA ALA B 423 6.09 12.74 35.67
C ALA B 423 5.11 12.80 34.51
N THR B 424 5.03 13.95 33.84
CA THR B 424 4.19 14.08 32.66
C THR B 424 4.58 15.34 31.91
N HIS B 425 4.47 15.27 30.58
CA HIS B 425 4.65 16.44 29.73
C HIS B 425 3.32 17.00 29.27
N ASN B 426 2.21 16.43 29.73
CA ASN B 426 0.87 16.79 29.27
C ASN B 426 0.34 17.90 30.17
N ALA B 427 0.15 19.09 29.59
CA ALA B 427 -0.30 20.24 30.36
C ALA B 427 -1.70 20.03 30.92
N GLN B 428 -2.53 19.23 30.24
CA GLN B 428 -3.84 18.93 30.80
C GLN B 428 -3.71 18.05 32.04
N THR B 429 -2.91 16.99 31.95
CA THR B 429 -2.68 16.13 33.11
C THR B 429 -2.11 16.93 34.27
N LEU B 430 -1.10 17.75 33.99
CA LEU B 430 -0.47 18.57 35.01
C LEU B 430 -1.48 19.49 35.68
N ALA B 431 -2.27 20.22 34.86
CA ALA B 431 -3.23 21.16 35.41
C ALA B 431 -4.25 20.45 36.30
N ALA B 432 -4.70 19.26 35.89
CA ALA B 432 -5.64 18.51 36.71
C ALA B 432 -5.07 18.19 38.07
N ILE B 433 -3.80 17.75 38.12
CA ILE B 433 -3.19 17.40 39.39
C ILE B 433 -2.86 18.64 40.21
N TYR B 434 -2.38 19.70 39.55
CA TYR B 434 -2.09 20.95 40.23
C TYR B 434 -3.29 21.44 41.02
N HIS B 435 -4.47 21.38 40.41
CA HIS B 435 -5.66 21.83 41.12
C HIS B 435 -6.21 20.76 42.05
N MET B 436 -6.13 19.49 41.65
CA MET B 436 -6.52 18.41 42.55
C MET B 436 -5.74 18.49 43.87
N ALA B 437 -4.48 18.93 43.82
CA ALA B 437 -3.67 19.01 45.03
C ALA B 437 -4.10 20.13 45.96
N GLY B 438 -4.88 21.08 45.47
CA GLY B 438 -5.38 22.15 46.31
C GLY B 438 -4.37 23.27 46.49
N LYS B 439 -4.75 24.20 47.36
CA LYS B 439 -3.98 25.43 47.55
C LYS B 439 -2.77 25.23 48.46
N ASP B 440 -2.80 24.22 49.33
CA ASP B 440 -1.75 24.05 50.32
C ASP B 440 -0.58 23.32 49.68
N PHE B 441 0.61 23.93 49.70
CA PHE B 441 1.77 23.28 49.12
C PHE B 441 3.04 23.71 49.83
N HIS B 442 3.97 22.77 49.93
CA HIS B 442 5.34 23.05 50.34
C HIS B 442 6.25 22.09 49.58
N VAL B 443 7.52 22.47 49.46
CA VAL B 443 8.50 21.56 48.89
C VAL B 443 8.60 20.34 49.80
N GLY B 444 8.53 19.15 49.20
CA GLY B 444 8.48 17.92 49.95
C GLY B 444 7.11 17.30 50.03
N LYS B 445 6.06 18.04 49.68
CA LYS B 445 4.72 17.45 49.66
C LYS B 445 4.55 16.56 48.44
N TYR B 446 4.81 17.10 47.25
CA TYR B 446 4.85 16.35 46.01
C TYR B 446 5.65 17.20 45.03
N GLU B 447 6.02 16.59 43.91
CA GLU B 447 6.67 17.34 42.86
C GLU B 447 6.16 16.86 41.51
N PHE B 448 6.47 17.64 40.49
CA PHE B 448 6.32 17.17 39.12
C PHE B 448 7.68 16.69 38.64
N GLN B 449 7.66 15.94 37.54
CA GLN B 449 8.89 15.50 36.90
C GLN B 449 8.73 15.63 35.39
N CYS B 450 9.86 15.83 34.72
CA CYS B 450 9.86 15.88 33.27
C CYS B 450 11.19 15.37 32.77
N LEU B 451 11.27 15.19 31.47
CA LEU B 451 12.47 14.70 30.83
C LEU B 451 13.32 15.88 30.39
N HIS B 452 14.63 15.76 30.59
CA HIS B 452 15.55 16.77 30.10
C HIS B 452 15.37 16.99 28.61
N GLY B 453 15.41 18.26 28.20
CA GLY B 453 15.35 18.57 26.78
C GLY B 453 14.04 18.23 26.12
N MET B 454 12.97 18.06 26.91
CA MET B 454 11.63 17.86 26.37
C MET B 454 10.67 18.64 27.24
N GLY B 455 10.82 18.53 28.55
CA GLY B 455 9.85 19.06 29.50
C GLY B 455 10.08 20.46 29.97
N GLU B 456 11.26 21.04 29.72
CA GLU B 456 11.55 22.37 30.23
C GLU B 456 10.57 23.44 29.75
N PRO B 457 10.22 23.51 28.46
CA PRO B 457 9.25 24.54 28.04
C PRO B 457 7.96 24.52 28.84
N LEU B 458 7.41 23.35 29.12
CA LEU B 458 6.22 23.28 29.96
C LEU B 458 6.54 23.71 31.38
N TYR B 459 7.61 23.17 31.94
CA TYR B 459 7.87 23.37 33.37
C TYR B 459 8.52 24.70 33.70
N GLU B 460 9.06 25.40 32.70
CA GLU B 460 9.41 26.80 32.89
C GLU B 460 8.18 27.63 33.22
N GLU B 461 6.98 27.16 32.84
CA GLU B 461 5.72 27.81 33.17
C GLU B 461 5.14 27.31 34.48
N VAL B 462 5.89 26.50 35.23
CA VAL B 462 5.41 25.87 36.45
C VAL B 462 6.30 26.21 37.63
N VAL B 463 7.61 26.00 37.48
CA VAL B 463 8.55 26.30 38.55
C VAL B 463 8.70 27.80 38.70
N GLY B 464 8.75 28.26 39.94
CA GLY B 464 8.98 29.67 40.21
C GLY B 464 7.81 30.33 40.89
N ARG B 465 8.10 31.23 41.83
CA ARG B 465 7.03 31.98 42.50
C ARG B 465 6.19 32.76 41.50
N GLY B 466 6.79 33.19 40.39
CA GLY B 466 6.06 33.87 39.33
C GLY B 466 5.30 32.98 38.40
N LYS B 467 5.31 31.67 38.63
CA LYS B 467 4.57 30.72 37.83
C LYS B 467 3.58 29.98 38.71
N LEU B 468 3.57 28.64 38.64
CA LEU B 468 2.72 27.87 39.52
C LEU B 468 3.36 27.58 40.87
N ASP B 469 4.64 27.93 41.04
CA ASP B 469 5.35 27.72 42.29
C ASP B 469 5.34 26.25 42.70
N ARG B 470 5.52 25.37 41.72
CA ARG B 470 5.63 23.94 41.94
C ARG B 470 6.96 23.42 41.42
N PRO B 471 7.63 22.57 42.18
CA PRO B 471 8.93 22.06 41.75
C PRO B 471 8.78 21.00 40.68
N CYS B 472 9.86 20.86 39.90
CA CYS B 472 9.93 19.83 38.88
C CYS B 472 11.31 19.21 38.91
N ARG B 473 11.37 17.89 38.97
CA ARG B 473 12.62 17.16 38.90
C ARG B 473 12.84 16.70 37.46
N ILE B 474 14.01 17.03 36.93
CA ILE B 474 14.35 16.71 35.55
C ILE B 474 15.06 15.37 35.50
N TYR B 475 14.49 14.43 34.77
CA TYR B 475 15.12 13.15 34.49
C TYR B 475 16.19 13.41 33.43
N ALA B 476 17.44 13.22 33.81
CA ALA B 476 18.57 13.72 33.03
C ALA B 476 19.43 12.57 32.54
N PRO B 477 19.30 12.16 31.28
CA PRO B 477 20.19 11.14 30.74
C PRO B 477 21.60 11.68 30.67
N VAL B 478 22.55 10.80 30.95
CA VAL B 478 23.96 11.14 30.96
C VAL B 478 24.69 10.03 30.21
N GLY B 479 25.41 10.39 29.17
CA GLY B 479 26.18 9.39 28.47
C GLY B 479 26.54 9.84 27.07
N THR B 480 27.21 8.92 26.36
CA THR B 480 27.82 9.18 25.07
C THR B 480 26.77 9.09 23.96
N HIS B 481 27.22 9.41 22.73
CA HIS B 481 26.34 9.31 21.58
C HIS B 481 25.90 7.87 21.33
N GLU B 482 26.83 6.93 21.42
CA GLU B 482 26.49 5.52 21.18
C GLU B 482 25.46 5.03 22.19
N THR B 483 25.62 5.43 23.45
CA THR B 483 24.71 4.95 24.49
C THR B 483 23.33 5.59 24.35
N LEU B 484 23.26 6.90 24.11
CA LEU B 484 21.97 7.57 24.05
C LEU B 484 21.14 7.11 22.84
N LEU B 485 21.79 6.83 21.72
CA LEU B 485 21.06 6.38 20.53
C LEU B 485 20.40 5.03 20.74
N ALA B 486 20.87 4.23 21.70
CA ALA B 486 20.42 2.84 21.83
C ALA B 486 18.94 2.73 22.18
N TYR B 487 18.38 3.74 22.88
CA TYR B 487 16.97 3.70 23.22
C TYR B 487 16.27 5.02 22.97
N LEU B 488 16.82 5.86 22.09
CA LEU B 488 16.17 7.14 21.80
C LEU B 488 14.84 6.94 21.10
N VAL B 489 14.68 5.86 20.32
CA VAL B 489 13.42 5.60 19.64
C VAL B 489 12.28 5.55 20.65
N ARG B 490 12.43 4.71 21.69
CA ARG B 490 11.40 4.61 22.70
C ARG B 490 11.18 5.95 23.41
N ARG B 491 12.26 6.70 23.63
CA ARG B 491 12.14 7.96 24.35
C ARG B 491 11.33 8.98 23.56
N LEU B 492 11.48 8.99 22.24
CA LEU B 492 10.85 9.97 21.37
C LEU B 492 9.41 9.61 21.01
N LEU B 493 9.14 8.32 20.77
CA LEU B 493 7.80 7.88 20.41
C LEU B 493 6.84 8.10 21.57
N ALA B 497 4.49 9.16 18.31
CA ALA B 497 3.07 8.81 18.32
C ALA B 497 2.17 10.03 18.16
N ASN B 498 1.19 9.91 17.25
CA ASN B 498 0.26 11.01 16.99
C ASN B 498 -0.60 11.32 18.21
N SER B 499 -0.84 10.33 19.08
CA SER B 499 -1.66 10.52 20.27
C SER B 499 -0.91 11.21 21.40
N SER B 500 0.38 11.44 21.25
CA SER B 500 1.19 12.01 22.32
C SER B 500 1.00 13.51 22.38
N PHE B 501 0.99 14.04 23.61
CA PHE B 501 1.01 15.50 23.79
C PHE B 501 2.24 16.10 23.12
N VAL B 502 3.37 15.38 23.12
CA VAL B 502 4.59 15.90 22.52
C VAL B 502 4.38 16.20 21.04
N HIS B 503 3.62 15.35 20.35
CA HIS B 503 3.31 15.59 18.94
C HIS B 503 2.14 16.55 18.77
N ARG B 504 1.15 16.49 19.67
CA ARG B 504 -0.09 17.23 19.46
C ARG B 504 0.07 18.72 19.73
N ILE B 505 0.94 19.10 20.68
CA ILE B 505 1.16 20.51 20.96
C ILE B 505 1.70 21.24 19.73
N ASN B 506 2.45 20.53 18.89
CA ASN B 506 3.05 21.11 17.69
C ASN B 506 2.23 20.86 16.42
N ASP B 507 1.05 20.26 16.55
CA ASP B 507 0.19 20.04 15.39
C ASP B 507 -0.84 21.16 15.35
N PRO B 508 -0.76 22.08 14.38
CA PRO B 508 -1.72 23.20 14.36
C PRO B 508 -3.15 22.76 14.11
N LYS B 509 -3.36 21.57 13.56
CA LYS B 509 -4.70 21.05 13.35
C LYS B 509 -5.40 20.66 14.65
N VAL B 510 -4.71 20.76 15.79
CA VAL B 510 -5.27 20.44 17.09
C VAL B 510 -5.41 21.73 17.88
N SER B 511 -6.63 22.03 18.31
CA SER B 511 -6.88 23.27 19.04
C SER B 511 -6.48 23.12 20.50
N ILE B 512 -6.35 24.26 21.17
CA ILE B 512 -6.16 24.23 22.62
C ILE B 512 -7.39 23.67 23.32
N ASP B 513 -8.56 23.78 22.70
CA ASP B 513 -9.76 23.18 23.28
C ASP B 513 -9.65 21.66 23.33
N GLU B 514 -9.20 21.04 22.23
CA GLU B 514 -9.01 19.59 22.22
C GLU B 514 -7.96 19.17 23.24
N LEU B 515 -6.93 20.00 23.42
CA LEU B 515 -5.84 19.61 24.32
C LEU B 515 -6.25 19.72 25.78
N ILE B 516 -7.21 20.58 26.10
CA ILE B 516 -7.66 20.75 27.48
C ILE B 516 -8.90 19.90 27.78
N ALA B 517 -9.35 19.10 26.82
CA ALA B 517 -10.45 18.18 27.07
C ALA B 517 -10.13 17.29 28.27
N ASP B 518 -11.11 17.14 29.16
CA ASP B 518 -10.96 16.37 30.39
C ASP B 518 -11.16 14.89 30.07
N PRO B 519 -10.10 14.08 30.11
CA PRO B 519 -10.26 12.65 29.82
C PRO B 519 -11.27 11.97 30.73
N VAL B 520 -11.37 12.41 31.99
CA VAL B 520 -12.30 11.79 32.93
C VAL B 520 -13.73 11.95 32.45
N GLU B 521 -14.11 13.18 32.06
CA GLU B 521 -15.48 13.40 31.61
C GLU B 521 -15.73 12.78 30.24
N VAL B 522 -14.72 12.74 29.38
CA VAL B 522 -14.91 12.08 28.09
C VAL B 522 -15.15 10.59 28.28
N VAL B 523 -14.36 9.94 29.15
CA VAL B 523 -14.56 8.52 29.42
C VAL B 523 -15.92 8.28 30.07
N ARG B 524 -16.28 9.11 31.05
CA ARG B 524 -17.54 8.92 31.75
C ARG B 524 -18.73 8.92 30.78
N ALA B 525 -18.64 9.68 29.71
CA ALA B 525 -19.75 9.86 28.79
C ALA B 525 -19.77 8.85 27.64
N MET B 526 -18.79 7.95 27.59
CA MET B 526 -18.78 6.93 26.55
CA MET B 526 -18.79 6.95 26.54
C MET B 526 -19.91 5.94 26.77
N PRO B 527 -20.47 5.37 25.69
CA PRO B 527 -21.59 4.43 25.87
C PRO B 527 -21.22 3.22 26.70
N VAL B 528 -20.03 2.67 26.50
CA VAL B 528 -19.51 1.57 27.31
C VAL B 528 -18.23 2.09 27.94
N VAL B 529 -18.29 2.42 29.23
CA VAL B 529 -17.12 2.97 29.90
C VAL B 529 -16.00 1.94 29.88
N GLY B 530 -14.84 2.34 29.36
CA GLY B 530 -13.68 1.48 29.39
C GLY B 530 -13.62 0.44 28.30
N ALA B 531 -14.39 0.59 27.22
CA ALA B 531 -14.30 -0.36 26.12
C ALA B 531 -12.91 -0.34 25.51
N LYS B 532 -12.42 -1.53 25.15
CA LYS B 532 -11.13 -1.66 24.49
C LYS B 532 -11.13 -0.82 23.21
N HIS B 533 -9.94 -0.39 22.81
CA HIS B 533 -9.79 0.27 21.52
C HIS B 533 -10.38 -0.61 20.42
N ASP B 534 -11.19 0.01 19.55
CA ASP B 534 -11.83 -0.71 18.46
C ASP B 534 -10.84 -1.32 17.48
N ARG B 535 -9.63 -0.78 17.40
CA ARG B 535 -8.69 -1.17 16.36
C ARG B 535 -7.53 -1.99 16.90
N ILE B 536 -7.62 -2.45 18.14
CA ILE B 536 -6.61 -3.31 18.75
C ILE B 536 -7.29 -4.61 19.15
N ALA B 537 -6.85 -5.71 18.56
CA ALA B 537 -7.49 -6.99 18.82
C ALA B 537 -6.99 -7.56 20.14
N LEU B 538 -7.91 -8.06 20.95
CA LEU B 538 -7.49 -8.93 22.02
C LEU B 538 -6.70 -10.09 21.42
N PRO B 539 -5.77 -10.67 22.18
CA PRO B 539 -5.02 -11.81 21.65
C PRO B 539 -5.91 -12.90 21.13
N ALA B 540 -7.01 -13.20 21.83
CA ALA B 540 -7.90 -14.26 21.35
C ALA B 540 -8.54 -13.92 20.02
N GLU B 541 -8.58 -12.64 19.65
CA GLU B 541 -9.33 -12.17 18.50
C GLU B 541 -8.46 -11.76 17.32
N LEU B 542 -7.18 -12.20 17.30
CA LEU B 542 -6.28 -11.77 16.23
C LEU B 542 -6.79 -12.13 14.85
N PHE B 543 -7.56 -13.22 14.74
CA PHE B 543 -8.02 -13.71 13.45
C PHE B 543 -9.47 -13.37 13.21
N GLY B 544 -10.06 -12.55 14.07
CA GLY B 544 -11.41 -12.09 13.85
C GLY B 544 -12.39 -13.24 13.81
N ASP B 545 -13.32 -13.18 12.86
CA ASP B 545 -14.39 -14.16 12.77
C ASP B 545 -13.90 -15.51 12.25
N ALA B 546 -12.69 -15.58 11.69
CA ALA B 546 -12.23 -16.82 11.10
C ALA B 546 -12.05 -17.92 12.14
N ARG B 547 -11.46 -17.59 13.27
CA ARG B 547 -11.21 -18.59 14.29
C ARG B 547 -10.70 -17.89 15.53
N THR B 548 -10.77 -18.61 16.64
CA THR B 548 -10.28 -18.10 17.91
C THR B 548 -8.82 -18.49 18.05
N ASN B 549 -7.99 -17.52 18.37
CA ASN B 549 -6.57 -17.76 18.56
C ASN B 549 -6.39 -18.64 19.80
N SER B 550 -5.41 -19.54 19.74
CA SER B 550 -5.09 -20.30 20.93
C SER B 550 -4.63 -19.35 22.03
N ALA B 551 -4.87 -19.75 23.26
CA ALA B 551 -4.44 -18.98 24.42
C ALA B 551 -3.23 -19.64 25.08
N GLY B 552 -2.32 -18.81 25.55
CA GLY B 552 -1.19 -19.26 26.33
C GLY B 552 -1.46 -19.15 27.81
N LEU B 553 -0.38 -19.15 28.57
CA LEU B 553 -0.45 -19.02 30.02
C LEU B 553 0.63 -18.03 30.40
N ASP B 554 0.33 -17.17 31.36
CA ASP B 554 1.25 -16.09 31.73
C ASP B 554 2.15 -16.60 32.84
N LEU B 555 3.38 -16.93 32.50
CA LEU B 555 4.32 -17.47 33.48
C LEU B 555 4.95 -16.40 34.35
N SER B 556 4.48 -15.15 34.24
CA SER B 556 4.84 -14.12 35.19
C SER B 556 3.73 -13.86 36.20
N ASN B 557 2.62 -14.57 36.08
CA ASN B 557 1.47 -14.36 36.94
C ASN B 557 1.52 -15.39 38.07
N GLU B 558 1.61 -14.90 39.32
CA GLU B 558 1.78 -15.83 40.45
C GLU B 558 0.58 -16.75 40.61
N GLU B 559 -0.63 -16.27 40.33
CA GLU B 559 -1.78 -17.16 40.38
C GLU B 559 -1.60 -18.27 39.36
N THR B 560 -1.19 -17.91 38.15
CA THR B 560 -0.99 -18.91 37.12
C THR B 560 0.10 -19.88 37.52
N LEU B 561 1.21 -19.36 38.04
CA LEU B 561 2.31 -20.24 38.45
C LEU B 561 1.87 -21.20 39.55
N ALA B 562 1.08 -20.70 40.51
CA ALA B 562 0.64 -21.56 41.60
C ALA B 562 -0.31 -22.64 41.09
N SER B 563 -1.25 -22.27 40.24
CA SER B 563 -2.18 -23.28 39.74
C SER B 563 -1.47 -24.23 38.78
N LEU B 564 -0.57 -23.70 37.96
CA LEU B 564 0.17 -24.55 37.06
C LEU B 564 1.04 -25.55 37.82
N THR B 565 1.70 -25.09 38.88
CA THR B 565 2.49 -25.99 39.72
C THR B 565 1.66 -27.19 40.14
N GLU B 566 0.45 -26.94 40.63
CA GLU B 566 -0.40 -28.03 41.09
C GLU B 566 -0.79 -28.94 39.93
N ALA B 567 -1.17 -28.36 38.80
CA ALA B 567 -1.55 -29.18 37.65
C ALA B 567 -0.38 -29.98 37.13
N LEU B 568 0.82 -29.40 37.16
CA LEU B 568 2.00 -30.12 36.68
C LEU B 568 2.33 -31.27 37.62
N ARG B 569 2.32 -31.01 38.93
CA ARG B 569 2.53 -32.08 39.89
C ARG B 569 1.52 -33.19 39.70
N GLU B 570 0.24 -32.83 39.56
CA GLU B 570 -0.80 -33.84 39.37
C GLU B 570 -0.59 -34.61 38.08
N SER B 571 -0.05 -33.96 37.04
CA SER B 571 0.16 -34.66 35.79
C SER B 571 1.18 -35.76 35.95
N ALA B 572 2.15 -35.56 36.83
CA ALA B 572 3.19 -36.56 37.01
C ALA B 572 2.68 -37.76 37.81
N ALA B 573 1.57 -37.60 38.54
CA ALA B 573 0.99 -38.71 39.28
C ALA B 573 0.05 -39.57 38.44
N MET B 574 -0.25 -39.15 37.21
CA MET B 574 -1.17 -39.90 36.38
C MET B 574 -0.46 -41.06 35.72
N LYS B 575 -1.21 -42.12 35.43
CA LYS B 575 -0.68 -43.27 34.69
C LYS B 575 -0.81 -42.96 33.21
N TRP B 576 0.29 -42.58 32.59
CA TRP B 576 0.31 -42.26 31.18
C TRP B 576 0.71 -43.49 30.39
N THR B 577 -0.12 -43.83 29.41
CA THR B 577 0.12 -44.99 28.59
C THR B 577 -0.09 -44.62 27.15
N ALA B 578 0.46 -45.43 26.26
CA ALA B 578 0.20 -45.31 24.83
C ALA B 578 0.11 -46.72 24.32
N LEU B 579 -1.00 -47.05 23.66
CA LEU B 579 -1.29 -48.40 23.22
C LEU B 579 -1.59 -48.38 21.74
N PRO B 580 -1.47 -49.50 21.06
CA PRO B 580 -2.01 -49.60 19.71
C PRO B 580 -3.51 -49.57 19.79
N GLN B 581 -4.08 -48.42 19.50
CA GLN B 581 -5.51 -48.19 19.63
C GLN B 581 -6.16 -48.40 18.28
N LEU B 582 -6.59 -49.64 18.05
CA LEU B 582 -7.26 -49.95 16.81
C LEU B 582 -8.75 -49.64 16.96
N ALA B 583 -9.47 -49.71 15.83
CA ALA B 583 -10.89 -49.41 15.86
C ALA B 583 -11.62 -50.31 16.84
N THR B 584 -11.17 -51.56 16.96
CA THR B 584 -11.82 -52.56 17.79
C THR B 584 -11.33 -52.54 19.22
N GLY B 585 -10.44 -51.63 19.59
CA GLY B 585 -9.91 -51.57 20.92
C GLY B 585 -8.40 -51.64 20.92
N PRO B 586 -7.79 -51.52 22.09
CA PRO B 586 -6.34 -51.59 22.16
C PRO B 586 -5.85 -53.01 21.95
N ALA B 587 -4.76 -53.12 21.21
CA ALA B 587 -4.14 -54.39 20.91
C ALA B 587 -2.97 -54.63 21.86
N ALA B 588 -2.67 -55.91 22.04
CA ALA B 588 -1.49 -56.30 22.80
C ALA B 588 -0.23 -56.01 22.00
N GLY B 589 0.87 -55.84 22.71
CA GLY B 589 2.13 -55.65 22.03
C GLY B 589 3.27 -55.63 23.02
N GLU B 590 4.46 -55.31 22.52
CA GLU B 590 5.64 -55.20 23.37
C GLU B 590 5.60 -53.87 24.11
N THR B 591 5.79 -53.93 25.42
CA THR B 591 5.63 -52.76 26.27
C THR B 591 6.97 -52.38 26.88
N ARG B 592 7.25 -51.08 26.90
CA ARG B 592 8.42 -50.58 27.58
C ARG B 592 8.10 -49.26 28.26
N THR B 593 8.97 -48.84 29.16
CA THR B 593 8.79 -47.59 29.84
C THR B 593 9.25 -46.43 28.97
N VAL B 594 8.67 -45.27 29.22
CA VAL B 594 9.07 -44.02 28.63
C VAL B 594 9.71 -43.21 29.74
N LEU B 595 10.96 -42.81 29.53
CA LEU B 595 11.76 -42.15 30.56
C LEU B 595 11.96 -40.69 30.20
N ASN B 596 12.04 -39.87 31.23
CA ASN B 596 12.30 -38.46 31.02
C ASN B 596 13.70 -38.30 30.44
N PRO B 597 13.87 -37.70 29.27
CA PRO B 597 15.22 -37.57 28.70
C PRO B 597 16.13 -36.76 29.57
N GLY B 598 15.59 -35.88 30.42
CA GLY B 598 16.44 -35.11 31.30
C GLY B 598 16.79 -35.81 32.60
N ASP B 599 16.19 -36.95 32.86
CA ASP B 599 16.48 -37.72 34.06
C ASP B 599 15.85 -39.09 33.89
N HIS B 600 16.65 -40.08 33.52
CA HIS B 600 16.09 -41.39 33.25
C HIS B 600 15.49 -42.05 34.49
N ARG B 601 15.76 -41.53 35.68
CA ARG B 601 15.10 -42.04 36.88
C ARG B 601 13.62 -41.68 36.90
N ASP B 602 13.21 -40.68 36.14
CA ASP B 602 11.84 -40.19 36.14
C ASP B 602 11.09 -40.98 35.06
N VAL B 603 10.31 -41.97 35.50
CA VAL B 603 9.51 -42.76 34.58
C VAL B 603 8.24 -41.98 34.25
N VAL B 604 8.05 -41.66 32.98
CA VAL B 604 6.91 -40.86 32.59
C VAL B 604 5.70 -41.74 32.33
N GLY B 605 5.89 -42.89 31.73
CA GLY B 605 4.77 -43.73 31.41
C GLY B 605 5.24 -44.98 30.73
N SER B 606 4.32 -45.60 30.00
CA SER B 606 4.59 -46.87 29.35
CA SER B 606 4.58 -46.87 29.36
CA SER B 606 4.54 -46.89 29.37
C SER B 606 3.96 -46.86 27.97
N VAL B 607 4.65 -47.46 27.02
CA VAL B 607 4.17 -47.56 25.65
C VAL B 607 4.11 -49.02 25.24
N THR B 608 3.00 -49.41 24.65
CA THR B 608 2.87 -50.72 24.04
C THR B 608 2.93 -50.50 22.54
N GLU B 609 3.90 -51.12 21.91
CA GLU B 609 4.15 -50.84 20.51
C GLU B 609 3.40 -51.84 19.63
N THR B 610 3.17 -51.41 18.40
CA THR B 610 2.26 -52.09 17.49
C THR B 610 3.01 -53.14 16.70
N SER B 611 2.45 -54.34 16.62
CA SER B 611 3.03 -55.32 15.71
C SER B 611 2.74 -54.91 14.27
N GLU B 612 3.62 -55.36 13.36
CA GLU B 612 3.38 -55.09 11.95
C GLU B 612 2.05 -55.69 11.49
N GLU B 613 1.66 -56.84 12.04
CA GLU B 613 0.37 -57.41 11.69
C GLU B 613 -0.77 -56.49 12.13
N ASP B 614 -0.66 -55.92 13.33
CA ASP B 614 -1.73 -55.04 13.77
C ASP B 614 -1.71 -53.70 13.03
N ALA B 615 -0.54 -53.26 12.58
CA ALA B 615 -0.50 -52.08 11.72
C ALA B 615 -1.29 -52.32 10.45
N ARG B 616 -1.09 -53.48 9.82
CA ARG B 616 -1.85 -53.80 8.61
C ARG B 616 -3.33 -53.96 8.93
N ARG B 617 -3.65 -54.59 10.06
CA ARG B 617 -5.04 -54.70 10.45
C ARG B 617 -5.67 -53.33 10.62
N ALA B 618 -4.93 -52.39 11.21
CA ALA B 618 -5.47 -51.06 11.40
C ALA B 618 -5.83 -50.41 10.07
N VAL B 619 -4.96 -50.57 9.07
CA VAL B 619 -5.25 -49.95 7.77
C VAL B 619 -6.51 -50.58 7.18
N ARG B 620 -6.66 -51.88 7.33
CA ARG B 620 -7.87 -52.54 6.84
C ARG B 620 -9.10 -51.99 7.55
N LEU B 621 -9.01 -51.82 8.87
CA LEU B 621 -10.13 -51.26 9.62
C LEU B 621 -10.43 -49.84 9.17
N ALA B 622 -9.39 -49.05 8.89
CA ALA B 622 -9.59 -47.69 8.39
C ALA B 622 -10.27 -47.72 7.02
N ALA B 623 -9.84 -48.64 6.15
CA ALA B 623 -10.46 -48.73 4.84
C ALA B 623 -11.94 -49.09 4.95
N ASP B 624 -12.27 -50.01 5.86
CA ASP B 624 -13.66 -50.43 6.03
C ASP B 624 -14.54 -49.25 6.45
N ALA B 625 -14.02 -48.39 7.30
CA ALA B 625 -14.79 -47.28 7.84
C ALA B 625 -14.61 -46.00 7.04
N ALA B 626 -13.80 -46.03 5.99
CA ALA B 626 -13.57 -44.81 5.22
C ALA B 626 -14.86 -44.20 4.68
N PRO B 627 -15.80 -44.95 4.11
CA PRO B 627 -17.02 -44.30 3.62
C PRO B 627 -17.83 -43.63 4.71
N ASP B 628 -17.91 -44.22 5.90
CA ASP B 628 -18.73 -43.63 6.94
C ASP B 628 -18.15 -42.29 7.40
N TRP B 629 -16.83 -42.21 7.49
CA TRP B 629 -16.23 -40.94 7.89
C TRP B 629 -16.33 -39.91 6.78
N ALA B 630 -16.12 -40.32 5.53
CA ALA B 630 -16.27 -39.40 4.41
C ALA B 630 -17.66 -38.82 4.35
N ALA B 631 -18.67 -39.59 4.80
CA ALA B 631 -20.05 -39.14 4.76
C ALA B 631 -20.39 -38.16 5.89
N VAL B 632 -19.52 -37.99 6.87
CA VAL B 632 -19.78 -36.96 7.87
C VAL B 632 -19.54 -35.61 7.21
N PRO B 633 -20.50 -34.69 7.24
CA PRO B 633 -20.35 -33.44 6.49
C PRO B 633 -19.10 -32.71 6.92
N PRO B 634 -18.42 -32.05 5.99
CA PRO B 634 -17.22 -31.29 6.36
C PRO B 634 -17.41 -30.36 7.54
N SER B 635 -18.53 -29.67 7.65
CA SER B 635 -18.70 -28.76 8.78
C SER B 635 -18.75 -29.52 10.09
N GLU B 636 -19.30 -30.74 10.08
CA GLU B 636 -19.32 -31.54 11.31
C GLU B 636 -17.95 -32.14 11.60
N ARG B 637 -17.19 -32.52 10.57
CA ARG B 637 -15.82 -32.92 10.82
C ARG B 637 -15.03 -31.77 11.41
N ALA B 638 -15.24 -30.56 10.87
CA ALA B 638 -14.58 -29.38 11.40
C ALA B 638 -15.00 -29.11 12.84
N ALA B 639 -16.27 -29.38 13.17
CA ALA B 639 -16.71 -29.16 14.54
C ALA B 639 -16.00 -30.10 15.51
N CYS B 640 -15.66 -31.31 15.06
CA CYS B 640 -14.85 -32.20 15.90
C CYS B 640 -13.50 -31.59 16.18
N LEU B 641 -12.86 -31.03 15.15
CA LEU B 641 -11.57 -30.39 15.37
C LEU B 641 -11.69 -29.24 16.34
N ASP B 642 -12.74 -28.42 16.18
CA ASP B 642 -12.92 -27.30 17.11
C ASP B 642 -13.18 -27.78 18.52
N ARG B 643 -13.94 -28.87 18.67
CA ARG B 643 -14.14 -29.39 20.01
C ARG B 643 -12.83 -29.91 20.59
N ALA B 644 -12.01 -30.55 19.77
CA ALA B 644 -10.73 -31.02 20.27
C ALA B 644 -9.85 -29.86 20.71
N ALA B 645 -9.92 -28.74 19.98
CA ALA B 645 -9.12 -27.59 20.34
C ALA B 645 -9.55 -27.04 21.69
N GLU B 646 -10.88 -27.04 21.94
CA GLU B 646 -11.38 -26.58 23.23
C GLU B 646 -10.87 -27.46 24.36
N LEU B 647 -10.84 -28.77 24.13
CA LEU B 647 -10.36 -29.68 25.17
C LEU B 647 -8.88 -29.50 25.40
N MET B 648 -8.09 -29.35 24.33
CA MET B 648 -6.66 -29.12 24.53
C MET B 648 -6.42 -27.79 25.23
N GLN B 649 -7.22 -26.78 24.92
CA GLN B 649 -7.04 -25.51 25.60
C GLN B 649 -7.32 -25.66 27.09
N ALA B 650 -8.42 -26.32 27.44
CA ALA B 650 -8.80 -26.46 28.85
C ALA B 650 -7.82 -27.33 29.60
N ARG B 651 -7.22 -28.31 28.93
CA ARG B 651 -6.31 -29.26 29.56
C ARG B 651 -4.86 -28.91 29.34
N MET B 652 -4.60 -27.73 28.79
CA MET B 652 -3.21 -27.33 28.54
C MET B 652 -2.29 -27.54 29.74
N PRO B 653 -2.65 -27.18 30.97
CA PRO B 653 -1.70 -27.39 32.07
C PRO B 653 -1.26 -28.83 32.22
N THR B 654 -2.19 -29.78 32.10
CA THR B 654 -1.82 -31.19 32.19
C THR B 654 -0.99 -31.62 30.99
N LEU B 655 -1.39 -31.21 29.79
CA LEU B 655 -0.61 -31.53 28.60
C LEU B 655 0.81 -31.00 28.71
N LEU B 656 0.96 -29.79 29.26
CA LEU B 656 2.30 -29.22 29.45
C LEU B 656 3.15 -30.14 30.30
N GLY B 657 2.59 -30.62 31.40
CA GLY B 657 3.35 -31.48 32.29
C GLY B 657 3.87 -32.70 31.57
N LEU B 658 3.03 -33.29 30.72
CA LEU B 658 3.46 -34.47 29.98
C LEU B 658 4.53 -34.10 28.97
N ILE B 659 4.35 -33.02 28.23
CA ILE B 659 5.31 -32.65 27.20
C ILE B 659 6.64 -32.28 27.84
N ILE B 660 6.60 -31.57 28.97
CA ILE B 660 7.83 -31.21 29.66
C ILE B 660 8.63 -32.44 30.02
N ARG B 661 7.97 -33.46 30.54
CA ARG B 661 8.70 -34.61 31.03
C ARG B 661 9.02 -35.62 29.94
N GLU B 662 8.16 -35.75 28.93
CA GLU B 662 8.39 -36.76 27.90
C GLU B 662 9.38 -36.27 26.84
N ALA B 663 9.32 -35.00 26.47
CA ALA B 663 10.03 -34.50 25.31
C ALA B 663 11.13 -33.51 25.64
N GLY B 664 11.43 -33.31 26.92
CA GLY B 664 12.52 -32.40 27.27
C GLY B 664 12.24 -30.94 27.01
N LYS B 665 10.98 -30.54 27.00
CA LYS B 665 10.63 -29.17 26.69
C LYS B 665 10.54 -28.35 27.97
N SER B 666 10.91 -27.07 27.86
CA SER B 666 10.61 -26.14 28.92
C SER B 666 9.12 -25.79 28.92
N ALA B 667 8.68 -25.18 30.01
CA ALA B 667 7.27 -24.78 30.11
C ALA B 667 6.86 -23.87 28.97
N LEU B 668 7.66 -22.87 28.64
CA LEU B 668 7.28 -21.98 27.54
C LEU B 668 7.16 -22.73 26.23
N ASN B 669 8.08 -23.66 25.96
CA ASN B 669 7.99 -24.36 24.69
C ASN B 669 6.87 -25.39 24.69
N ALA B 670 6.54 -25.92 25.85
CA ALA B 670 5.39 -26.81 25.94
C ALA B 670 4.09 -26.03 25.72
N ILE B 671 4.00 -24.82 26.26
CA ILE B 671 2.85 -23.96 25.96
C ILE B 671 2.75 -23.73 24.47
N ALA B 672 3.86 -23.38 23.83
CA ALA B 672 3.86 -23.14 22.39
C ALA B 672 3.42 -24.39 21.65
N GLU B 673 3.86 -25.56 22.12
CA GLU B 673 3.49 -26.81 21.48
C GLU B 673 1.98 -27.03 21.52
N VAL B 674 1.38 -26.88 22.70
CA VAL B 674 -0.05 -27.09 22.82
C VAL B 674 -0.80 -26.02 22.03
N ARG B 675 -0.35 -24.77 22.10
CA ARG B 675 -1.02 -23.72 21.35
C ARG B 675 -1.02 -24.04 19.87
N GLU B 676 0.11 -24.54 19.35
CA GLU B 676 0.20 -24.83 17.94
C GLU B 676 -0.77 -25.95 17.56
N ALA B 677 -0.90 -26.97 18.40
CA ALA B 677 -1.88 -28.02 18.13
C ALA B 677 -3.29 -27.44 18.07
N ILE B 678 -3.62 -26.59 19.05
CA ILE B 678 -4.92 -25.92 19.06
C ILE B 678 -5.12 -25.13 17.78
N ASP B 679 -4.09 -24.40 17.37
CA ASP B 679 -4.21 -23.57 16.18
C ASP B 679 -4.36 -24.41 14.92
N PHE B 680 -3.63 -25.53 14.82
CA PHE B 680 -3.84 -26.39 13.67
C PHE B 680 -5.29 -26.86 13.61
N LEU B 681 -5.80 -27.31 14.75
CA LEU B 681 -7.18 -27.80 14.79
C LEU B 681 -8.12 -26.73 14.30
N ARG B 682 -8.01 -25.52 14.84
CA ARG B 682 -8.97 -24.48 14.50
C ARG B 682 -8.74 -23.95 13.10
N TYR B 683 -7.49 -23.92 12.65
CA TYR B 683 -7.22 -23.44 11.31
C TYR B 683 -7.73 -24.42 10.27
N TYR B 684 -7.43 -25.72 10.44
CA TYR B 684 -7.93 -26.65 9.44
C TYR B 684 -9.45 -26.74 9.49
N ALA B 685 -10.05 -26.55 10.66
CA ALA B 685 -11.50 -26.50 10.75
C ALA B 685 -12.03 -25.33 9.93
N GLU B 686 -11.44 -24.16 10.12
CA GLU B 686 -11.91 -23.00 9.37
C GLU B 686 -11.66 -23.17 7.89
N GLN B 687 -10.48 -23.66 7.51
CA GLN B 687 -10.22 -23.84 6.09
C GLN B 687 -11.19 -24.83 5.47
N THR B 688 -11.55 -25.86 6.23
CA THR B 688 -12.58 -26.78 5.76
C THR B 688 -13.90 -26.06 5.53
N ARG B 689 -14.35 -25.27 6.49
CA ARG B 689 -15.60 -24.54 6.34
C ARG B 689 -15.57 -23.58 5.16
N ARG B 690 -14.38 -23.10 4.78
CA ARG B 690 -14.25 -22.22 3.64
C ARG B 690 -14.24 -22.95 2.30
N THR B 691 -13.94 -24.24 2.28
CA THR B 691 -13.62 -24.85 0.99
C THR B 691 -14.36 -26.15 0.67
N LEU B 692 -14.46 -27.08 1.60
CA LEU B 692 -14.77 -28.45 1.19
C LEU B 692 -16.24 -28.65 0.90
N GLY B 693 -16.52 -29.22 -0.27
CA GLY B 693 -17.85 -29.54 -0.68
C GLY B 693 -17.91 -30.96 -1.20
N PRO B 694 -19.06 -31.34 -1.76
CA PRO B 694 -19.27 -32.75 -2.11
C PRO B 694 -18.29 -33.28 -3.14
N GLY B 695 -17.79 -32.44 -4.04
CA GLY B 695 -16.89 -32.91 -5.06
C GLY B 695 -15.44 -33.04 -4.63
N HIS B 696 -15.12 -32.70 -3.38
CA HIS B 696 -13.75 -32.85 -2.89
C HIS B 696 -13.71 -34.12 -2.05
N GLY B 697 -13.65 -35.25 -2.75
CA GLY B 697 -13.69 -36.54 -2.11
C GLY B 697 -12.40 -36.83 -1.39
N PRO B 698 -12.47 -37.60 -0.31
CA PRO B 698 -11.25 -37.96 0.41
C PRO B 698 -10.40 -38.96 -0.36
N LEU B 699 -9.13 -39.02 0.01
CA LEU B 699 -8.26 -40.04 -0.56
C LEU B 699 -8.60 -41.43 -0.04
N GLY B 700 -8.91 -41.55 1.25
CA GLY B 700 -9.01 -42.83 1.90
C GLY B 700 -8.08 -42.84 3.09
N PRO B 701 -7.74 -44.02 3.60
CA PRO B 701 -6.89 -44.07 4.80
C PRO B 701 -5.58 -43.34 4.57
N ILE B 702 -5.27 -42.44 5.50
CA ILE B 702 -4.02 -41.68 5.44
CA ILE B 702 -4.03 -41.66 5.45
C ILE B 702 -3.16 -42.09 6.62
N VAL B 703 -1.92 -42.40 6.33
CA VAL B 703 -0.94 -42.72 7.34
C VAL B 703 -0.21 -41.44 7.70
N CYS B 704 -0.27 -41.05 8.97
CA CYS B 704 0.36 -39.82 9.44
C CYS B 704 1.53 -40.23 10.31
N ILE B 705 2.73 -39.88 9.89
CA ILE B 705 3.95 -40.27 10.57
C ILE B 705 4.63 -38.98 11.00
N SER B 706 4.95 -38.89 12.28
CA SER B 706 5.32 -37.61 12.86
C SER B 706 6.63 -37.71 13.61
N PRO B 707 7.32 -36.60 13.78
CA PRO B 707 8.62 -36.58 14.44
C PRO B 707 8.45 -36.42 15.95
N TRP B 708 9.54 -36.69 16.67
CA TRP B 708 9.43 -36.60 18.11
C TRP B 708 9.45 -35.16 18.60
N ASN B 709 10.03 -34.23 17.84
CA ASN B 709 10.49 -32.99 18.43
C ASN B 709 9.39 -31.96 18.62
N PHE B 710 8.31 -32.07 17.85
CA PHE B 710 7.07 -31.33 18.08
C PHE B 710 6.01 -32.40 18.29
N PRO B 711 6.04 -33.06 19.45
CA PRO B 711 5.34 -34.33 19.60
C PRO B 711 3.83 -34.23 19.70
N LEU B 712 3.29 -33.04 19.96
CA LEU B 712 1.86 -32.85 19.89
C LEU B 712 1.46 -31.98 18.73
N ALA B 713 2.23 -30.95 18.40
CA ALA B 713 1.78 -29.98 17.41
C ALA B 713 1.76 -30.57 16.00
N ILE B 714 2.89 -31.10 15.53
CA ILE B 714 2.90 -31.66 14.19
C ILE B 714 2.04 -32.92 14.13
N PHE B 715 2.13 -33.74 15.18
CA PHE B 715 1.29 -34.91 15.30
C PHE B 715 -0.18 -34.54 15.07
N THR B 716 -0.67 -33.54 15.81
CA THR B 716 -2.07 -33.14 15.71
C THR B 716 -2.36 -32.50 14.37
N GLY B 717 -1.46 -31.66 13.87
CA GLY B 717 -1.72 -30.97 12.62
C GLY B 717 -1.96 -31.93 11.46
N GLN B 718 -1.08 -32.92 11.30
CA GLN B 718 -1.25 -33.81 10.16
C GLN B 718 -2.55 -34.58 10.29
N ILE B 719 -2.80 -35.12 11.49
CA ILE B 719 -3.98 -35.93 11.72
C ILE B 719 -5.24 -35.10 11.52
N ALA B 720 -5.25 -33.89 12.07
CA ALA B 720 -6.42 -33.04 11.99
C ALA B 720 -6.75 -32.73 10.54
N ALA B 721 -5.74 -32.41 9.76
CA ALA B 721 -5.98 -32.08 8.37
C ALA B 721 -6.52 -33.28 7.63
N ALA B 722 -5.89 -34.44 7.83
CA ALA B 722 -6.36 -35.63 7.12
C ALA B 722 -7.80 -35.96 7.51
N LEU B 723 -8.09 -35.91 8.81
CA LEU B 723 -9.43 -36.22 9.27
C LEU B 723 -10.45 -35.25 8.71
N VAL B 724 -10.16 -33.95 8.79
CA VAL B 724 -11.16 -32.97 8.41
C VAL B 724 -11.40 -33.01 6.91
N ALA B 725 -10.38 -33.44 6.15
CA ALA B 725 -10.55 -33.66 4.72
C ALA B 725 -11.35 -34.92 4.42
N GLY B 726 -11.76 -35.66 5.44
CA GLY B 726 -12.64 -36.79 5.25
C GLY B 726 -11.94 -38.13 5.21
N ASN B 727 -10.68 -38.21 5.63
CA ASN B 727 -9.90 -39.43 5.57
C ASN B 727 -9.77 -40.01 6.96
N PRO B 728 -9.95 -41.31 7.11
CA PRO B 728 -9.58 -41.96 8.37
C PRO B 728 -8.08 -41.99 8.44
N VAL B 729 -7.57 -41.97 9.67
CA VAL B 729 -6.14 -41.76 9.90
C VAL B 729 -5.55 -42.91 10.70
N LEU B 730 -4.36 -43.32 10.29
CA LEU B 730 -3.50 -44.19 11.08
C LEU B 730 -2.39 -43.30 11.58
N ALA B 731 -2.34 -43.06 12.87
CA ALA B 731 -1.41 -42.11 13.46
C ALA B 731 -0.25 -42.89 14.06
N LYS B 732 0.94 -42.69 13.48
CA LYS B 732 2.15 -43.37 13.93
C LYS B 732 3.09 -42.32 14.52
N PRO B 733 3.08 -42.13 15.83
CA PRO B 733 3.93 -41.12 16.44
C PRO B 733 5.34 -41.63 16.55
N ALA B 734 6.26 -40.69 16.70
CA ALA B 734 7.67 -41.05 16.88
C ALA B 734 7.82 -41.96 18.09
N GLU B 735 8.78 -42.87 18.00
CA GLU B 735 8.97 -43.82 19.08
C GLU B 735 9.39 -43.14 20.37
N GLU B 736 10.00 -41.97 20.29
CA GLU B 736 10.48 -41.29 21.49
C GLU B 736 9.34 -40.67 22.28
N THR B 737 8.22 -40.32 21.64
CA THR B 737 7.20 -39.47 22.28
C THR B 737 5.80 -39.99 22.05
N PRO B 738 5.55 -41.25 22.40
CA PRO B 738 4.21 -41.80 22.18
C PRO B 738 3.16 -41.32 23.17
N LEU B 739 3.55 -40.86 24.36
CA LEU B 739 2.55 -40.60 25.38
C LEU B 739 1.71 -39.38 25.05
N ILE B 740 2.35 -38.29 24.64
CA ILE B 740 1.55 -37.11 24.31
C ILE B 740 0.74 -37.37 23.06
N ALA B 741 1.25 -38.19 22.14
CA ALA B 741 0.47 -38.53 20.96
C ALA B 741 -0.76 -39.31 21.34
N ALA B 742 -0.61 -40.28 22.26
CA ALA B 742 -1.77 -41.02 22.73
C ALA B 742 -2.79 -40.08 23.34
N GLU B 743 -2.32 -39.07 24.07
CA GLU B 743 -3.24 -38.11 24.66
C GLU B 743 -3.93 -37.28 23.59
N GLY B 744 -3.20 -36.91 22.54
CA GLY B 744 -3.83 -36.23 21.42
C GLY B 744 -4.95 -37.06 20.81
N VAL B 745 -4.71 -38.36 20.63
CA VAL B 745 -5.75 -39.20 20.05
C VAL B 745 -6.93 -39.34 21.00
N ARG B 746 -6.66 -39.47 22.32
CA ARG B 746 -7.76 -39.50 23.28
C ARG B 746 -8.64 -38.26 23.13
N ILE B 747 -8.02 -37.10 22.97
CA ILE B 747 -8.76 -35.86 22.92
C ILE B 747 -9.55 -35.76 21.63
N LEU B 748 -8.94 -36.14 20.50
CA LEU B 748 -9.67 -36.12 19.24
C LEU B 748 -10.84 -37.09 19.27
N ARG B 749 -10.64 -38.29 19.81
CA ARG B 749 -11.75 -39.21 19.93
C ARG B 749 -12.83 -38.66 20.85
N GLU B 750 -12.42 -38.05 21.97
CA GLU B 750 -13.40 -37.48 22.88
C GLU B 750 -14.21 -36.38 22.20
N ALA B 751 -13.57 -35.67 21.29
CA ALA B 751 -14.19 -34.56 20.57
C ALA B 751 -15.09 -35.02 19.45
N GLY B 752 -15.16 -36.32 19.18
CA GLY B 752 -16.11 -36.84 18.21
C GLY B 752 -15.50 -37.62 17.06
N ILE B 753 -14.19 -37.73 16.96
CA ILE B 753 -13.60 -38.52 15.87
C ILE B 753 -13.83 -39.99 16.19
N PRO B 754 -14.51 -40.73 15.33
CA PRO B 754 -14.80 -42.14 15.63
C PRO B 754 -13.52 -42.95 15.74
N ALA B 755 -13.58 -44.00 16.56
CA ALA B 755 -12.39 -44.82 16.76
C ALA B 755 -11.91 -45.42 15.45
N SER B 756 -12.82 -45.75 14.54
CA SER B 756 -12.40 -46.30 13.27
C SER B 756 -11.75 -45.24 12.37
N ALA B 757 -12.01 -43.97 12.63
CA ALA B 757 -11.40 -42.91 11.84
C ALA B 757 -10.06 -42.46 12.39
N LEU B 758 -9.69 -42.84 13.61
CA LEU B 758 -8.42 -42.38 14.17
C LEU B 758 -7.87 -43.48 15.05
N GLN B 759 -6.88 -44.18 14.54
CA GLN B 759 -6.22 -45.25 15.27
C GLN B 759 -4.78 -44.83 15.52
N LEU B 760 -4.28 -45.17 16.70
CA LEU B 760 -2.93 -44.84 17.12
C LEU B 760 -2.09 -46.10 17.09
N LEU B 761 -0.94 -46.05 16.39
CA LEU B 761 -0.05 -47.20 16.24
C LEU B 761 1.32 -46.78 16.75
N PRO B 762 1.56 -46.87 18.05
CA PRO B 762 2.90 -46.53 18.55
C PRO B 762 3.90 -47.53 18.04
N GLY B 763 5.15 -47.08 17.97
CA GLY B 763 6.24 -47.96 17.63
C GLY B 763 7.28 -47.19 16.84
N ASP B 764 8.23 -47.95 16.32
CA ASP B 764 9.38 -47.33 15.68
C ASP B 764 9.14 -47.28 14.18
N GLY B 765 10.21 -47.04 13.41
CA GLY B 765 10.06 -46.88 11.99
C GLY B 765 9.50 -48.09 11.28
N ARG B 766 9.67 -49.29 11.85
CA ARG B 766 9.08 -50.48 11.26
C ARG B 766 7.57 -50.41 11.25
N VAL B 767 6.99 -49.79 12.27
CA VAL B 767 5.54 -49.63 12.29
C VAL B 767 5.13 -48.62 11.23
N GLY B 768 5.88 -47.53 11.11
CA GLY B 768 5.59 -46.58 10.04
C GLY B 768 5.70 -47.23 8.68
N ALA B 769 6.73 -48.03 8.47
CA ALA B 769 6.92 -48.66 7.17
C ALA B 769 5.79 -49.65 6.87
N ALA B 770 5.36 -50.41 7.88
CA ALA B 770 4.28 -51.35 7.65
C ALA B 770 2.98 -50.64 7.29
N LEU B 771 2.74 -49.49 7.90
CA LEU B 771 1.56 -48.71 7.55
C LEU B 771 1.65 -48.17 6.14
N VAL B 772 2.80 -47.62 5.78
CA VAL B 772 3.00 -47.05 4.44
C VAL B 772 2.79 -48.11 3.37
N ALA B 773 3.26 -49.34 3.62
CA ALA B 773 3.21 -50.39 2.61
C ALA B 773 1.85 -51.04 2.51
N ALA B 774 0.96 -50.78 3.46
CA ALA B 774 -0.32 -51.49 3.51
C ALA B 774 -1.15 -51.19 2.27
N ALA B 775 -1.89 -52.21 1.82
CA ALA B 775 -2.55 -52.15 0.53
C ALA B 775 -3.53 -50.98 0.44
N GLU B 776 -4.22 -50.68 1.52
CA GLU B 776 -5.29 -49.70 1.48
C GLU B 776 -4.84 -48.29 1.82
N THR B 777 -3.56 -48.09 2.13
CA THR B 777 -3.08 -46.75 2.41
C THR B 777 -3.21 -45.88 1.17
N ALA B 778 -3.91 -44.75 1.31
CA ALA B 778 -4.26 -43.89 0.19
C ALA B 778 -3.48 -42.60 0.18
N GLY B 779 -2.70 -42.34 1.21
CA GLY B 779 -1.91 -41.13 1.27
C GLY B 779 -1.06 -41.19 2.50
N VAL B 780 0.06 -40.47 2.48
CA VAL B 780 0.97 -40.47 3.61
C VAL B 780 1.34 -39.03 3.90
N MET B 781 1.27 -38.66 5.17
CA MET B 781 1.73 -37.37 5.64
C MET B 781 2.90 -37.66 6.56
N PHE B 782 4.08 -37.22 6.14
CA PHE B 782 5.30 -37.51 6.86
C PHE B 782 5.98 -36.20 7.22
N THR B 783 6.39 -36.09 8.47
CA THR B 783 7.30 -35.05 8.89
C THR B 783 8.43 -35.72 9.65
N GLY B 784 9.66 -35.41 9.29
CA GLY B 784 10.78 -36.11 9.84
C GLY B 784 12.00 -35.87 8.98
N SER B 785 12.96 -36.76 9.11
CA SER B 785 14.21 -36.57 8.39
C SER B 785 14.03 -36.84 6.91
N THR B 786 14.83 -36.13 6.09
CA THR B 786 14.81 -36.37 4.65
C THR B 786 15.15 -37.82 4.33
N GLU B 787 16.07 -38.41 5.07
CA GLU B 787 16.48 -39.80 4.81
C GLU B 787 15.29 -40.75 4.93
N VAL B 788 14.49 -40.59 5.98
CA VAL B 788 13.35 -41.46 6.17
C VAL B 788 12.29 -41.19 5.12
N ALA B 789 12.09 -39.91 4.78
CA ALA B 789 11.11 -39.55 3.76
C ALA B 789 11.42 -40.27 2.44
N ARG B 790 12.71 -40.39 2.10
CA ARG B 790 13.06 -41.06 0.85
C ARG B 790 12.66 -42.53 0.88
N LEU B 791 12.78 -43.17 2.04
CA LEU B 791 12.38 -44.57 2.12
C LEU B 791 10.88 -44.72 1.93
N ILE B 792 10.10 -43.82 2.52
CA ILE B 792 8.65 -43.84 2.36
C ILE B 792 8.29 -43.59 0.90
N GLN B 793 8.94 -42.59 0.29
CA GLN B 793 8.70 -42.28 -1.10
C GLN B 793 8.94 -43.49 -1.98
N ALA B 794 10.02 -44.23 -1.71
CA ALA B 794 10.31 -45.42 -2.50
C ALA B 794 9.23 -46.48 -2.32
N GLN B 795 8.79 -46.71 -1.06
CA GLN B 795 7.70 -47.65 -0.82
C GLN B 795 6.47 -47.29 -1.64
N LEU B 796 6.10 -46.00 -1.61
CA LEU B 796 4.86 -45.60 -2.22
C LEU B 796 4.90 -45.68 -3.74
N ALA B 797 6.07 -45.45 -4.33
CA ALA B 797 6.19 -45.46 -5.78
C ALA B 797 5.98 -46.84 -6.35
N ASP B 798 6.04 -47.88 -5.51
CA ASP B 798 5.71 -49.22 -5.99
C ASP B 798 4.21 -49.40 -6.17
N ARG B 799 3.39 -48.51 -5.61
CA ARG B 799 1.95 -48.69 -5.53
C ARG B 799 1.24 -47.63 -6.36
N LEU B 800 -0.01 -47.92 -6.67
CA LEU B 800 -0.93 -46.96 -7.24
C LEU B 800 -2.24 -47.07 -6.47
N SER B 801 -3.00 -45.98 -6.48
CA SER B 801 -4.35 -46.02 -5.98
C SER B 801 -5.19 -46.96 -6.85
N PRO B 802 -6.36 -47.38 -6.37
CA PRO B 802 -7.26 -48.16 -7.25
C PRO B 802 -7.63 -47.43 -8.53
N ALA B 803 -7.58 -46.10 -8.53
CA ALA B 803 -7.75 -45.30 -9.73
C ALA B 803 -6.52 -45.28 -10.63
N GLY B 804 -5.43 -45.95 -10.23
CA GLY B 804 -4.23 -45.98 -11.04
C GLY B 804 -3.37 -44.74 -10.98
N ARG B 805 -3.34 -44.05 -9.84
CA ARG B 805 -2.61 -42.80 -9.71
C ARG B 805 -1.69 -42.85 -8.51
N PRO B 806 -0.66 -42.01 -8.49
CA PRO B 806 0.29 -42.06 -7.37
C PRO B 806 -0.38 -41.76 -6.05
N ILE B 807 0.09 -42.46 -5.01
CA ILE B 807 -0.33 -42.20 -3.65
C ILE B 807 0.30 -40.89 -3.20
N PRO B 808 -0.48 -39.90 -2.79
CA PRO B 808 0.10 -38.61 -2.38
C PRO B 808 0.96 -38.76 -1.14
N LEU B 809 2.09 -38.05 -1.15
CA LEU B 809 2.98 -37.98 -0.01
C LEU B 809 3.25 -36.52 0.26
N ILE B 810 2.97 -36.08 1.47
CA ILE B 810 3.48 -34.81 1.95
C ILE B 810 4.66 -35.18 2.81
N ALA B 811 5.85 -34.69 2.46
CA ALA B 811 7.05 -35.06 3.19
C ALA B 811 7.77 -33.77 3.56
N GLU B 812 7.66 -33.40 4.83
CA GLU B 812 8.22 -32.15 5.34
C GLU B 812 9.42 -32.53 6.18
N THR B 813 10.59 -32.10 5.72
CA THR B 813 11.83 -32.73 6.14
C THR B 813 12.79 -31.73 6.75
N GLY B 814 14.09 -32.00 6.72
CA GLY B 814 15.01 -31.26 7.55
C GLY B 814 15.37 -29.90 7.01
N GLY B 815 16.23 -29.21 7.76
CA GLY B 815 16.72 -27.91 7.36
C GLY B 815 18.19 -27.78 7.69
N GLN B 816 18.81 -26.81 7.06
CA GLN B 816 20.18 -26.40 7.37
C GLN B 816 20.14 -24.87 7.42
N ASN B 817 19.53 -24.36 8.46
CA ASN B 817 18.97 -23.03 8.43
C ASN B 817 20.00 -22.00 8.83
N ALA B 818 20.07 -20.93 8.06
CA ALA B 818 21.06 -19.89 8.28
C ALA B 818 20.37 -18.61 8.71
N MET B 819 21.16 -17.76 9.38
CA MET B 819 20.77 -16.40 9.67
C MET B 819 21.95 -15.54 9.25
N ILE B 820 21.68 -14.54 8.43
CA ILE B 820 22.70 -13.61 7.99
C ILE B 820 22.53 -12.32 8.78
N VAL B 821 23.63 -11.83 9.34
CA VAL B 821 23.62 -10.64 10.19
C VAL B 821 24.62 -9.68 9.61
N ASP B 822 24.18 -8.47 9.28
CA ASP B 822 25.13 -7.49 8.78
C ASP B 822 25.51 -6.51 9.89
N SER B 823 26.38 -5.56 9.54
CA SER B 823 26.87 -4.63 10.54
C SER B 823 25.85 -3.60 10.97
N SER B 824 24.67 -3.56 10.35
CA SER B 824 23.66 -2.62 10.81
C SER B 824 22.76 -3.21 11.87
N ALA B 825 22.83 -4.52 12.10
CA ALA B 825 21.94 -5.17 13.05
C ALA B 825 22.31 -4.80 14.47
N LEU B 826 21.32 -4.85 15.36
CA LEU B 826 21.54 -4.55 16.76
C LEU B 826 22.01 -5.81 17.46
N ALA B 827 23.23 -5.79 17.98
CA ALA B 827 23.85 -7.00 18.51
C ALA B 827 22.97 -7.67 19.56
N GLU B 828 22.39 -6.88 20.48
CA GLU B 828 21.56 -7.47 21.53
C GLU B 828 20.37 -8.20 20.93
N GLN B 829 19.79 -7.66 19.87
CA GLN B 829 18.63 -8.31 19.27
C GLN B 829 19.05 -9.59 18.57
N VAL B 830 20.16 -9.52 17.83
CA VAL B 830 20.72 -10.72 17.20
C VAL B 830 20.96 -11.79 18.25
N VAL B 831 21.64 -11.44 19.33
CA VAL B 831 22.02 -12.44 20.32
C VAL B 831 20.78 -13.11 20.90
N GLY B 832 19.76 -12.33 21.25
CA GLY B 832 18.55 -12.94 21.79
C GLY B 832 17.89 -13.87 20.78
N ASP B 833 17.86 -13.45 19.52
CA ASP B 833 17.22 -14.27 18.50
C ASP B 833 18.06 -15.49 18.15
N VAL B 834 19.39 -15.38 18.25
CA VAL B 834 20.24 -16.54 18.03
C VAL B 834 20.04 -17.55 19.14
N ILE B 835 20.01 -17.08 20.39
CA ILE B 835 19.86 -18.01 21.49
C ILE B 835 18.54 -18.76 21.37
N THR B 836 17.46 -18.03 21.11
CA THR B 836 16.17 -18.66 20.90
C THR B 836 16.23 -19.64 19.73
N SER B 837 16.78 -19.21 18.61
CA SER B 837 16.67 -20.03 17.40
C SER B 837 17.61 -21.22 17.43
N ALA B 838 18.81 -21.05 17.99
CA ALA B 838 19.79 -22.11 17.94
C ALA B 838 19.72 -23.06 19.11
N PHE B 839 19.38 -22.56 20.29
CA PHE B 839 19.61 -23.33 21.51
C PHE B 839 18.35 -23.63 22.30
N ASP B 840 17.28 -22.87 22.11
CA ASP B 840 16.01 -23.27 22.68
C ASP B 840 15.67 -24.68 22.22
N SER B 841 15.11 -25.47 23.13
CA SER B 841 14.80 -26.87 22.86
C SER B 841 16.04 -27.67 22.51
N ALA B 842 17.19 -27.18 22.98
CA ALA B 842 18.49 -27.76 22.65
C ALA B 842 18.65 -27.92 21.15
N GLY B 843 18.14 -26.93 20.40
CA GLY B 843 18.28 -26.97 18.96
C GLY B 843 17.46 -28.03 18.28
N GLN B 844 16.52 -28.64 18.99
CA GLN B 844 15.73 -29.74 18.46
C GLN B 844 14.42 -29.24 17.86
N ARG B 845 14.60 -28.31 16.93
CA ARG B 845 13.53 -27.83 16.07
CA ARG B 845 13.53 -27.83 16.07
C ARG B 845 14.02 -27.91 14.64
N CYS B 846 13.16 -28.36 13.73
CA CYS B 846 13.56 -28.37 12.34
C CYS B 846 13.94 -26.98 11.85
N SER B 847 13.31 -25.96 12.43
CA SER B 847 13.52 -24.56 12.10
C SER B 847 14.74 -23.96 12.77
N ALA B 848 15.45 -24.73 13.60
CA ALA B 848 16.48 -24.15 14.44
C ALA B 848 17.61 -23.56 13.61
N LEU B 849 18.21 -22.51 14.16
CA LEU B 849 19.36 -21.88 13.52
C LEU B 849 20.58 -22.78 13.59
N ARG B 850 21.11 -23.15 12.42
CA ARG B 850 22.28 -24.00 12.34
C ARG B 850 23.53 -23.26 11.94
N VAL B 851 23.41 -22.18 11.18
CA VAL B 851 24.57 -21.48 10.64
C VAL B 851 24.33 -20.00 10.82
N LEU B 852 25.08 -19.37 11.72
CA LEU B 852 25.01 -17.94 11.95
C LEU B 852 26.11 -17.29 11.12
N CYS B 853 25.72 -16.41 10.19
CA CYS B 853 26.65 -15.76 9.28
C CYS B 853 26.77 -14.31 9.70
N LEU B 854 27.96 -13.94 10.15
CA LEU B 854 28.17 -12.62 10.73
C LEU B 854 29.10 -11.82 9.83
N GLN B 855 28.70 -10.61 9.50
CA GLN B 855 29.60 -9.75 8.76
C GLN B 855 30.88 -9.58 9.56
N GLU B 856 32.02 -9.63 8.87
CA GLU B 856 33.30 -9.76 9.54
C GLU B 856 33.53 -8.65 10.57
N ASP B 857 33.07 -7.43 10.27
CA ASP B 857 33.39 -6.28 11.11
C ASP B 857 32.66 -6.29 12.44
N VAL B 858 31.58 -7.06 12.55
CA VAL B 858 30.83 -7.13 13.80
C VAL B 858 30.89 -8.50 14.43
N ALA B 859 31.56 -9.47 13.79
CA ALA B 859 31.50 -10.85 14.25
C ALA B 859 32.04 -11.00 15.67
N ASP B 860 33.20 -10.42 15.95
CA ASP B 860 33.80 -10.61 17.27
C ASP B 860 32.93 -10.05 18.38
N ARG B 861 32.37 -8.86 18.18
CA ARG B 861 31.55 -8.25 19.22
C ARG B 861 30.27 -9.06 19.44
N ILE B 862 29.65 -9.53 18.35
CA ILE B 862 28.45 -10.35 18.51
C ILE B 862 28.79 -11.66 19.19
N LEU B 863 29.88 -12.30 18.80
CA LEU B 863 30.23 -13.58 19.41
C LEU B 863 30.55 -13.42 20.88
N THR B 864 31.23 -12.33 21.24
CA THR B 864 31.50 -12.11 22.65
C THR B 864 30.19 -11.96 23.42
N MET B 865 29.25 -11.22 22.87
CA MET B 865 27.99 -11.02 23.55
C MET B 865 27.20 -12.32 23.60
N LEU B 866 27.19 -13.06 22.51
CA LEU B 866 26.49 -14.35 22.47
C LEU B 866 27.04 -15.27 23.54
N LYS B 867 28.37 -15.37 23.63
CA LYS B 867 28.95 -16.28 24.62
C LYS B 867 28.64 -15.82 26.03
N GLY B 868 28.64 -14.50 26.27
CA GLY B 868 28.28 -14.01 27.58
C GLY B 868 26.83 -14.32 27.92
N ALA B 869 25.94 -14.20 26.95
CA ALA B 869 24.55 -14.55 27.16
C ALA B 869 24.38 -16.04 27.39
N LEU B 870 25.13 -16.86 26.64
CA LEU B 870 25.04 -18.31 26.84
C LEU B 870 25.47 -18.72 28.24
N HIS B 871 26.41 -18.00 28.84
CA HIS B 871 26.85 -18.35 30.18
CA HIS B 871 26.87 -18.31 30.19
C HIS B 871 25.75 -18.15 31.21
N GLU B 872 24.70 -17.42 30.86
CA GLU B 872 23.61 -17.18 31.80
C GLU B 872 22.48 -18.19 31.67
N LEU B 873 22.60 -19.17 30.78
CA LEU B 873 21.53 -20.13 30.60
C LEU B 873 21.64 -21.25 31.61
N HIS B 874 20.49 -21.75 32.01
CA HIS B 874 20.40 -22.88 32.90
C HIS B 874 20.00 -24.10 32.07
N ILE B 875 20.86 -25.12 32.07
CA ILE B 875 20.62 -26.36 31.35
C ILE B 875 20.27 -27.42 32.39
N GLY B 876 19.16 -28.12 32.17
CA GLY B 876 18.82 -29.17 33.10
C GLY B 876 17.45 -29.75 32.83
N ARG B 877 17.01 -30.55 33.79
CA ARG B 877 15.69 -31.16 33.70
C ARG B 877 14.64 -30.07 33.69
N THR B 878 13.67 -30.18 32.79
CA THR B 878 12.86 -29.02 32.42
C THR B 878 11.65 -28.79 33.31
N ASP B 879 11.51 -29.52 34.42
CA ASP B 879 10.40 -29.32 35.34
C ASP B 879 10.68 -28.21 36.35
N ARG B 880 11.52 -27.26 35.99
CA ARG B 880 11.75 -26.05 36.77
C ARG B 880 11.65 -24.88 35.82
N LEU B 881 10.91 -23.85 36.23
CA LEU B 881 10.74 -22.66 35.39
C LEU B 881 12.08 -22.01 35.07
N SER B 882 13.06 -22.15 35.97
CA SER B 882 14.35 -21.52 35.75
C SER B 882 15.19 -22.21 34.68
N VAL B 883 14.75 -23.35 34.13
CA VAL B 883 15.56 -24.06 33.14
C VAL B 883 15.31 -23.48 31.77
N ASP B 884 16.38 -23.14 31.07
CA ASP B 884 16.32 -22.56 29.74
C ASP B 884 16.50 -23.59 28.64
N VAL B 885 17.40 -24.54 28.83
CA VAL B 885 17.78 -25.50 27.80
C VAL B 885 17.62 -26.89 28.41
N GLY B 886 16.81 -27.72 27.77
CA GLY B 886 16.58 -29.07 28.23
C GLY B 886 17.50 -30.06 27.57
N PRO B 887 17.18 -31.34 27.77
CA PRO B 887 18.02 -32.42 27.26
C PRO B 887 17.82 -32.66 25.78
N VAL B 888 18.74 -33.42 25.21
CA VAL B 888 18.48 -34.04 23.93
C VAL B 888 17.69 -35.33 24.16
N ILE B 889 16.97 -35.75 23.12
CA ILE B 889 15.88 -36.68 23.35
C ILE B 889 16.36 -38.07 23.76
N THR B 890 17.49 -38.53 23.24
CA THR B 890 17.96 -39.89 23.51
C THR B 890 19.47 -39.90 23.55
N SER B 891 20.00 -40.98 24.09
CA SER B 891 21.45 -41.18 24.06
CA SER B 891 21.45 -41.15 24.05
CA SER B 891 21.45 -41.17 24.06
C SER B 891 21.94 -41.29 22.61
N GLU B 892 21.15 -41.93 21.75
CA GLU B 892 21.55 -42.04 20.35
C GLU B 892 21.65 -40.67 19.71
N ALA B 893 20.69 -39.80 19.98
CA ALA B 893 20.77 -38.44 19.45
C ALA B 893 21.99 -37.74 19.99
N LYS B 894 22.22 -37.85 21.30
CA LYS B 894 23.41 -37.24 21.90
CA LYS B 894 23.40 -37.23 21.90
C LYS B 894 24.67 -37.72 21.22
N ASP B 895 24.79 -39.04 21.01
CA ASP B 895 25.97 -39.58 20.35
C ASP B 895 26.12 -39.02 18.94
N ASN B 896 25.00 -38.88 18.24
CA ASN B 896 25.02 -38.38 16.87
C ASN B 896 25.55 -36.94 16.84
N ILE B 897 25.02 -36.11 17.74
CA ILE B 897 25.47 -34.72 17.83
C ILE B 897 26.94 -34.67 18.23
N GLU B 898 27.31 -35.45 19.24
CA GLU B 898 28.69 -35.43 19.71
C GLU B 898 29.65 -35.94 18.64
N LYS B 899 29.22 -36.88 17.80
CA LYS B 899 30.10 -37.34 16.74
C LYS B 899 30.41 -36.21 15.78
N HIS B 900 29.42 -35.38 15.48
CA HIS B 900 29.65 -34.23 14.62
C HIS B 900 30.59 -33.25 15.30
N ILE B 901 30.34 -32.95 16.56
CA ILE B 901 31.19 -31.98 17.28
C ILE B 901 32.62 -32.46 17.27
N GLU B 902 32.83 -33.74 17.56
CA GLU B 902 34.20 -34.27 17.62
C GLU B 902 34.82 -34.34 16.23
N ARG B 903 34.02 -34.56 15.19
CA ARG B 903 34.56 -34.51 13.84
C ARG B 903 35.06 -33.11 13.52
N MET B 904 34.27 -32.10 13.86
CA MET B 904 34.69 -30.72 13.62
C MET B 904 35.94 -30.40 14.43
N ARG B 905 35.95 -30.83 15.70
CA ARG B 905 37.11 -30.59 16.53
C ARG B 905 38.34 -31.25 15.95
N GLY B 906 38.20 -32.48 15.48
CA GLY B 906 39.34 -33.20 14.94
C GLY B 906 39.85 -32.63 13.64
N LEU B 907 39.00 -31.91 12.90
CA LEU B 907 39.40 -31.21 11.69
C LEU B 907 40.02 -29.86 11.96
N GLY B 908 40.16 -29.47 13.23
CA GLY B 908 40.80 -28.22 13.58
C GLY B 908 39.87 -27.04 13.71
N ARG B 909 38.57 -27.24 13.60
CA ARG B 909 37.65 -26.12 13.74
C ARG B 909 37.58 -25.71 15.20
N LYS B 910 37.38 -24.42 15.42
CA LYS B 910 37.22 -23.92 16.78
C LYS B 910 35.85 -24.35 17.30
N VAL B 911 35.85 -25.05 18.42
CA VAL B 911 34.65 -25.57 19.05
C VAL B 911 34.62 -25.07 20.48
N GLU B 912 33.53 -24.42 20.86
CA GLU B 912 33.35 -23.93 22.22
C GLU B 912 32.03 -24.43 22.75
N GLN B 913 32.04 -24.93 23.99
CA GLN B 913 30.82 -25.38 24.64
C GLN B 913 30.66 -24.63 25.94
N ILE B 914 29.43 -24.19 26.20
CA ILE B 914 29.16 -23.32 27.32
C ILE B 914 28.00 -23.88 28.13
N LEU B 916 27.97 -27.77 31.75
CA LEU B 916 26.82 -28.53 32.23
C LEU B 916 26.97 -28.85 33.71
N ALA B 917 25.86 -28.72 34.45
CA ALA B 917 25.84 -29.10 35.85
C ALA B 917 25.93 -30.61 35.99
N SER B 918 26.38 -31.05 37.17
CA SER B 918 26.49 -32.49 37.43
C SER B 918 25.13 -33.17 37.35
N GLU B 919 24.05 -32.46 37.70
CA GLU B 919 22.71 -33.01 37.64
C GLU B 919 22.34 -33.51 36.26
N THR B 920 23.04 -33.05 35.22
CA THR B 920 22.72 -33.50 33.88
C THR B 920 23.09 -34.97 33.65
N GLY B 921 23.98 -35.53 34.48
CA GLY B 921 24.49 -36.88 34.25
C GLY B 921 23.41 -37.96 34.23
N VAL B 922 22.28 -37.72 34.89
CA VAL B 922 21.18 -38.69 34.91
C VAL B 922 20.32 -38.63 33.65
N GLY B 923 20.52 -37.64 32.79
CA GLY B 923 19.80 -37.56 31.54
C GLY B 923 20.76 -37.42 30.39
N THR B 924 20.26 -37.08 29.21
CA THR B 924 21.10 -36.97 28.01
C THR B 924 21.11 -35.50 27.60
N PHE B 925 22.19 -34.80 27.89
CA PHE B 925 22.32 -33.39 27.60
C PHE B 925 23.54 -33.14 26.73
N VAL B 926 23.40 -32.18 25.82
CA VAL B 926 24.50 -31.60 25.09
C VAL B 926 24.44 -30.10 25.34
N PRO B 927 25.52 -29.46 25.77
CA PRO B 927 25.46 -28.04 26.04
C PRO B 927 25.47 -27.25 24.74
N PRO B 928 24.96 -26.03 24.77
CA PRO B 928 25.12 -25.13 23.61
C PRO B 928 26.57 -25.13 23.13
N THR B 929 26.73 -25.31 21.84
CA THR B 929 28.01 -25.50 21.21
C THR B 929 28.10 -24.54 20.04
N ILE B 930 29.25 -23.89 19.91
CA ILE B 930 29.53 -22.97 18.82
C ILE B 930 30.75 -23.49 18.09
N ILE B 931 30.62 -23.67 16.78
CA ILE B 931 31.69 -24.19 15.94
C ILE B 931 31.94 -23.19 14.84
N GLU B 932 33.19 -22.74 14.71
CA GLU B 932 33.51 -21.81 13.64
C GLU B 932 33.86 -22.59 12.39
N LEU B 933 33.19 -22.28 11.30
CA LEU B 933 33.48 -22.92 10.02
C LEU B 933 34.25 -21.96 9.13
N GLU B 934 35.05 -22.54 8.25
CA GLU B 934 35.67 -21.74 7.20
C GLU B 934 34.71 -21.52 6.04
N LYS B 935 33.86 -22.50 5.78
CA LYS B 935 32.94 -22.43 4.65
C LYS B 935 31.71 -23.23 5.03
N LEU B 936 30.55 -22.81 4.52
CA LEU B 936 29.33 -23.53 4.81
C LEU B 936 29.41 -24.98 4.36
N SER B 937 30.13 -25.25 3.27
CA SER B 937 30.26 -26.61 2.79
C SER B 937 31.01 -27.52 3.75
N ASP B 938 31.63 -26.97 4.81
CA ASP B 938 32.16 -27.81 5.88
C ASP B 938 31.06 -28.63 6.53
N LEU B 939 29.82 -28.16 6.47
CA LEU B 939 28.70 -28.81 7.13
C LEU B 939 27.97 -29.62 6.07
N GLN B 940 27.86 -30.94 6.31
CA GLN B 940 27.34 -31.86 5.30
C GLN B 940 26.01 -32.52 5.67
N ARG B 941 25.52 -32.32 6.89
CA ARG B 941 24.29 -32.97 7.29
C ARG B 941 23.61 -32.10 8.34
N GLU B 942 22.31 -32.27 8.47
CA GLU B 942 21.57 -31.61 9.53
C GLU B 942 21.94 -32.25 10.84
N VAL B 943 22.46 -31.46 11.77
CA VAL B 943 22.84 -31.93 13.09
C VAL B 943 21.79 -31.41 14.05
N PHE B 944 20.97 -32.32 14.55
CA PHE B 944 19.72 -31.95 15.21
C PHE B 944 19.97 -31.82 16.71
N GLY B 945 20.66 -30.75 17.07
CA GLY B 945 21.03 -30.53 18.43
C GLY B 945 21.49 -29.10 18.60
N PRO B 946 22.02 -28.79 19.78
CA PRO B 946 22.31 -27.39 20.11
C PRO B 946 23.70 -26.97 19.61
N VAL B 947 23.89 -27.05 18.30
CA VAL B 947 25.18 -26.85 17.69
C VAL B 947 25.04 -25.75 16.66
N LEU B 948 25.58 -24.58 16.99
CA LEU B 948 25.53 -23.42 16.12
C LEU B 948 26.85 -23.31 15.40
N HIS B 949 26.80 -23.23 14.09
CA HIS B 949 27.99 -23.02 13.29
C HIS B 949 28.08 -21.55 12.92
N VAL B 950 29.30 -21.02 12.91
CA VAL B 950 29.50 -19.61 12.67
C VAL B 950 30.36 -19.42 11.43
N ILE B 951 29.90 -18.58 10.53
CA ILE B 951 30.63 -18.17 9.35
C ILE B 951 30.79 -16.67 9.41
N ARG B 952 31.97 -16.18 9.09
CA ARG B 952 32.21 -14.75 8.95
CA ARG B 952 32.21 -14.75 8.95
C ARG B 952 32.29 -14.42 7.47
N TYR B 953 31.70 -13.28 7.08
CA TYR B 953 31.71 -12.94 5.68
C TYR B 953 32.01 -11.47 5.48
N ARG B 954 32.59 -11.15 4.33
CA ARG B 954 32.77 -9.77 3.90
C ARG B 954 31.51 -9.34 3.18
N ARG B 955 31.08 -8.09 3.43
CA ARG B 955 29.83 -7.62 2.84
C ARG B 955 29.81 -7.76 1.32
N ASP B 956 30.95 -7.54 0.67
CA ASP B 956 31.00 -7.67 -0.79
CA ASP B 956 30.94 -7.67 -0.78
C ASP B 956 30.76 -9.11 -1.25
N ASP B 957 30.85 -10.07 -0.34
CA ASP B 957 30.63 -11.48 -0.63
C ASP B 957 29.22 -11.92 -0.27
N LEU B 958 28.32 -10.99 0.05
CA LEU B 958 26.99 -11.37 0.51
C LEU B 958 26.27 -12.25 -0.50
N ASP B 959 26.33 -11.89 -1.78
CA ASP B 959 25.60 -12.67 -2.77
C ASP B 959 26.13 -14.09 -2.84
N ARG B 960 27.45 -14.26 -2.79
CA ARG B 960 28.04 -15.58 -2.77
C ARG B 960 27.64 -16.33 -1.51
N LEU B 961 27.58 -15.63 -0.38
CA LEU B 961 27.15 -16.27 0.85
C LEU B 961 25.73 -16.82 0.72
N VAL B 962 24.83 -16.05 0.09
CA VAL B 962 23.48 -16.56 -0.12
C VAL B 962 23.52 -17.82 -0.97
N ASP B 963 24.37 -17.84 -2.00
CA ASP B 963 24.56 -19.08 -2.77
C ASP B 963 24.99 -20.22 -1.87
N ASP B 964 25.93 -19.95 -0.96
CA ASP B 964 26.43 -21.00 -0.07
C ASP B 964 25.31 -21.54 0.80
N VAL B 965 24.43 -20.66 1.28
CA VAL B 965 23.29 -21.12 2.05
C VAL B 965 22.40 -21.99 1.18
N ASN B 966 22.10 -21.54 -0.03
CA ASN B 966 21.23 -22.32 -0.90
C ASN B 966 21.88 -23.63 -1.33
N ALA B 967 23.21 -23.67 -1.38
CA ALA B 967 23.92 -24.80 -1.95
C ALA B 967 23.80 -26.05 -1.10
N THR B 968 23.32 -25.96 0.15
CA THR B 968 23.15 -27.17 0.94
C THR B 968 22.04 -28.05 0.38
N GLY B 969 21.17 -27.48 -0.45
CA GLY B 969 20.01 -28.20 -0.94
C GLY B 969 18.79 -28.08 -0.04
N TYR B 970 18.97 -27.63 1.19
CA TYR B 970 17.83 -27.40 2.07
CA TYR B 970 17.85 -27.39 2.08
C TYR B 970 17.25 -26.02 1.80
N GLY B 971 16.08 -25.78 2.39
CA GLY B 971 15.43 -24.51 2.20
C GLY B 971 14.24 -24.39 3.11
N LEU B 972 14.48 -24.48 4.41
CA LEU B 972 13.40 -24.45 5.38
C LEU B 972 13.27 -23.05 5.98
N THR B 973 14.02 -22.74 7.03
CA THR B 973 13.95 -21.40 7.60
C THR B 973 15.21 -20.62 7.29
N PHE B 974 15.06 -19.31 7.32
CA PHE B 974 16.18 -18.43 7.03
C PHE B 974 15.90 -17.09 7.71
N GLY B 975 16.92 -16.54 8.35
CA GLY B 975 16.81 -15.27 9.02
C GLY B 975 17.77 -14.24 8.47
N LEU B 976 17.35 -12.98 8.52
CA LEU B 976 18.22 -11.89 8.13
C LEU B 976 18.04 -10.79 9.17
N HIS B 977 19.14 -10.35 9.76
CA HIS B 977 19.14 -9.20 10.66
C HIS B 977 19.89 -8.07 9.97
N THR B 978 19.14 -7.03 9.63
CA THR B 978 19.69 -5.85 8.99
C THR B 978 18.66 -4.76 9.12
N ARG B 979 19.15 -3.53 9.14
CA ARG B 979 18.24 -2.39 9.09
C ARG B 979 18.09 -1.83 7.70
N LEU B 980 18.74 -2.42 6.69
CA LEU B 980 18.94 -1.76 5.40
C LEU B 980 18.04 -2.40 4.37
N ASP B 981 17.13 -1.60 3.80
CA ASP B 981 16.17 -2.13 2.85
C ASP B 981 16.84 -2.75 1.63
N GLU B 982 17.96 -2.20 1.18
CA GLU B 982 18.61 -2.79 0.01
C GLU B 982 19.09 -4.20 0.32
N THR B 983 19.61 -4.41 1.52
CA THR B 983 20.07 -5.73 1.90
C THR B 983 18.90 -6.68 2.04
N ILE B 984 17.79 -6.20 2.61
CA ILE B 984 16.59 -7.02 2.70
C ILE B 984 16.12 -7.44 1.32
N ALA B 985 16.02 -6.49 0.39
CA ALA B 985 15.55 -6.84 -0.94
C ALA B 985 16.51 -7.81 -1.61
N HIS B 986 17.81 -7.56 -1.50
CA HIS B 986 18.78 -8.44 -2.14
C HIS B 986 18.67 -9.84 -1.57
N VAL B 987 18.80 -9.95 -0.26
CA VAL B 987 18.87 -11.28 0.34
C VAL B 987 17.56 -12.04 0.14
N THR B 988 16.42 -11.38 0.35
CA THR B 988 15.16 -12.11 0.20
C THR B 988 14.89 -12.46 -1.26
N SER B 989 15.42 -11.70 -2.20
CA SER B 989 15.24 -12.05 -3.61
C SER B 989 16.07 -13.26 -4.02
N ARG B 990 17.14 -13.58 -3.28
CA ARG B 990 18.10 -14.59 -3.71
C ARG B 990 18.07 -15.85 -2.85
N ILE B 991 17.64 -15.74 -1.60
CA ILE B 991 17.55 -16.92 -0.75
C ILE B 991 16.41 -17.81 -1.25
N LYS B 992 16.57 -19.11 -1.07
CA LYS B 992 15.56 -20.06 -1.52
C LYS B 992 15.15 -20.89 -0.32
N ALA B 993 14.28 -20.33 0.51
CA ALA B 993 13.79 -21.01 1.68
C ALA B 993 12.31 -20.72 1.83
N GLY B 994 11.60 -21.64 2.46
CA GLY B 994 10.16 -21.48 2.54
C GLY B 994 9.68 -20.53 3.61
N ASN B 995 10.48 -20.29 4.64
CA ASN B 995 10.09 -19.44 5.76
C ASN B 995 11.22 -18.47 6.03
N LEU B 996 10.97 -17.21 5.79
CA LEU B 996 11.95 -16.15 5.97
C LEU B 996 11.55 -15.33 7.17
N TYR B 997 12.55 -14.80 7.87
CA TYR B 997 12.32 -14.03 9.08
C TYR B 997 13.28 -12.86 9.08
N ILE B 998 12.76 -11.66 9.23
CA ILE B 998 13.56 -10.46 9.18
C ILE B 998 13.55 -9.82 10.56
N ASN B 999 14.74 -9.69 11.15
CA ASN B 999 14.92 -8.98 12.41
C ASN B 999 14.16 -9.63 13.57
N ARG B 1000 14.12 -10.95 13.55
CA ARG B 1000 13.49 -11.73 14.61
C ARG B 1000 14.09 -13.13 14.59
N ASN B 1001 13.60 -13.97 15.49
CA ASN B 1001 14.07 -15.34 15.49
C ASN B 1001 13.51 -16.07 14.27
N ILE B 1002 14.04 -17.26 14.01
CA ILE B 1002 13.67 -18.00 12.81
C ILE B 1002 12.83 -19.24 13.13
N ILE B 1003 12.18 -19.28 14.28
CA ILE B 1003 11.45 -20.46 14.66
C ILE B 1003 9.94 -20.28 14.57
N GLY B 1004 9.48 -19.18 13.97
CA GLY B 1004 8.05 -18.91 13.91
C GLY B 1004 7.32 -19.84 12.97
N ALA B 1005 6.30 -20.50 13.47
CA ALA B 1005 5.48 -21.36 12.67
C ALA B 1005 4.04 -21.14 13.05
N VAL B 1006 3.69 -19.88 13.34
CA VAL B 1006 2.34 -19.62 13.79
C VAL B 1006 1.36 -20.00 12.69
N VAL B 1007 0.45 -20.91 13.01
CA VAL B 1007 -0.48 -21.46 12.04
C VAL B 1007 -1.25 -20.33 11.38
N GLY B 1008 -1.30 -20.35 10.04
CA GLY B 1008 -2.04 -19.36 9.30
C GLY B 1008 -1.43 -17.97 9.32
N VAL B 1009 -0.28 -17.81 9.96
CA VAL B 1009 0.42 -16.54 10.03
C VAL B 1009 1.82 -16.65 9.43
N GLN B 1010 2.59 -17.66 9.84
CA GLN B 1010 3.73 -18.16 9.09
C GLN B 1010 3.41 -19.60 8.68
N PRO B 1011 2.61 -19.81 7.64
CA PRO B 1011 2.48 -21.15 7.05
C PRO B 1011 3.88 -21.71 6.86
N PHE B 1012 4.07 -22.92 7.33
CA PHE B 1012 5.41 -23.40 7.59
C PHE B 1012 5.75 -24.57 6.67
N GLY B 1013 6.90 -24.48 6.06
CA GLY B 1013 7.39 -25.59 5.25
C GLY B 1013 8.32 -25.07 4.18
N GLY B 1014 9.25 -25.92 3.80
CA GLY B 1014 10.26 -25.49 2.86
C GLY B 1014 10.30 -26.27 1.59
N ARG B 1015 11.40 -26.11 0.86
CA ARG B 1015 11.58 -26.63 -0.47
C ARG B 1015 12.90 -27.38 -0.51
N GLY B 1016 13.22 -27.92 -1.68
CA GLY B 1016 14.45 -28.68 -1.81
C GLY B 1016 14.41 -29.90 -0.91
N LEU B 1017 15.51 -30.14 -0.20
CA LEU B 1017 15.57 -31.25 0.74
C LEU B 1017 14.71 -31.04 1.95
N SER B 1018 14.07 -29.87 2.08
CA SER B 1018 13.28 -29.57 3.26
C SER B 1018 11.79 -29.86 3.09
N GLY B 1019 11.32 -30.13 1.88
CA GLY B 1019 9.89 -30.37 1.81
C GLY B 1019 9.38 -30.58 0.41
N THR B 1020 8.27 -31.33 0.31
CA THR B 1020 7.46 -31.36 -0.89
C THR B 1020 6.43 -30.25 -0.93
N GLY B 1021 6.05 -29.73 0.22
CA GLY B 1021 4.85 -28.93 0.30
C GLY B 1021 3.64 -29.82 0.11
N PRO B 1022 2.46 -29.24 0.19
CA PRO B 1022 2.19 -27.84 0.53
C PRO B 1022 2.49 -27.58 2.02
N LYS B 1023 2.58 -26.30 2.39
CA LYS B 1023 2.92 -25.95 3.75
C LYS B 1023 1.82 -26.33 4.73
N ALA B 1024 2.21 -26.96 5.83
CA ALA B 1024 1.33 -27.08 6.98
C ALA B 1024 0.95 -25.70 7.49
N GLY B 1025 -0.26 -25.59 8.01
CA GLY B 1025 -0.68 -24.31 8.54
C GLY B 1025 -0.88 -23.28 7.48
N GLY B 1026 -1.05 -23.70 6.23
CA GLY B 1026 -1.29 -22.82 5.13
C GLY B 1026 -2.48 -23.30 4.32
N PRO B 1027 -2.91 -22.48 3.37
CA PRO B 1027 -4.19 -22.70 2.70
C PRO B 1027 -4.17 -23.73 1.61
N LEU B 1028 -3.01 -24.23 1.19
CA LEU B 1028 -2.96 -25.26 0.17
C LEU B 1028 -2.99 -26.66 0.75
N TYR B 1029 -2.89 -26.78 2.07
CA TYR B 1029 -2.61 -28.06 2.70
C TYR B 1029 -3.76 -29.04 2.52
N LEU B 1030 -4.99 -28.62 2.86
CA LEU B 1030 -6.09 -29.56 2.84
C LEU B 1030 -6.34 -30.10 1.45
N GLY B 1031 -6.08 -29.28 0.43
CA GLY B 1031 -6.36 -29.70 -0.93
C GLY B 1031 -5.50 -30.86 -1.40
N ARG B 1032 -4.41 -31.14 -0.71
CA ARG B 1032 -3.61 -32.31 -1.04
C ARG B 1032 -4.23 -33.59 -0.52
N LEU B 1033 -5.20 -33.49 0.38
CA LEU B 1033 -5.74 -34.63 1.10
C LEU B 1033 -7.12 -35.03 0.56
N VAL B 1034 -7.48 -34.50 -0.60
CA VAL B 1034 -8.72 -34.85 -1.28
C VAL B 1034 -8.36 -35.13 -2.73
N THR B 1035 -9.25 -35.82 -3.44
CA THR B 1035 -8.88 -36.22 -4.79
C THR B 1035 -9.04 -35.11 -5.81
N THR B 1036 -9.82 -34.08 -5.49
CA THR B 1036 -9.94 -32.88 -6.30
C THR B 1036 -9.73 -31.70 -5.38
N ALA B 1037 -8.70 -30.90 -5.65
CA ALA B 1037 -8.38 -29.82 -4.73
C ALA B 1037 -9.37 -28.67 -4.87
N PRO B 1038 -9.84 -28.10 -3.77
CA PRO B 1038 -10.65 -26.90 -3.85
C PRO B 1038 -9.79 -25.69 -4.15
N VAL B 1039 -10.47 -24.57 -4.41
CA VAL B 1039 -9.82 -23.27 -4.54
C VAL B 1039 -9.66 -22.70 -3.14
N PRO B 1040 -8.44 -22.54 -2.64
CA PRO B 1040 -8.29 -22.07 -1.27
C PRO B 1040 -8.75 -20.63 -1.13
N PRO B 1041 -9.09 -20.20 0.09
CA PRO B 1041 -9.39 -18.79 0.31
C PRO B 1041 -8.25 -17.93 -0.18
N GLN B 1042 -8.60 -16.82 -0.82
CA GLN B 1042 -7.65 -15.79 -1.27
C GLN B 1042 -6.70 -16.30 -2.34
N HIS B 1043 -6.92 -17.48 -2.92
CA HIS B 1043 -5.93 -18.08 -3.80
C HIS B 1043 -6.24 -17.66 -5.23
N SER B 1044 -5.62 -16.56 -5.65
CA SER B 1044 -5.74 -16.10 -7.02
C SER B 1044 -4.63 -15.09 -7.25
N SER B 1045 -4.46 -14.73 -8.50
CA SER B 1045 -3.49 -13.70 -8.85
C SER B 1045 -3.95 -13.01 -10.11
N VAL B 1046 -3.73 -11.70 -10.18
CA VAL B 1046 -4.07 -10.97 -11.40
C VAL B 1046 -2.97 -11.05 -12.44
N HIS B 1047 -1.85 -11.66 -12.11
CA HIS B 1047 -0.74 -11.69 -13.03
CA HIS B 1047 -0.68 -11.73 -12.97
C HIS B 1047 -0.81 -12.93 -13.90
N THR B 1048 -0.42 -12.74 -15.16
CA THR B 1048 -0.38 -13.84 -16.11
C THR B 1048 1.07 -14.00 -16.56
N ASP B 1049 1.56 -15.21 -16.46
CA ASP B 1049 2.92 -15.45 -16.87
C ASP B 1049 3.10 -15.08 -18.34
N PRO B 1050 4.11 -14.27 -18.67
CA PRO B 1050 4.23 -13.83 -20.07
C PRO B 1050 4.66 -14.94 -21.00
N VAL B 1051 5.40 -15.93 -20.51
CA VAL B 1051 5.81 -17.03 -21.36
C VAL B 1051 4.62 -17.92 -21.65
N LEU B 1052 3.78 -18.14 -20.64
CA LEU B 1052 2.49 -18.78 -20.90
C LEU B 1052 1.75 -18.08 -22.02
N LEU B 1053 1.69 -16.74 -21.97
CA LEU B 1053 0.98 -16.00 -23.02
C LEU B 1053 1.59 -16.26 -24.39
N ASP B 1054 2.91 -16.23 -24.49
CA ASP B 1054 3.55 -16.52 -25.77
C ASP B 1054 3.29 -17.94 -26.22
N PHE B 1055 3.22 -18.89 -25.27
CA PHE B 1055 2.92 -20.27 -25.62
C PHE B 1055 1.51 -20.40 -26.17
N ALA B 1056 0.54 -19.71 -25.56
CA ALA B 1056 -0.82 -19.75 -26.05
C ALA B 1056 -0.93 -19.20 -27.46
N LYS B 1057 -0.23 -18.10 -27.76
CA LYS B 1057 -0.25 -17.57 -29.11
C LYS B 1057 0.36 -18.56 -30.09
N TRP B 1058 1.44 -19.23 -29.68
CA TRP B 1058 2.06 -20.24 -30.54
C TRP B 1058 1.10 -21.39 -30.81
N LEU B 1059 0.41 -21.87 -29.77
CA LEU B 1059 -0.61 -22.90 -29.97
C LEU B 1059 -1.71 -22.41 -30.90
N ASP B 1060 -2.18 -21.17 -30.70
CA ASP B 1060 -3.16 -20.56 -31.61
C ASP B 1060 -2.67 -20.67 -33.04
N GLY B 1061 -1.42 -20.27 -33.29
CA GLY B 1061 -0.91 -20.22 -34.64
C GLY B 1061 -0.88 -21.57 -35.33
N LYS B 1062 -0.59 -22.63 -34.57
CA LYS B 1062 -0.55 -23.97 -35.14
C LYS B 1062 -1.90 -24.68 -35.10
N GLY B 1063 -2.98 -23.97 -34.75
CA GLY B 1063 -4.30 -24.56 -34.79
C GLY B 1063 -4.66 -25.45 -33.61
N ALA B 1064 -3.80 -25.54 -32.61
CA ALA B 1064 -4.07 -26.37 -31.43
C ALA B 1064 -5.05 -25.62 -30.52
N ARG B 1065 -6.31 -25.57 -30.97
CA ARG B 1065 -7.30 -24.69 -30.35
C ARG B 1065 -7.63 -25.13 -28.93
N ALA B 1066 -7.85 -26.43 -28.72
CA ALA B 1066 -8.15 -26.89 -27.37
C ALA B 1066 -6.98 -26.61 -26.44
N GLU B 1067 -5.76 -26.83 -26.90
CA GLU B 1067 -4.60 -26.63 -26.03
C GLU B 1067 -4.38 -25.15 -25.74
N ALA B 1068 -4.59 -24.30 -26.74
CA ALA B 1068 -4.47 -22.86 -26.52
C ALA B 1068 -5.47 -22.38 -25.48
N GLU B 1069 -6.70 -22.89 -25.54
CA GLU B 1069 -7.70 -22.56 -24.53
C GLU B 1069 -7.29 -23.06 -23.16
N ALA B 1070 -6.77 -24.28 -23.08
CA ALA B 1070 -6.25 -24.79 -21.81
C ALA B 1070 -5.11 -23.90 -21.31
N ALA B 1071 -4.25 -23.44 -22.22
CA ALA B 1071 -3.15 -22.57 -21.82
C ALA B 1071 -3.67 -21.27 -21.23
N ARG B 1072 -4.61 -20.63 -21.93
CA ARG B 1072 -5.17 -19.37 -21.41
CA ARG B 1072 -5.16 -19.37 -21.40
C ARG B 1072 -5.86 -19.59 -20.07
N ASN B 1073 -6.61 -20.68 -19.95
CA ASN B 1073 -7.28 -20.98 -18.68
C ASN B 1073 -6.28 -21.19 -17.57
N ALA B 1074 -5.18 -21.90 -17.85
CA ALA B 1074 -4.15 -22.09 -16.84
C ALA B 1074 -3.51 -20.76 -16.47
N GLY B 1075 -3.23 -19.93 -17.46
CA GLY B 1075 -2.65 -18.63 -17.17
C GLY B 1075 -3.51 -17.82 -16.21
N SER B 1076 -4.82 -17.93 -16.36
CA SER B 1076 -5.72 -17.16 -15.52
C SER B 1076 -5.90 -17.80 -14.15
N SER B 1077 -6.03 -19.13 -14.09
CA SER B 1077 -6.29 -19.82 -12.82
CA SER B 1077 -6.30 -19.74 -12.78
C SER B 1077 -5.05 -19.88 -11.93
N SER B 1078 -3.87 -19.88 -12.54
CA SER B 1078 -2.62 -19.88 -11.79
C SER B 1078 -2.64 -18.77 -10.74
N ALA B 1079 -2.17 -19.08 -9.54
CA ALA B 1079 -2.06 -18.09 -8.50
C ALA B 1079 -0.64 -17.58 -8.37
N LEU B 1080 0.21 -17.90 -9.34
CA LEU B 1080 1.56 -17.35 -9.35
C LEU B 1080 1.50 -15.84 -9.21
N GLY B 1081 2.26 -15.31 -8.26
CA GLY B 1081 2.28 -13.88 -8.04
C GLY B 1081 1.38 -13.42 -6.92
N LEU B 1082 0.60 -14.33 -6.34
CA LEU B 1082 -0.16 -13.99 -5.14
CA LEU B 1082 -0.15 -13.99 -5.13
C LEU B 1082 0.80 -13.42 -4.09
N ASP B 1083 0.37 -12.36 -3.44
CA ASP B 1083 1.25 -11.63 -2.51
C ASP B 1083 0.35 -11.01 -1.46
N LEU B 1084 0.21 -11.69 -0.33
CA LEU B 1084 -0.77 -11.35 0.69
C LEU B 1084 -0.06 -11.03 1.99
N GLU B 1085 -0.66 -10.15 2.76
CA GLU B 1085 -0.33 -10.00 4.16
C GLU B 1085 -1.36 -10.75 4.98
N LEU B 1086 -0.91 -11.60 5.85
CA LEU B 1086 -1.78 -12.41 6.69
C LEU B 1086 -2.04 -11.71 8.02
N PRO B 1087 -3.25 -11.85 8.54
CA PRO B 1087 -3.56 -11.26 9.85
C PRO B 1087 -2.70 -11.88 10.93
N GLY B 1088 -2.21 -11.03 11.82
CA GLY B 1088 -1.38 -11.51 12.89
C GLY B 1088 -1.20 -10.42 13.93
N PRO B 1089 -0.16 -10.57 14.75
CA PRO B 1089 0.06 -9.59 15.82
C PRO B 1089 0.55 -8.26 15.27
N VAL B 1090 0.32 -7.22 16.07
CA VAL B 1090 0.89 -5.93 15.75
C VAL B 1090 2.41 -6.03 15.82
N GLY B 1091 3.08 -5.08 15.17
CA GLY B 1091 4.53 -5.06 15.20
C GLY B 1091 5.18 -6.13 14.38
N GLU B 1092 4.42 -6.78 13.52
CA GLU B 1092 4.96 -7.78 12.62
C GLU B 1092 4.19 -7.67 11.32
N ARG B 1093 4.87 -7.90 10.21
CA ARG B 1093 4.21 -8.07 8.93
C ARG B 1093 4.48 -9.48 8.48
N ASN B 1094 3.42 -10.24 8.26
CA ASN B 1094 3.52 -11.64 7.93
C ASN B 1094 2.98 -11.80 6.53
N LEU B 1095 3.87 -12.15 5.61
CA LEU B 1095 3.59 -12.11 4.20
C LEU B 1095 3.59 -13.52 3.64
N TYR B 1096 2.78 -13.73 2.63
CA TYR B 1096 2.63 -15.05 2.04
C TYR B 1096 2.55 -14.85 0.54
N THR B 1097 3.43 -15.52 -0.18
CA THR B 1097 3.58 -15.26 -1.60
C THR B 1097 3.73 -16.58 -2.34
N LEU B 1098 3.27 -16.60 -3.58
CA LEU B 1098 3.38 -17.78 -4.42
C LEU B 1098 4.32 -17.48 -5.58
N HIS B 1099 5.36 -18.28 -5.67
CA HIS B 1099 6.39 -18.17 -6.68
C HIS B 1099 6.36 -19.41 -7.54
N ALA B 1100 7.13 -19.38 -8.63
CA ALA B 1100 7.32 -20.60 -9.38
C ALA B 1100 8.01 -21.64 -8.52
N ARG B 1101 7.70 -22.91 -8.78
CA ARG B 1101 8.43 -24.00 -8.15
C ARG B 1101 9.89 -24.06 -8.62
N GLY B 1102 10.13 -23.83 -9.90
CA GLY B 1102 11.46 -23.97 -10.43
C GLY B 1102 11.40 -24.67 -11.77
N ARG B 1103 12.12 -25.78 -11.90
CA ARG B 1103 12.09 -26.55 -13.13
C ARG B 1103 11.28 -27.81 -12.90
N ILE B 1104 10.28 -28.03 -13.75
CA ILE B 1104 9.38 -29.17 -13.61
C ILE B 1104 9.78 -30.22 -14.62
N LEU B 1105 9.89 -31.46 -14.17
CA LEU B 1105 10.13 -32.58 -15.07
C LEU B 1105 8.81 -32.94 -15.76
N LEU B 1106 8.81 -32.93 -17.08
CA LEU B 1106 7.63 -33.27 -17.84
C LEU B 1106 7.86 -34.64 -18.47
N VAL B 1107 6.94 -35.56 -18.22
CA VAL B 1107 7.03 -36.89 -18.79
C VAL B 1107 5.77 -37.09 -19.61
N PRO B 1108 5.70 -36.54 -20.80
CA PRO B 1108 4.50 -36.68 -21.63
C PRO B 1108 4.49 -38.01 -22.35
N ALA B 1109 3.32 -38.36 -22.84
CA ALA B 1109 3.15 -39.49 -23.75
C ALA B 1109 2.73 -39.05 -25.14
N THR B 1110 1.91 -38.01 -25.21
CA THR B 1110 1.37 -37.55 -26.48
C THR B 1110 1.64 -36.06 -26.65
N GLU B 1111 1.53 -35.62 -27.89
CA GLU B 1111 1.76 -34.20 -28.18
C GLU B 1111 0.78 -33.32 -27.41
N SER B 1112 -0.50 -33.65 -27.45
CA SER B 1112 -1.48 -32.87 -26.71
C SER B 1112 -1.17 -32.89 -25.22
N GLY B 1113 -0.79 -34.05 -24.69
CA GLY B 1113 -0.44 -34.12 -23.28
C GLY B 1113 0.72 -33.20 -22.95
N LEU B 1114 1.75 -33.20 -23.80
CA LEU B 1114 2.88 -32.30 -23.59
C LEU B 1114 2.43 -30.84 -23.62
N TYR B 1115 1.55 -30.49 -24.55
CA TYR B 1115 1.09 -29.10 -24.60
C TYR B 1115 0.34 -28.72 -23.33
N HIS B 1116 -0.49 -29.64 -22.82
CA HIS B 1116 -1.19 -29.39 -21.57
C HIS B 1116 -0.22 -29.31 -20.40
N GLN B 1117 0.79 -30.19 -20.37
CA GLN B 1117 1.76 -30.12 -19.29
C GLN B 1117 2.53 -28.81 -19.35
N LEU B 1118 2.95 -28.42 -20.54
CA LEU B 1118 3.66 -27.16 -20.69
C LEU B 1118 2.80 -25.99 -20.25
N ALA B 1119 1.52 -26.00 -20.63
CA ALA B 1119 0.64 -24.92 -20.22
C ALA B 1119 0.60 -24.80 -18.71
N ALA B 1120 0.42 -25.93 -18.03
CA ALA B 1120 0.33 -25.91 -16.58
C ALA B 1120 1.63 -25.39 -15.97
N ALA B 1121 2.76 -25.89 -16.47
CA ALA B 1121 4.04 -25.50 -15.89
C ALA B 1121 4.38 -24.04 -16.20
N LEU B 1122 4.14 -23.61 -17.43
CA LEU B 1122 4.48 -22.23 -17.78
C LEU B 1122 3.57 -21.24 -17.07
N ALA B 1123 2.29 -21.58 -16.92
CA ALA B 1123 1.35 -20.68 -16.27
C ALA B 1123 1.73 -20.41 -14.83
N THR B 1124 2.47 -21.34 -14.22
CA THR B 1124 2.90 -21.21 -12.85
C THR B 1124 4.35 -20.75 -12.77
N GLY B 1125 4.89 -20.23 -13.87
CA GLY B 1125 6.18 -19.56 -13.86
C GLY B 1125 7.38 -20.46 -13.97
N ASN B 1126 7.17 -21.74 -14.22
CA ASN B 1126 8.24 -22.71 -14.16
C ASN B 1126 8.93 -22.85 -15.51
N SER B 1127 10.16 -23.34 -15.45
CA SER B 1127 10.80 -23.90 -16.62
C SER B 1127 10.55 -25.41 -16.58
N VAL B 1128 10.90 -26.09 -17.66
CA VAL B 1128 10.62 -27.51 -17.76
C VAL B 1128 11.82 -28.23 -18.33
N ALA B 1129 11.95 -29.49 -17.93
CA ALA B 1129 12.79 -30.45 -18.62
C ALA B 1129 11.85 -31.55 -19.12
N ILE B 1130 11.80 -31.73 -20.43
CA ILE B 1130 10.91 -32.69 -21.04
C ILE B 1130 11.66 -33.98 -21.29
N ASP B 1131 11.04 -35.10 -20.90
CA ASP B 1131 11.64 -36.41 -21.12
C ASP B 1131 11.90 -36.63 -22.60
N ALA B 1132 13.18 -36.74 -22.97
CA ALA B 1132 13.53 -36.95 -24.36
C ALA B 1132 13.02 -38.29 -24.87
N ALA B 1133 12.87 -39.26 -23.99
CA ALA B 1133 12.39 -40.57 -24.42
C ALA B 1133 10.96 -40.54 -24.89
N SER B 1134 10.25 -39.43 -24.67
CA SER B 1134 8.90 -39.31 -25.21
C SER B 1134 8.89 -39.27 -26.72
N GLY B 1135 10.01 -38.88 -27.34
CA GLY B 1135 10.06 -38.78 -28.79
C GLY B 1135 9.25 -37.64 -29.38
N LEU B 1136 8.88 -36.64 -28.57
CA LEU B 1136 7.97 -35.58 -28.99
C LEU B 1136 8.69 -34.30 -29.39
N GLN B 1137 10.00 -34.38 -29.67
CA GLN B 1137 10.77 -33.17 -29.97
C GLN B 1137 10.17 -32.38 -31.13
N ALA B 1138 9.67 -33.07 -32.17
CA ALA B 1138 9.12 -32.38 -33.33
C ALA B 1138 7.86 -31.60 -33.00
N SER B 1139 7.23 -31.87 -31.85
CA SER B 1139 6.02 -31.16 -31.46
C SER B 1139 6.30 -29.73 -31.05
N LEU B 1140 7.54 -29.39 -30.72
CA LEU B 1140 7.93 -28.04 -30.33
C LEU B 1140 8.72 -27.32 -31.41
N LYS B 1141 8.51 -27.70 -32.67
CA LYS B 1141 9.17 -27.02 -33.77
C LYS B 1141 8.68 -25.58 -33.86
N ASN B 1142 9.61 -24.65 -34.08
CA ASN B 1142 9.29 -23.23 -34.27
C ASN B 1142 8.72 -22.59 -33.00
N LEU B 1143 9.04 -23.14 -31.84
CA LEU B 1143 8.61 -22.54 -30.59
C LEU B 1143 9.22 -21.14 -30.47
N PRO B 1144 8.46 -20.15 -29.99
CA PRO B 1144 9.05 -18.83 -29.76
C PRO B 1144 10.20 -18.92 -28.77
N GLN B 1145 11.22 -18.08 -28.99
CA GLN B 1145 12.40 -18.10 -28.13
C GLN B 1145 12.06 -17.85 -26.66
N THR B 1146 11.05 -17.00 -26.40
CA THR B 1146 10.64 -16.79 -25.02
C THR B 1146 10.23 -18.09 -24.36
N VAL B 1147 9.52 -18.94 -25.11
CA VAL B 1147 9.13 -20.23 -24.54
C VAL B 1147 10.31 -21.19 -24.55
N GLY B 1148 11.07 -21.23 -25.64
CA GLY B 1148 12.19 -22.14 -25.72
C GLY B 1148 13.22 -21.94 -24.63
N LEU B 1149 13.41 -20.69 -24.18
CA LEU B 1149 14.34 -20.42 -23.09
C LEU B 1149 13.94 -21.13 -21.81
N ARG B 1150 12.65 -21.47 -21.65
CA ARG B 1150 12.20 -22.19 -20.47
C ARG B 1150 12.16 -23.69 -20.68
N VAL B 1151 12.51 -24.17 -21.87
CA VAL B 1151 12.31 -25.57 -22.23
C VAL B 1151 13.67 -26.22 -22.44
N SER B 1152 13.89 -27.34 -21.76
CA SER B 1152 15.02 -28.19 -22.08
C SER B 1152 14.48 -29.60 -22.28
N TRP B 1153 15.27 -30.42 -22.94
CA TRP B 1153 14.96 -31.83 -23.14
C TRP B 1153 15.97 -32.63 -22.35
N SER B 1154 15.49 -33.61 -21.60
CA SER B 1154 16.36 -34.38 -20.72
C SER B 1154 16.40 -35.83 -21.16
N LYS B 1155 17.60 -36.33 -21.44
CA LYS B 1155 17.85 -37.75 -21.63
C LYS B 1155 18.44 -38.38 -20.38
N ASP B 1156 18.48 -37.64 -19.28
CA ASP B 1156 19.09 -38.14 -18.06
C ASP B 1156 18.47 -37.31 -16.92
N TRP B 1157 17.35 -37.83 -16.39
CA TRP B 1157 16.59 -37.04 -15.42
C TRP B 1157 17.43 -36.75 -14.18
N ALA B 1158 18.18 -37.74 -13.71
CA ALA B 1158 18.91 -37.58 -12.46
C ALA B 1158 20.05 -36.59 -12.63
N ALA B 1159 20.66 -36.52 -13.80
CA ALA B 1159 21.74 -35.57 -14.02
C ALA B 1159 21.24 -34.15 -14.26
N ASP B 1160 20.00 -34.00 -14.71
CA ASP B 1160 19.49 -32.70 -15.16
C ASP B 1160 18.66 -31.99 -14.11
N GLY B 1161 18.46 -32.61 -12.96
CA GLY B 1161 17.81 -31.97 -11.85
C GLY B 1161 18.74 -31.03 -11.12
N PRO B 1162 18.33 -30.58 -9.92
CA PRO B 1162 17.10 -30.94 -9.24
C PRO B 1162 15.89 -30.28 -9.88
N PHE B 1163 14.81 -31.03 -9.87
CA PHE B 1163 13.52 -30.52 -10.28
C PHE B 1163 12.73 -30.14 -9.04
N ALA B 1164 11.59 -29.50 -9.27
CA ALA B 1164 10.73 -29.08 -8.16
C ALA B 1164 9.33 -29.65 -8.29
N GLY B 1165 9.15 -30.61 -9.17
CA GLY B 1165 7.87 -31.26 -9.36
C GLY B 1165 7.94 -32.04 -10.66
N ALA B 1166 6.88 -32.80 -10.93
CA ALA B 1166 6.85 -33.57 -12.16
C ALA B 1166 5.42 -33.73 -12.62
N LEU B 1167 5.23 -33.66 -13.92
CA LEU B 1167 3.95 -33.95 -14.53
C LEU B 1167 4.14 -35.15 -15.43
N VAL B 1168 3.25 -36.13 -15.28
CA VAL B 1168 3.41 -37.42 -15.96
C VAL B 1168 2.12 -37.71 -16.70
N GLU B 1169 2.24 -38.16 -17.94
CA GLU B 1169 1.11 -38.63 -18.72
C GLU B 1169 1.36 -40.09 -19.08
N GLY B 1170 0.35 -40.91 -18.89
CA GLY B 1170 0.46 -42.31 -19.29
C GLY B 1170 -0.63 -43.15 -18.68
N ASP B 1171 -0.65 -44.41 -19.08
CA ASP B 1171 -1.55 -45.36 -18.45
C ASP B 1171 -1.01 -45.76 -17.08
N ALA B 1172 -1.80 -46.56 -16.36
CA ALA B 1172 -1.43 -46.90 -14.98
C ALA B 1172 -0.02 -47.47 -14.90
N GLU B 1173 0.32 -48.41 -15.79
CA GLU B 1173 1.64 -49.02 -15.66
C GLU B 1173 2.76 -48.05 -16.03
N ARG B 1174 2.51 -47.15 -16.99
CA ARG B 1174 3.49 -46.11 -17.30
C ARG B 1174 3.68 -45.19 -16.10
N ILE B 1175 2.56 -44.78 -15.50
CA ILE B 1175 2.64 -43.92 -14.32
C ILE B 1175 3.44 -44.59 -13.21
N ARG B 1176 3.16 -45.86 -12.94
CA ARG B 1176 3.90 -46.55 -11.89
C ARG B 1176 5.39 -46.58 -12.19
N ALA B 1177 5.75 -46.91 -13.43
CA ALA B 1177 7.16 -46.98 -13.80
C ALA B 1177 7.84 -45.62 -13.68
N VAL B 1178 7.16 -44.56 -14.12
CA VAL B 1178 7.74 -43.23 -14.04
C VAL B 1178 7.86 -42.80 -12.58
N ASN B 1179 6.83 -43.10 -11.80
CA ASN B 1179 6.85 -42.73 -10.39
C ASN B 1179 8.00 -43.43 -9.66
N LYS B 1180 8.23 -44.70 -9.99
CA LYS B 1180 9.38 -45.39 -9.40
C LYS B 1180 10.69 -44.72 -9.80
N ALA B 1181 10.82 -44.35 -11.08
CA ALA B 1181 12.05 -43.69 -11.52
C ALA B 1181 12.21 -42.35 -10.83
N ILE B 1182 11.12 -41.61 -10.67
CA ILE B 1182 11.22 -40.32 -10.00
C ILE B 1182 11.60 -40.50 -8.53
N ALA B 1183 11.04 -41.51 -7.87
CA ALA B 1183 11.40 -41.73 -6.46
C ALA B 1183 12.88 -42.05 -6.31
N ALA B 1184 13.52 -42.59 -7.33
CA ALA B 1184 14.93 -42.90 -7.29
C ALA B 1184 15.82 -41.72 -7.67
N LEU B 1185 15.25 -40.57 -8.02
CA LEU B 1185 16.11 -39.45 -8.37
C LEU B 1185 16.78 -38.91 -7.10
N PRO B 1186 18.03 -38.48 -7.19
CA PRO B 1186 18.68 -37.86 -6.04
C PRO B 1186 18.10 -36.47 -5.81
N GLY B 1187 18.34 -35.96 -4.62
CA GLY B 1187 17.95 -34.62 -4.28
C GLY B 1187 16.55 -34.55 -3.71
N PRO B 1188 15.84 -33.49 -4.05
CA PRO B 1188 14.52 -33.28 -3.44
C PRO B 1188 13.53 -34.36 -3.82
N LEU B 1189 12.61 -34.64 -2.90
CA LEU B 1189 11.48 -35.48 -3.20
C LEU B 1189 10.51 -34.71 -4.08
N LEU B 1190 10.21 -35.23 -5.27
CA LEU B 1190 9.41 -34.47 -6.21
C LEU B 1190 7.93 -34.70 -5.97
N LEU B 1191 7.17 -33.61 -5.98
CA LEU B 1191 5.71 -33.70 -6.00
C LEU B 1191 5.27 -34.06 -7.41
N VAL B 1192 4.77 -35.28 -7.57
CA VAL B 1192 4.44 -35.86 -8.88
C VAL B 1192 2.94 -35.76 -9.08
N GLN B 1193 2.55 -35.32 -10.26
CA GLN B 1193 1.16 -35.35 -10.69
C GLN B 1193 1.08 -36.18 -11.96
N ALA B 1194 0.15 -37.13 -11.99
CA ALA B 1194 0.02 -38.04 -13.12
C ALA B 1194 -1.41 -38.02 -13.62
N ALA B 1195 -1.55 -38.22 -14.92
CA ALA B 1195 -2.86 -38.31 -15.53
C ALA B 1195 -2.71 -39.14 -16.78
N SER B 1196 -3.79 -39.81 -17.16
CA SER B 1196 -3.82 -40.48 -18.44
C SER B 1196 -4.10 -39.47 -19.55
N SER B 1197 -3.81 -39.87 -20.79
CA SER B 1197 -4.17 -39.03 -21.92
C SER B 1197 -5.66 -38.72 -21.93
N GLY B 1198 -6.49 -39.71 -21.64
CA GLY B 1198 -7.92 -39.46 -21.61
C GLY B 1198 -8.30 -38.47 -20.53
N GLU B 1199 -7.64 -38.55 -19.38
CA GLU B 1199 -7.92 -37.64 -18.28
C GLU B 1199 -7.54 -36.21 -18.66
N ILE B 1200 -6.41 -36.04 -19.33
CA ILE B 1200 -6.01 -34.71 -19.80
C ILE B 1200 -7.04 -34.15 -20.75
N ALA B 1201 -7.60 -34.99 -21.62
CA ALA B 1201 -8.58 -34.51 -22.58
C ALA B 1201 -9.90 -34.16 -21.91
N ARG B 1202 -10.31 -34.93 -20.91
CA ARG B 1202 -11.63 -34.77 -20.28
C ARG B 1202 -11.64 -33.74 -19.17
N ASN B 1203 -10.56 -33.65 -18.40
CA ASN B 1203 -10.57 -32.91 -17.14
C ASN B 1203 -9.64 -31.72 -17.23
N PRO B 1204 -10.18 -30.49 -17.26
CA PRO B 1204 -9.30 -29.31 -17.30
C PRO B 1204 -8.38 -29.21 -16.10
N ASP B 1205 -8.70 -29.87 -15.00
CA ASP B 1205 -7.87 -29.85 -13.79
C ASP B 1205 -7.13 -31.16 -13.60
N ALA B 1206 -6.85 -31.87 -14.70
CA ALA B 1206 -6.07 -33.10 -14.61
C ALA B 1206 -4.76 -32.88 -13.87
N TYR B 1207 -4.11 -31.76 -14.15
CA TYR B 1207 -2.96 -31.31 -13.38
C TYR B 1207 -3.38 -30.10 -12.56
N CYS B 1208 -3.04 -30.11 -11.30
CA CYS B 1208 -3.46 -29.08 -10.36
C CYS B 1208 -2.36 -28.02 -10.26
N LEU B 1209 -2.71 -26.77 -10.55
CA LEU B 1209 -1.73 -25.70 -10.48
C LEU B 1209 -1.34 -25.36 -9.05
N ASN B 1210 -2.11 -25.82 -8.06
CA ASN B 1210 -1.77 -25.53 -6.67
C ASN B 1210 -0.41 -26.09 -6.33
N TRP B 1211 -0.01 -27.20 -6.95
CA TRP B 1211 1.22 -27.88 -6.60
C TRP B 1211 2.39 -27.42 -7.45
N LEU B 1212 2.15 -26.53 -8.41
CA LEU B 1212 3.18 -26.07 -9.31
C LEU B 1212 3.71 -24.70 -8.94
N VAL B 1213 3.25 -24.15 -7.83
CA VAL B 1213 3.83 -22.95 -7.26
C VAL B 1213 4.48 -23.32 -5.94
N GLU B 1214 5.44 -22.50 -5.53
CA GLU B 1214 6.08 -22.62 -4.23
C GLU B 1214 5.56 -21.51 -3.32
N GLU B 1215 5.15 -21.89 -2.13
CA GLU B 1215 4.74 -20.93 -1.13
C GLU B 1215 5.96 -20.41 -0.39
N VAL B 1216 6.00 -19.10 -0.16
CA VAL B 1216 7.03 -18.53 0.68
C VAL B 1216 6.36 -17.65 1.72
N SER B 1217 6.72 -17.88 2.98
CA SER B 1217 6.24 -17.07 4.09
C SER B 1217 7.40 -16.19 4.52
N ALA B 1218 7.11 -14.93 4.80
CA ALA B 1218 8.12 -14.02 5.33
C ALA B 1218 7.52 -13.29 6.51
N SER B 1219 8.20 -13.34 7.65
CA SER B 1219 7.75 -12.65 8.84
C SER B 1219 8.74 -11.55 9.16
N ILE B 1220 8.28 -10.32 9.15
CA ILE B 1220 9.13 -9.16 9.36
C ILE B 1220 8.75 -8.54 10.69
N ASN B 1221 9.72 -8.42 11.59
CA ASN B 1221 9.51 -7.72 12.86
C ASN B 1221 9.59 -6.23 12.58
N THR B 1222 8.45 -5.55 12.60
CA THR B 1222 8.40 -4.12 12.31
C THR B 1222 8.51 -3.28 13.56
N ALA B 1223 8.75 -3.89 14.71
CA ALA B 1223 9.04 -3.17 15.93
C ALA B 1223 10.54 -3.15 16.23
N ALA B 1224 11.38 -3.69 15.32
CA ALA B 1224 12.78 -3.92 15.65
C ALA B 1224 13.56 -2.63 15.85
N ALA B 1225 13.08 -1.50 15.31
CA ALA B 1225 13.76 -0.22 15.52
C ALA B 1225 13.53 0.35 16.91
N GLY B 1226 12.63 -0.24 17.70
CA GLY B 1226 12.37 0.22 19.06
C GLY B 1226 10.95 0.67 19.31
N GLY B 1227 10.05 0.57 18.33
CA GLY B 1227 8.66 0.93 18.51
C GLY B 1227 7.87 0.53 17.29
N ASN B 1228 6.57 0.79 17.35
CA ASN B 1228 5.62 0.39 16.32
C ASN B 1228 5.08 1.64 15.63
N ALA B 1229 5.35 1.77 14.33
CA ALA B 1229 4.86 2.91 13.57
C ALA B 1229 3.34 2.93 13.51
N SER B 1230 2.73 1.77 13.22
CA SER B 1230 1.28 1.73 13.02
C SER B 1230 0.52 2.08 14.30
N LEU B 1231 1.00 1.59 15.44
CA LEU B 1231 0.31 1.86 16.70
C LEU B 1231 0.57 3.27 17.23
N MET B 1232 1.53 4.00 16.65
CA MET B 1232 1.69 5.41 16.99
C MET B 1232 0.43 6.20 16.65
N ALA B 1233 -0.24 5.83 15.55
CA ALA B 1233 -1.49 6.47 15.14
C ALA B 1233 -2.70 5.91 15.87
N ILE B 1234 -2.51 5.00 16.82
CA ILE B 1234 -3.62 4.35 17.53
C ILE B 1234 -3.65 4.89 18.96
N GLY B 1235 -4.65 5.71 19.24
CA GLY B 1235 -4.88 6.23 20.58
C GLY B 1235 -6.32 6.03 21.00
#